data_6G3U
#
_entry.id   6G3U
#
_cell.length_a   126.460
_cell.length_b   149.020
_cell.length_c   201.137
_cell.angle_alpha   90.000
_cell.angle_beta   90.000
_cell.angle_gamma   90.000
#
_symmetry.space_group_name_H-M   'C 2 2 21'
#
loop_
_entity.id
_entity.type
_entity.pdbx_description
1 polymer 'Isocitrate dehydrogenase'
2 non-polymer 'NADP NICOTINAMIDE-ADENINE-DINUCLEOTIDE PHOSPHATE'
3 non-polymer '2-OXOGLUTARIC ACID'
4 water water
#
_entity_poly.entity_id   1
_entity_poly.type   'polypeptide(L)'
_entity_poly.pdbx_seq_one_letter_code
;SKITYTFTDEAPALATYSLLPIVKAFAASAGIDVETSDISLAGRILANFADRLEADQRIEDDLARLAVLATSPDANIIKL
PNISASVPQLKGAIAELQGLGYKVPDFPEDPQTDEEKEVRARYAKILGSAVNPVLREGNSDRRAPAAVKAYARKHPHSMG
KWSMASRSHADYMRGGDFFSSEQSITMAKAGDVRIEFVGKDGKVEVKKQLSLQEGEVLDSMFMSCGKLRDFFEKTLQDCK
ETGVMWSLHVKATMMKISHPIVFGHAVSVYYKDVFDKWGQLFEELGVNPNNGISSVYDKIKSLPASQQEEILHDIHEVYS
HRPEMAMVDSVKGITNLHIPSDVIVDASMPAMIRNSGQMWGKDGKQKDTKAVMPESTYARIYQEMINFCKTNGAFDPTTM
GSVPNVGLMAQKAEEYGSHDKTFEMTADGTMRVVLADGSVLMQHKVETGDIWRACQTKDAPIRDWVKLAVTRARQSDTPA
IFWLDPERAHDRELRKKVELYLKDHDLTGLDISIMGYNEAIRVSMERLIRGKDTISVTGNVLRDYLTDLFPIMELGTSAK
MLSIVPLMAGGGMYETGAGGSAPKHVQQLVEENYLRWDSLGEFLALAVSLEETGIKTGNAKAKLLGKALDEATGKLLDNN
KSPSRKVGDIDNRGSHFYLAMYWAQALAAQNEDAELKAHFAPLAKALTEQEATIVAELNAVQGKPAEIGGYYRSNPELTS
KVMRPSATFNAAIDSLA
;
_entity_poly.pdbx_strand_id   A,B
#
# COMPACT_ATOMS: atom_id res chain seq x y z
N SER A 1 -23.06 15.04 10.77
CA SER A 1 -23.86 14.30 9.83
C SER A 1 -23.95 15.07 8.53
N LYS A 2 -22.81 15.13 7.79
CA LYS A 2 -22.74 15.56 6.38
C LYS A 2 -21.52 16.32 5.85
N ILE A 3 -20.44 16.62 6.56
CA ILE A 3 -19.41 17.48 5.93
C ILE A 3 -18.03 16.82 5.80
N THR A 4 -17.57 16.67 4.56
CA THR A 4 -16.24 16.12 4.24
C THR A 4 -15.24 17.25 3.99
N TYR A 5 -14.12 17.23 4.72
CA TYR A 5 -13.08 18.26 4.64
C TYR A 5 -11.79 17.68 4.07
N THR A 6 -11.20 18.41 3.13
CA THR A 6 -10.08 17.92 2.33
C THR A 6 -8.70 18.32 2.87
N PHE A 7 -7.84 17.33 3.09
CA PHE A 7 -6.45 17.56 3.46
C PHE A 7 -5.58 17.41 2.21
N THR A 8 -4.95 18.51 1.80
CA THR A 8 -4.19 18.65 0.56
C THR A 8 -2.70 18.84 0.84
N ASP A 9 -2.01 19.61 -0.01
CA ASP A 9 -0.58 19.84 0.01
C ASP A 9 -0.19 21.27 0.42
N GLU A 10 1.07 21.41 0.81
CA GLU A 10 1.79 22.72 0.88
C GLU A 10 1.02 23.70 1.76
N ALA A 11 0.83 24.95 1.34
CA ALA A 11 0.33 25.98 2.26
C ALA A 11 -1.07 25.67 2.80
N PRO A 12 -2.09 25.36 1.98
CA PRO A 12 -3.40 25.01 2.56
C PRO A 12 -3.33 23.82 3.51
N ALA A 13 -2.36 22.92 3.34
CA ALA A 13 -2.22 21.81 4.28
C ALA A 13 -1.82 22.31 5.66
N LEU A 14 -0.86 23.26 5.73
CA LEU A 14 -0.46 23.82 7.02
C LEU A 14 -1.57 24.67 7.62
N ALA A 15 -2.33 25.38 6.79
CA ALA A 15 -3.43 26.16 7.33
C ALA A 15 -4.42 25.24 8.01
N THR A 16 -4.63 24.05 7.44
CA THR A 16 -5.64 23.13 7.92
C THR A 16 -5.29 22.57 9.31
N TYR A 17 -4.00 22.46 9.65
CA TYR A 17 -3.64 22.05 11.01
C TYR A 17 -4.20 23.02 12.07
N SER A 18 -4.07 24.33 11.83
CA SER A 18 -4.67 25.29 12.77
C SER A 18 -6.19 25.36 12.62
N LEU A 19 -6.69 25.40 11.39
CA LEU A 19 -8.10 25.75 11.22
C LEU A 19 -9.05 24.57 11.44
N LEU A 20 -8.66 23.34 11.07
CA LEU A 20 -9.62 22.25 11.14
C LEU A 20 -10.07 21.92 12.56
N PRO A 21 -9.18 21.83 13.57
CA PRO A 21 -9.66 21.63 14.96
C PRO A 21 -10.74 22.60 15.39
N ILE A 22 -10.61 23.89 15.07
CA ILE A 22 -11.65 24.86 15.40
C ILE A 22 -12.95 24.51 14.68
N VAL A 23 -12.85 24.08 13.42
CA VAL A 23 -14.07 23.76 12.65
C VAL A 23 -14.79 22.57 13.29
N LYS A 24 -14.02 21.53 13.64
CA LYS A 24 -14.64 20.33 14.20
C LYS A 24 -15.42 20.64 15.47
N ALA A 25 -14.84 21.45 16.37
CA ALA A 25 -15.50 21.80 17.62
C ALA A 25 -16.80 22.57 17.37
N PHE A 26 -16.70 23.70 16.66
CA PHE A 26 -17.89 24.49 16.38
C PHE A 26 -18.95 23.66 15.69
N ALA A 27 -18.54 22.84 14.71
CA ALA A 27 -19.52 22.05 13.96
C ALA A 27 -20.18 21.02 14.85
N ALA A 28 -19.42 20.43 15.78
CA ALA A 28 -20.00 19.42 16.68
C ALA A 28 -21.20 19.96 17.45
N SER A 29 -21.18 21.26 17.77
CA SER A 29 -22.26 21.86 18.53
C SER A 29 -23.60 21.80 17.80
N ALA A 30 -23.62 21.49 16.49
CA ALA A 30 -24.86 21.29 15.75
C ALA A 30 -25.05 19.84 15.36
N GLY A 31 -24.29 18.94 15.99
CA GLY A 31 -24.40 17.53 15.65
C GLY A 31 -23.93 17.20 14.25
N ILE A 32 -22.84 17.84 13.79
CA ILE A 32 -22.29 17.63 12.46
C ILE A 32 -20.97 16.90 12.59
N ASP A 33 -20.82 15.83 11.82
CA ASP A 33 -19.60 15.07 11.74
C ASP A 33 -18.77 15.66 10.60
N VAL A 34 -17.49 15.92 10.86
CA VAL A 34 -16.61 16.57 9.90
C VAL A 34 -15.49 15.58 9.62
N GLU A 35 -15.59 14.88 8.48
CA GLU A 35 -14.60 13.88 8.10
C GLU A 35 -13.40 14.55 7.43
N THR A 36 -12.26 13.88 7.50
CA THR A 36 -11.02 14.31 6.86
C THR A 36 -10.69 13.33 5.76
N SER A 37 -10.66 13.78 4.51
CA SER A 37 -10.29 12.90 3.42
C SER A 37 -8.95 13.36 2.88
N ASP A 38 -7.99 12.43 2.84
CA ASP A 38 -6.60 12.71 2.47
C ASP A 38 -6.44 12.57 0.96
N ILE A 39 -6.39 13.70 0.24
CA ILE A 39 -6.16 13.69 -1.20
C ILE A 39 -4.80 14.29 -1.55
N SER A 40 -3.89 14.29 -0.59
CA SER A 40 -2.58 14.87 -0.82
C SER A 40 -1.79 13.99 -1.78
N LEU A 41 -0.71 14.57 -2.34
CA LEU A 41 0.04 13.84 -3.37
C LEU A 41 0.75 12.62 -2.81
N ALA A 42 1.42 12.76 -1.65
CA ALA A 42 2.02 11.59 -1.02
C ALA A 42 0.95 10.60 -0.53
N GLY A 43 -0.17 11.10 -0.01
CA GLY A 43 -1.23 10.19 0.40
C GLY A 43 -1.79 9.36 -0.74
N ARG A 44 -1.92 9.96 -1.94
CA ARG A 44 -2.38 9.21 -3.10
C ARG A 44 -1.34 8.20 -3.58
N ILE A 45 -0.04 8.50 -3.41
CA ILE A 45 0.97 7.51 -3.78
C ILE A 45 0.86 6.26 -2.90
N LEU A 46 0.64 6.45 -1.59
CA LEU A 46 0.50 5.29 -0.70
C LEU A 46 -0.79 4.53 -1.00
N ALA A 47 -1.89 5.25 -1.24
CA ALA A 47 -3.16 4.59 -1.48
C ALA A 47 -3.13 3.68 -2.70
N ASN A 48 -2.30 3.98 -3.70
CA ASN A 48 -2.27 3.18 -4.93
C ASN A 48 -1.20 2.09 -4.88
N PHE A 49 -0.24 2.18 -3.96
CA PHE A 49 0.74 1.12 -3.75
C PHE A 49 0.52 0.31 -2.48
N ALA A 50 -0.73 0.06 -2.09
CA ALA A 50 -1.00 -0.70 -0.87
C ALA A 50 -0.25 -2.03 -0.87
N ASP A 51 -0.14 -2.66 -2.04
CA ASP A 51 0.45 -3.98 -2.21
C ASP A 51 1.94 -4.02 -1.84
N ARG A 52 2.50 -2.85 -1.54
CA ARG A 52 3.92 -2.69 -1.24
C ARG A 52 4.11 -2.14 0.18
N LEU A 53 3.05 -2.15 0.98
CA LEU A 53 3.06 -1.67 2.36
C LEU A 53 2.66 -2.79 3.31
N GLU A 54 3.25 -2.80 4.51
CA GLU A 54 2.82 -3.74 5.53
C GLU A 54 1.38 -3.43 5.90
N ALA A 55 0.58 -4.46 6.17
CA ALA A 55 -0.87 -4.25 6.36
C ALA A 55 -1.12 -3.21 7.44
N ASP A 56 -0.26 -3.16 8.46
CA ASP A 56 -0.44 -2.20 9.56
C ASP A 56 -0.26 -0.76 9.11
N GLN A 57 0.52 -0.54 8.04
CA GLN A 57 0.86 0.79 7.59
C GLN A 57 0.13 1.15 6.29
N ARG A 58 -0.92 0.40 5.94
CA ARG A 58 -1.74 0.71 4.78
C ARG A 58 -2.67 1.87 5.11
N ILE A 59 -3.10 2.55 4.06
CA ILE A 59 -4.01 3.68 4.20
C ILE A 59 -5.16 3.52 3.23
N GLU A 60 -6.22 4.26 3.50
CA GLU A 60 -7.48 4.12 2.81
C GLU A 60 -7.55 5.06 1.62
N ASP A 61 -8.15 4.59 0.53
CA ASP A 61 -8.10 5.29 -0.75
C ASP A 61 -9.16 6.38 -0.75
N ASP A 62 -8.78 7.55 -0.25
CA ASP A 62 -9.77 8.61 -0.04
C ASP A 62 -10.23 9.26 -1.34
N LEU A 63 -9.36 9.38 -2.37
CA LEU A 63 -9.83 9.91 -3.65
C LEU A 63 -10.96 9.05 -4.22
N ALA A 64 -10.81 7.73 -4.20
CA ALA A 64 -11.87 6.89 -4.73
C ALA A 64 -13.15 7.08 -3.94
N ARG A 65 -13.04 7.16 -2.60
CA ARG A 65 -14.25 7.38 -1.79
C ARG A 65 -14.86 8.75 -2.08
N LEU A 66 -14.03 9.80 -2.17
CA LEU A 66 -14.51 11.14 -2.51
C LEU A 66 -15.11 11.18 -3.91
N ALA A 67 -14.59 10.36 -4.83
CA ALA A 67 -15.15 10.33 -6.19
C ALA A 67 -16.54 9.72 -6.22
N VAL A 68 -16.82 8.75 -5.35
CA VAL A 68 -18.15 8.17 -5.27
C VAL A 68 -19.11 9.10 -4.53
N LEU A 69 -18.62 9.75 -3.47
CA LEU A 69 -19.43 10.69 -2.70
C LEU A 69 -19.95 11.82 -3.56
N ALA A 70 -19.14 12.24 -4.54
CA ALA A 70 -19.54 13.31 -5.44
C ALA A 70 -20.73 12.93 -6.32
N THR A 71 -20.96 11.63 -6.53
CA THR A 71 -22.11 11.16 -7.31
C THR A 71 -23.35 10.93 -6.47
N SER A 72 -23.22 10.89 -5.17
CA SER A 72 -24.37 10.76 -4.28
C SER A 72 -25.07 12.12 -4.14
N PRO A 73 -26.39 12.11 -3.91
CA PRO A 73 -27.10 13.38 -3.67
C PRO A 73 -26.94 13.94 -2.27
N ASP A 74 -26.11 13.33 -1.42
CA ASP A 74 -25.89 13.80 -0.06
C ASP A 74 -24.55 14.49 0.11
N ALA A 75 -23.85 14.74 -0.99
CA ALA A 75 -22.47 15.21 -0.89
C ALA A 75 -22.40 16.63 -0.38
N ASN A 76 -21.42 16.85 0.47
CA ASN A 76 -21.13 18.18 0.99
C ASN A 76 -19.63 18.16 1.26
N ILE A 77 -18.86 18.64 0.28
CA ILE A 77 -17.41 18.58 0.29
C ILE A 77 -16.89 20.00 0.37
N ILE A 78 -15.81 20.17 1.11
CA ILE A 78 -15.05 21.42 1.16
C ILE A 78 -13.68 21.08 0.57
N LYS A 79 -13.41 21.64 -0.61
CA LYS A 79 -12.30 21.23 -1.45
C LYS A 79 -11.26 22.36 -1.47
N LEU A 80 -10.12 22.09 -0.92
CA LEU A 80 -9.03 23.04 -0.85
C LEU A 80 -8.05 22.73 -1.96
N PRO A 81 -7.22 23.70 -2.38
CA PRO A 81 -6.37 23.47 -3.56
C PRO A 81 -5.33 22.40 -3.29
N ASN A 82 -5.00 21.64 -4.33
CA ASN A 82 -4.05 20.54 -4.22
C ASN A 82 -3.17 20.46 -5.47
N ILE A 83 -2.02 19.78 -5.31
CA ILE A 83 -1.00 19.69 -6.37
C ILE A 83 -1.49 18.88 -7.57
N SER A 84 -1.11 19.31 -8.77
CA SER A 84 -1.24 18.56 -10.02
C SER A 84 0.23 18.33 -10.41
N ALA A 85 0.78 17.18 -10.06
CA ALA A 85 2.22 17.04 -10.02
C ALA A 85 2.86 16.86 -11.39
N SER A 86 4.01 17.50 -11.58
CA SER A 86 4.87 17.16 -12.69
C SER A 86 5.72 15.95 -12.32
N VAL A 87 6.48 15.46 -13.29
CA VAL A 87 7.35 14.31 -13.03
C VAL A 87 8.41 14.68 -11.99
N PRO A 88 9.06 15.85 -12.05
CA PRO A 88 10.02 16.12 -10.97
C PRO A 88 9.37 16.10 -9.61
N GLN A 89 8.15 16.62 -9.48
CA GLN A 89 7.51 16.63 -8.17
C GLN A 89 7.14 15.22 -7.69
N LEU A 90 6.62 14.39 -8.60
CA LEU A 90 6.38 13.01 -8.24
C LEU A 90 7.66 12.32 -7.78
N LYS A 91 8.76 12.55 -8.50
CA LYS A 91 10.04 11.97 -8.09
C LYS A 91 10.44 12.43 -6.69
N GLY A 92 10.16 13.68 -6.34
CA GLY A 92 10.44 14.12 -4.99
C GLY A 92 9.52 13.52 -3.95
N ALA A 93 8.26 13.26 -4.31
CA ALA A 93 7.36 12.63 -3.34
C ALA A 93 7.78 11.18 -3.07
N ILE A 94 8.09 10.43 -4.12
CA ILE A 94 8.52 9.04 -3.98
C ILE A 94 9.75 8.96 -3.11
N ALA A 95 10.70 9.88 -3.32
CA ALA A 95 11.97 9.84 -2.61
C ALA A 95 11.79 10.15 -1.13
N GLU A 96 10.79 10.96 -0.78
CA GLU A 96 10.55 11.23 0.64
C GLU A 96 9.85 10.05 1.31
N LEU A 97 8.86 9.46 0.65
CA LEU A 97 8.20 8.28 1.22
C LEU A 97 9.17 7.11 1.38
N GLN A 98 10.07 6.92 0.41
CA GLN A 98 11.08 5.88 0.49
C GLN A 98 12.00 6.08 1.70
N GLY A 99 12.42 7.31 1.95
CA GLY A 99 13.25 7.56 3.12
C GLY A 99 12.54 7.45 4.44
N LEU A 100 11.24 7.16 4.43
CA LEU A 100 10.47 6.91 5.64
C LEU A 100 10.23 5.43 5.87
N GLY A 101 10.60 4.60 4.90
CA GLY A 101 10.44 3.16 5.01
C GLY A 101 9.47 2.54 4.04
N TYR A 102 8.68 3.33 3.30
CA TYR A 102 7.74 2.74 2.36
C TYR A 102 8.48 2.32 1.10
N LYS A 103 8.32 1.07 0.69
CA LYS A 103 9.08 0.60 -0.47
C LYS A 103 8.18 0.74 -1.68
N VAL A 104 8.05 1.99 -2.12
CA VAL A 104 7.27 2.34 -3.29
C VAL A 104 8.24 2.40 -4.47
N PRO A 105 7.84 1.95 -5.65
CA PRO A 105 8.79 1.83 -6.75
C PRO A 105 9.23 3.18 -7.30
N ASP A 106 10.47 3.23 -7.78
CA ASP A 106 10.99 4.43 -8.41
C ASP A 106 10.15 4.77 -9.64
N PHE A 107 10.20 6.05 -10.06
CA PHE A 107 9.50 6.36 -11.30
C PHE A 107 10.35 5.91 -12.48
N PRO A 108 9.80 5.10 -13.39
CA PRO A 108 10.59 4.62 -14.55
C PRO A 108 10.52 5.57 -15.72
N GLU A 109 11.56 6.39 -15.88
CA GLU A 109 11.57 7.36 -16.97
C GLU A 109 11.72 6.69 -18.35
N ASP A 110 12.46 5.59 -18.43
CA ASP A 110 12.47 4.75 -19.64
C ASP A 110 12.09 3.33 -19.25
N PRO A 111 10.90 2.86 -19.59
CA PRO A 111 10.48 1.48 -19.25
C PRO A 111 10.75 0.47 -20.36
N GLN A 112 11.67 -0.47 -20.17
CA GLN A 112 11.92 -1.46 -21.22
C GLN A 112 11.10 -2.74 -21.07
N THR A 113 11.01 -3.31 -19.87
CA THR A 113 10.28 -4.56 -19.67
C THR A 113 8.79 -4.30 -19.40
N ASP A 114 7.99 -5.36 -19.50
CA ASP A 114 6.55 -5.21 -19.35
C ASP A 114 6.20 -4.84 -17.91
N GLU A 115 7.02 -5.29 -16.97
CA GLU A 115 6.82 -4.97 -15.56
C GLU A 115 7.22 -3.53 -15.27
N GLU A 116 8.16 -2.99 -16.05
CA GLU A 116 8.47 -1.57 -15.96
C GLU A 116 7.34 -0.74 -16.54
N LYS A 117 6.67 -1.24 -17.57
CA LYS A 117 5.64 -0.44 -18.21
C LYS A 117 4.39 -0.35 -17.35
N GLU A 118 4.15 -1.35 -16.49
CA GLU A 118 2.98 -1.33 -15.63
C GLU A 118 3.16 -0.41 -14.42
N VAL A 119 4.38 -0.31 -13.90
CA VAL A 119 4.63 0.69 -12.85
C VAL A 119 4.48 2.09 -13.42
N ARG A 120 4.98 2.32 -14.65
CA ARG A 120 4.80 3.59 -15.32
C ARG A 120 3.33 3.94 -15.43
N ALA A 121 2.52 2.99 -15.91
CA ALA A 121 1.10 3.23 -16.10
C ALA A 121 0.38 3.50 -14.77
N ARG A 122 0.80 2.82 -13.70
CA ARG A 122 0.21 3.10 -12.41
C ARG A 122 0.52 4.52 -11.99
N TYR A 123 1.78 4.95 -12.16
CA TYR A 123 2.15 6.32 -11.82
C TYR A 123 1.47 7.35 -12.73
N ALA A 124 1.23 7.00 -14.00
CA ALA A 124 0.60 7.94 -14.92
C ALA A 124 -0.76 8.40 -14.40
N LYS A 125 -1.50 7.48 -13.76
CA LYS A 125 -2.81 7.83 -13.20
C LYS A 125 -2.71 8.84 -12.04
N ILE A 126 -1.56 8.88 -11.36
CA ILE A 126 -1.36 9.79 -10.25
C ILE A 126 -0.86 11.16 -10.69
N LEU A 127 -0.26 11.26 -11.87
CA LEU A 127 0.33 12.50 -12.36
C LEU A 127 -0.77 13.44 -12.83
N GLY A 128 -0.44 14.72 -12.93
CA GLY A 128 -1.38 15.72 -13.44
C GLY A 128 -2.57 15.99 -12.53
N SER A 129 -3.66 16.44 -13.15
CA SER A 129 -4.84 16.73 -12.36
C SER A 129 -5.66 15.46 -12.27
N ALA A 130 -5.34 14.68 -11.24
CA ALA A 130 -6.04 13.44 -10.97
C ALA A 130 -7.25 13.65 -10.05
N VAL A 131 -7.34 14.80 -9.37
CA VAL A 131 -8.37 15.02 -8.37
C VAL A 131 -9.56 15.78 -8.96
N ASN A 132 -9.31 16.98 -9.48
CA ASN A 132 -10.42 17.85 -9.89
C ASN A 132 -11.31 17.26 -10.98
N PRO A 133 -10.80 16.62 -12.04
CA PRO A 133 -11.73 16.06 -13.04
C PRO A 133 -12.62 14.97 -12.48
N VAL A 134 -12.18 14.30 -11.41
CA VAL A 134 -12.94 13.23 -10.77
C VAL A 134 -13.97 13.80 -9.81
N LEU A 135 -13.71 14.96 -9.21
CA LEU A 135 -14.65 15.61 -8.28
C LEU A 135 -15.65 16.53 -8.96
N ARG A 136 -15.30 17.17 -10.07
CA ARG A 136 -16.13 18.23 -10.65
C ARG A 136 -17.25 17.63 -11.49
N GLU A 137 -18.36 17.29 -10.86
CA GLU A 137 -19.52 16.70 -11.54
C GLU A 137 -20.69 17.66 -11.49
N GLY A 138 -20.39 18.95 -11.61
CA GLY A 138 -21.36 19.99 -11.89
C GLY A 138 -20.54 21.12 -12.46
N ASN A 139 -21.21 22.18 -12.84
CA ASN A 139 -20.45 23.26 -13.42
C ASN A 139 -20.03 24.24 -12.31
N SER A 140 -19.35 25.33 -12.69
CA SER A 140 -18.68 26.21 -11.75
C SER A 140 -19.35 27.58 -11.71
N ASP A 141 -19.65 28.05 -10.50
CA ASP A 141 -20.18 29.38 -10.22
C ASP A 141 -19.16 30.09 -9.33
N ARG A 142 -18.42 31.04 -9.91
CA ARG A 142 -17.31 31.66 -9.21
C ARG A 142 -17.49 33.17 -9.28
N ARG A 143 -17.48 33.81 -8.11
CA ARG A 143 -17.76 35.24 -8.04
C ARG A 143 -17.27 35.80 -6.73
N ALA A 144 -16.95 37.11 -6.75
CA ALA A 144 -16.53 37.80 -5.53
C ALA A 144 -17.76 38.27 -4.74
N PRO A 145 -17.90 37.86 -3.49
CA PRO A 145 -18.98 38.36 -2.64
C PRO A 145 -18.85 39.87 -2.34
N ALA A 146 -20.01 40.54 -2.26
CA ALA A 146 -20.06 41.99 -2.07
C ALA A 146 -19.18 42.46 -0.91
N ALA A 147 -19.19 41.73 0.21
CA ALA A 147 -18.41 42.14 1.37
C ALA A 147 -16.92 42.11 1.05
N VAL A 148 -16.49 41.15 0.23
CA VAL A 148 -15.07 41.04 -0.12
C VAL A 148 -14.67 42.22 -1.01
N LYS A 149 -15.52 42.59 -1.96
CA LYS A 149 -15.24 43.77 -2.77
C LYS A 149 -15.17 45.01 -1.90
N ALA A 150 -16.16 45.18 -1.01
CA ALA A 150 -16.14 46.32 -0.11
C ALA A 150 -14.83 46.38 0.64
N TYR A 151 -14.31 45.23 1.08
CA TYR A 151 -13.01 45.26 1.77
C TYR A 151 -11.92 45.78 0.85
N ALA A 152 -11.88 45.30 -0.39
CA ALA A 152 -10.83 45.66 -1.32
C ALA A 152 -10.82 47.15 -1.62
N ARG A 153 -12.00 47.78 -1.68
CA ARG A 153 -12.07 49.21 -1.97
C ARG A 153 -11.50 50.05 -0.82
N LYS A 154 -11.74 49.63 0.43
CA LYS A 154 -11.19 50.36 1.58
C LYS A 154 -9.69 50.11 1.77
N HIS A 155 -9.20 48.93 1.40
CA HIS A 155 -7.80 48.54 1.60
C HIS A 155 -7.23 48.06 0.26
N PRO A 156 -6.93 48.99 -0.64
CA PRO A 156 -6.48 48.58 -1.97
C PRO A 156 -5.11 47.91 -1.91
N HIS A 157 -4.98 46.82 -2.66
CA HIS A 157 -3.69 46.16 -2.82
C HIS A 157 -2.85 46.94 -3.84
N SER A 158 -1.54 46.75 -3.79
CA SER A 158 -0.69 47.47 -4.73
C SER A 158 -0.92 46.99 -6.16
N MET A 159 -0.81 47.93 -7.12
CA MET A 159 -0.97 47.68 -8.56
C MET A 159 0.13 48.45 -9.29
N GLY A 160 0.97 47.78 -10.07
CA GLY A 160 2.04 48.48 -10.75
C GLY A 160 1.53 49.47 -11.79
N LYS A 161 2.22 50.58 -11.87
CA LYS A 161 1.89 51.61 -12.81
C LYS A 161 2.30 51.17 -14.23
N TRP A 162 1.44 51.43 -15.23
CA TRP A 162 1.65 50.99 -16.61
C TRP A 162 2.08 52.19 -17.43
N SER A 163 3.10 52.01 -18.24
CA SER A 163 3.55 53.06 -19.15
C SER A 163 2.98 52.82 -20.55
N MET A 164 2.53 53.90 -21.20
CA MET A 164 2.14 53.78 -22.60
C MET A 164 3.31 53.34 -23.48
N ALA A 165 4.55 53.46 -23.00
CA ALA A 165 5.72 53.09 -23.77
C ALA A 165 6.24 51.69 -23.45
N SER A 166 5.52 50.92 -22.64
CA SER A 166 5.90 49.55 -22.33
C SER A 166 6.12 48.71 -23.59
N ARG A 167 7.13 47.83 -23.55
CA ARG A 167 7.36 46.91 -24.65
C ARG A 167 6.89 45.51 -24.39
N SER A 168 6.23 45.26 -23.27
CA SER A 168 5.75 43.91 -22.97
C SER A 168 4.67 43.46 -23.95
N HIS A 169 4.60 42.16 -24.19
CA HIS A 169 3.57 41.64 -25.09
C HIS A 169 3.50 40.14 -24.93
N ALA A 170 2.42 39.57 -25.42
CA ALA A 170 2.25 38.13 -25.53
C ALA A 170 2.48 37.73 -26.97
N ASP A 171 3.23 36.64 -27.18
CA ASP A 171 3.50 36.11 -28.52
C ASP A 171 3.01 34.67 -28.60
N TYR A 172 2.44 34.30 -29.76
CA TYR A 172 1.83 32.99 -29.96
C TYR A 172 1.91 32.64 -31.44
N MET A 173 1.73 31.36 -31.76
CA MET A 173 1.94 30.86 -33.12
C MET A 173 0.87 31.36 -34.08
N ARG A 174 1.26 31.66 -35.31
CA ARG A 174 0.38 32.05 -36.40
C ARG A 174 0.49 30.94 -37.43
N GLY A 175 -0.37 29.94 -37.31
CA GLY A 175 -0.28 28.74 -38.10
C GLY A 175 0.44 27.63 -37.34
N GLY A 176 0.00 26.39 -37.49
CA GLY A 176 0.75 25.27 -36.99
C GLY A 176 0.44 24.82 -35.58
N ASP A 177 -0.64 25.32 -34.97
CA ASP A 177 -1.05 24.89 -33.63
C ASP A 177 -2.46 24.31 -33.68
N PHE A 178 -3.01 24.01 -32.50
CA PHE A 178 -4.34 23.43 -32.46
C PHE A 178 -5.35 24.34 -33.14
N PHE A 179 -5.33 25.64 -32.80
CA PHE A 179 -6.26 26.59 -33.41
C PHE A 179 -6.32 26.46 -34.92
N SER A 180 -5.17 26.24 -35.57
CA SER A 180 -5.11 26.16 -37.03
C SER A 180 -5.88 24.96 -37.60
N SER A 181 -5.87 23.83 -36.91
CA SER A 181 -6.34 22.58 -37.49
C SER A 181 -7.61 22.04 -36.85
N GLU A 182 -8.22 22.79 -35.93
CA GLU A 182 -9.33 22.24 -35.16
C GLU A 182 -10.50 21.86 -36.06
N GLN A 183 -11.06 20.67 -35.84
CA GLN A 183 -12.33 20.21 -36.41
C GLN A 183 -13.21 19.68 -35.28
N SER A 184 -14.52 19.62 -35.53
CA SER A 184 -15.47 19.22 -34.49
C SER A 184 -16.77 18.69 -35.09
N ILE A 185 -17.36 17.66 -34.47
CA ILE A 185 -18.65 17.12 -34.89
C ILE A 185 -19.57 16.92 -33.68
N THR A 186 -20.87 16.90 -33.95
CA THR A 186 -21.89 16.55 -32.97
C THR A 186 -22.61 15.29 -33.42
N MET A 187 -22.62 14.26 -32.56
CA MET A 187 -23.25 12.99 -32.89
C MET A 187 -24.77 13.15 -32.94
N ALA A 188 -25.37 12.70 -34.05
CA ALA A 188 -26.83 12.76 -34.19
C ALA A 188 -27.50 11.69 -33.33
N LYS A 189 -26.84 10.53 -33.20
CA LYS A 189 -27.32 9.40 -32.44
C LYS A 189 -26.11 8.74 -31.78
N ALA A 190 -26.37 8.00 -30.70
CA ALA A 190 -25.30 7.24 -30.06
C ALA A 190 -24.58 6.41 -31.12
N GLY A 191 -23.34 6.00 -30.82
CA GLY A 191 -22.60 5.21 -31.77
C GLY A 191 -21.15 5.05 -31.41
N ASP A 192 -20.47 4.09 -32.03
CA ASP A 192 -19.05 3.90 -31.83
C ASP A 192 -18.27 4.70 -32.87
N VAL A 193 -17.00 4.96 -32.54
CA VAL A 193 -16.12 5.74 -33.39
C VAL A 193 -14.72 5.17 -33.24
N ARG A 194 -13.91 5.33 -34.29
CA ARG A 194 -12.55 4.80 -34.27
C ARG A 194 -11.56 5.91 -34.60
N ILE A 195 -10.45 5.93 -33.89
CA ILE A 195 -9.38 6.88 -34.11
C ILE A 195 -8.28 6.13 -34.85
N GLU A 196 -8.09 6.45 -36.13
CA GLU A 196 -7.25 5.66 -37.02
C GLU A 196 -6.03 6.44 -37.48
N PHE A 197 -4.97 5.70 -37.80
CA PHE A 197 -3.79 6.26 -38.42
C PHE A 197 -3.47 5.52 -39.72
N VAL A 198 -3.33 6.26 -40.82
CA VAL A 198 -2.94 5.69 -42.09
C VAL A 198 -1.64 6.39 -42.53
N GLY A 199 -0.54 5.63 -42.58
CA GLY A 199 0.75 6.18 -42.96
C GLY A 199 0.94 6.38 -44.47
N LYS A 200 2.12 6.88 -44.82
CA LYS A 200 2.39 7.18 -46.23
C LYS A 200 2.63 5.90 -47.01
N ASP A 201 3.38 4.97 -46.42
CA ASP A 201 3.57 3.66 -47.03
C ASP A 201 2.29 2.85 -47.02
N GLY A 202 1.32 3.22 -46.17
CA GLY A 202 0.00 2.60 -46.13
C GLY A 202 -0.34 1.82 -44.88
N LYS A 203 0.57 1.74 -43.89
CA LYS A 203 0.34 0.95 -42.69
C LYS A 203 -0.72 1.56 -41.81
N VAL A 204 -1.62 0.73 -41.28
CA VAL A 204 -2.76 1.16 -40.49
C VAL A 204 -2.58 0.73 -39.03
N GLU A 205 -2.85 1.65 -38.11
CA GLU A 205 -2.89 1.37 -36.68
C GLU A 205 -4.18 1.94 -36.14
N VAL A 206 -5.02 1.11 -35.53
CA VAL A 206 -6.26 1.56 -34.91
C VAL A 206 -5.89 1.98 -33.49
N LYS A 207 -5.82 3.30 -33.25
CA LYS A 207 -5.30 3.86 -32.00
C LYS A 207 -6.25 3.67 -30.82
N LYS A 208 -7.54 3.90 -31.03
CA LYS A 208 -8.49 3.80 -29.94
C LYS A 208 -9.88 3.69 -30.51
N GLN A 209 -10.76 3.07 -29.74
CA GLN A 209 -12.18 3.06 -30.06
C GLN A 209 -12.92 3.70 -28.90
N LEU A 210 -14.07 4.27 -29.18
CA LEU A 210 -14.78 5.08 -28.20
C LEU A 210 -16.27 4.88 -28.41
N SER A 211 -17.03 4.98 -27.32
CA SER A 211 -18.47 5.02 -27.41
C SER A 211 -18.92 6.40 -26.97
N LEU A 212 -19.78 7.03 -27.75
CA LEU A 212 -20.22 8.39 -27.50
C LEU A 212 -21.74 8.44 -27.43
N GLN A 213 -22.24 9.30 -26.53
CA GLN A 213 -23.67 9.43 -26.38
C GLN A 213 -24.26 10.16 -27.58
N GLU A 214 -25.58 10.31 -27.56
CA GLU A 214 -26.30 10.87 -28.68
C GLU A 214 -25.79 12.29 -28.92
N GLY A 215 -26.10 13.24 -28.05
CA GLY A 215 -25.75 14.58 -28.45
C GLY A 215 -24.32 15.01 -28.19
N GLU A 216 -23.37 14.08 -28.30
CA GLU A 216 -22.01 14.33 -27.82
C GLU A 216 -21.20 15.11 -28.84
N VAL A 217 -20.41 16.08 -28.36
CA VAL A 217 -19.52 16.89 -29.18
C VAL A 217 -18.13 16.28 -29.11
N LEU A 218 -17.49 16.12 -30.27
CA LEU A 218 -16.15 15.53 -30.37
C LEU A 218 -15.30 16.36 -31.31
N ASP A 219 -14.07 16.71 -30.88
CA ASP A 219 -13.17 17.58 -31.64
C ASP A 219 -11.88 16.85 -31.93
N SER A 220 -11.10 17.45 -32.82
CA SER A 220 -9.88 16.86 -33.35
C SER A 220 -8.90 17.96 -33.77
N MET A 221 -7.61 17.76 -33.50
CA MET A 221 -6.62 18.81 -33.80
C MET A 221 -5.19 18.27 -33.70
N PHE A 222 -4.26 19.03 -34.28
CA PHE A 222 -2.85 18.68 -34.14
C PHE A 222 -2.01 19.93 -34.15
N MET A 223 -0.78 19.82 -33.64
CA MET A 223 0.22 20.87 -33.65
C MET A 223 1.46 20.38 -34.39
N SER A 224 2.00 21.20 -35.27
CA SER A 224 3.20 20.85 -36.01
C SER A 224 4.43 21.11 -35.15
N CYS A 225 5.14 20.07 -34.77
CA CYS A 225 6.34 20.28 -33.97
C CYS A 225 7.45 20.97 -34.77
N GLY A 226 7.45 20.79 -36.09
CA GLY A 226 8.40 21.53 -36.91
C GLY A 226 8.17 23.02 -36.80
N LYS A 227 6.92 23.45 -37.00
CA LYS A 227 6.62 24.88 -36.86
C LYS A 227 6.79 25.38 -35.44
N LEU A 228 6.60 24.51 -34.43
CA LEU A 228 6.81 24.93 -33.04
C LEU A 228 8.26 25.28 -32.80
N ARG A 229 9.17 24.38 -33.18
CA ARG A 229 10.59 24.66 -32.98
C ARG A 229 11.01 25.90 -33.76
N ASP A 230 10.49 26.03 -35.00
CA ASP A 230 10.66 27.23 -35.79
C ASP A 230 10.18 28.47 -35.04
N PHE A 231 8.95 28.41 -34.49
CA PHE A 231 8.44 29.52 -33.72
C PHE A 231 9.37 29.90 -32.58
N PHE A 232 9.81 28.90 -31.79
CA PHE A 232 10.70 29.19 -30.65
C PHE A 232 11.94 29.94 -31.09
N GLU A 233 12.56 29.52 -32.20
CA GLU A 233 13.75 30.20 -32.66
C GLU A 233 13.44 31.66 -33.01
N LYS A 234 12.29 31.92 -33.63
CA LYS A 234 11.94 33.30 -33.95
C LYS A 234 11.69 34.14 -32.70
N THR A 235 11.01 33.59 -31.68
CA THR A 235 10.77 34.42 -30.49
C THR A 235 12.06 34.75 -29.79
N LEU A 236 13.04 33.84 -29.84
CA LEU A 236 14.33 34.08 -29.18
C LEU A 236 15.13 35.14 -29.92
N GLN A 237 15.15 35.05 -31.25
CA GLN A 237 15.85 36.02 -32.06
C GLN A 237 15.29 37.42 -31.85
N ASP A 238 13.96 37.54 -31.80
CA ASP A 238 13.30 38.81 -31.63
C ASP A 238 13.63 39.44 -30.29
N CYS A 239 13.62 38.64 -29.24
CA CYS A 239 14.04 39.14 -27.93
C CYS A 239 15.48 39.61 -27.98
N LYS A 240 16.34 38.90 -28.71
CA LYS A 240 17.76 39.29 -28.74
C LYS A 240 17.93 40.64 -29.42
N GLU A 241 17.27 40.85 -30.58
CA GLU A 241 17.31 42.14 -31.27
C GLU A 241 16.72 43.27 -30.42
N THR A 242 15.63 43.01 -29.71
CA THR A 242 14.87 44.13 -29.15
C THR A 242 15.28 44.49 -27.75
N GLY A 243 16.01 43.60 -27.06
CA GLY A 243 16.41 43.80 -25.68
C GLY A 243 15.37 43.47 -24.64
N VAL A 244 14.27 42.82 -25.00
CA VAL A 244 13.25 42.49 -24.02
C VAL A 244 13.40 41.02 -23.61
N MET A 245 13.15 40.74 -22.33
CA MET A 245 13.37 39.43 -21.73
C MET A 245 12.37 38.39 -22.23
N TRP A 246 12.85 37.15 -22.40
CA TRP A 246 12.07 36.00 -22.87
C TRP A 246 11.44 35.27 -21.69
N SER A 247 10.22 34.77 -21.87
CA SER A 247 9.59 33.95 -20.86
C SER A 247 8.63 32.95 -21.52
N LEU A 248 8.32 31.87 -20.79
CA LEU A 248 7.47 30.78 -21.27
C LEU A 248 6.32 30.56 -20.29
N HIS A 249 5.08 30.51 -20.80
CA HIS A 249 3.89 30.38 -19.97
C HIS A 249 2.96 29.27 -20.50
N VAL A 250 3.14 28.04 -19.99
CA VAL A 250 2.25 26.94 -20.39
C VAL A 250 1.61 26.29 -19.15
N LYS A 251 0.85 25.22 -19.36
CA LYS A 251 0.25 24.46 -18.26
C LYS A 251 0.71 23.00 -18.34
N ALA A 252 1.99 22.79 -18.06
CA ALA A 252 2.60 21.46 -18.08
C ALA A 252 2.05 20.55 -17.01
N THR A 253 1.43 21.09 -15.97
CA THR A 253 0.83 20.27 -14.91
C THR A 253 -0.42 19.55 -15.42
N MET A 254 -1.46 20.31 -15.77
CA MET A 254 -2.73 19.71 -16.12
C MET A 254 -2.68 19.03 -17.47
N MET A 255 -1.99 19.66 -18.42
CA MET A 255 -1.89 19.07 -19.76
C MET A 255 -0.75 18.07 -19.71
N LYS A 256 -1.10 16.87 -19.23
CA LYS A 256 -0.15 15.84 -18.82
C LYS A 256 0.79 15.40 -19.94
N ILE A 257 0.29 15.33 -21.17
CA ILE A 257 1.00 14.71 -22.28
C ILE A 257 1.59 15.77 -23.21
N SER A 258 0.74 16.67 -23.70
CA SER A 258 1.13 17.61 -24.75
C SER A 258 2.14 18.65 -24.26
N HIS A 259 1.84 19.33 -23.16
CA HIS A 259 2.65 20.49 -22.77
C HIS A 259 4.06 20.16 -22.28
N PRO A 260 4.32 18.97 -21.70
CA PRO A 260 5.73 18.59 -21.51
C PRO A 260 6.48 18.45 -22.83
N ILE A 261 5.84 17.93 -23.88
CA ILE A 261 6.53 17.94 -25.17
C ILE A 261 6.87 19.37 -25.56
N VAL A 262 5.90 20.28 -25.42
CA VAL A 262 6.17 21.69 -25.72
C VAL A 262 7.28 22.19 -24.83
N PHE A 263 7.16 21.95 -23.52
CA PHE A 263 8.18 22.42 -22.60
C PHE A 263 9.56 21.87 -22.97
N GLY A 264 9.62 20.58 -23.30
CA GLY A 264 10.90 19.98 -23.67
C GLY A 264 11.47 20.51 -24.98
N HIS A 265 10.61 20.80 -25.97
CA HIS A 265 11.10 21.42 -27.20
C HIS A 265 11.64 22.81 -26.94
N ALA A 266 11.03 23.56 -26.00
CA ALA A 266 11.57 24.87 -25.66
C ALA A 266 12.99 24.75 -25.09
N VAL A 267 13.21 23.74 -24.23
CA VAL A 267 14.54 23.46 -23.68
C VAL A 267 15.55 23.08 -24.77
N SER A 268 15.18 22.11 -25.62
CA SER A 268 16.06 21.67 -26.70
C SER A 268 16.47 22.86 -27.57
N VAL A 269 15.50 23.71 -27.93
CA VAL A 269 15.80 24.85 -28.79
C VAL A 269 16.66 25.87 -28.04
N TYR A 270 16.28 26.20 -26.81
CA TYR A 270 17.01 27.24 -26.09
C TYR A 270 18.47 26.84 -25.87
N TYR A 271 18.69 25.66 -25.29
CA TYR A 271 20.06 25.16 -25.10
C TYR A 271 20.52 24.31 -26.29
N LYS A 272 20.11 24.67 -27.50
CA LYS A 272 20.40 23.87 -28.68
C LYS A 272 21.89 23.64 -28.86
N ASP A 273 22.72 24.63 -28.55
CA ASP A 273 24.16 24.46 -28.73
C ASP A 273 24.72 23.38 -27.82
N VAL A 274 24.15 23.22 -26.62
CA VAL A 274 24.58 22.15 -25.73
C VAL A 274 24.05 20.81 -26.21
N PHE A 275 22.76 20.74 -26.53
CA PHE A 275 22.19 19.48 -26.97
C PHE A 275 22.76 19.01 -28.30
N ASP A 276 23.30 19.92 -29.12
CA ASP A 276 23.90 19.52 -30.39
C ASP A 276 25.26 18.86 -30.21
N LYS A 277 26.07 19.40 -29.31
CA LYS A 277 27.41 18.87 -29.08
C LYS A 277 27.38 17.56 -28.28
N TRP A 278 26.58 17.53 -27.20
CA TRP A 278 26.55 16.41 -26.26
C TRP A 278 25.33 15.50 -26.47
N GLY A 279 24.80 15.42 -27.68
CA GLY A 279 23.58 14.65 -27.89
C GLY A 279 23.70 13.20 -27.46
N GLN A 280 24.78 12.52 -27.90
CA GLN A 280 24.93 11.10 -27.62
C GLN A 280 25.16 10.82 -26.13
N LEU A 281 26.07 11.56 -25.47
CA LEU A 281 26.27 11.32 -24.03
C LEU A 281 24.97 11.55 -23.25
N PHE A 282 24.19 12.54 -23.66
CA PHE A 282 22.92 12.81 -22.98
C PHE A 282 21.94 11.68 -23.18
N GLU A 283 21.81 11.16 -24.41
CA GLU A 283 20.91 10.04 -24.61
C GLU A 283 21.37 8.82 -23.83
N GLU A 284 22.68 8.64 -23.70
CA GLU A 284 23.22 7.55 -22.89
C GLU A 284 22.77 7.67 -21.46
N LEU A 285 22.93 8.85 -20.87
CA LEU A 285 22.61 9.06 -19.48
C LEU A 285 21.12 9.14 -19.24
N GLY A 286 20.32 9.24 -20.30
CA GLY A 286 18.88 9.27 -20.12
C GLY A 286 18.30 10.63 -19.82
N VAL A 287 18.99 11.73 -20.15
CA VAL A 287 18.45 13.05 -19.84
C VAL A 287 17.22 13.29 -20.71
N ASN A 288 16.17 13.81 -20.07
CA ASN A 288 14.90 14.09 -20.70
C ASN A 288 14.64 15.59 -20.62
N PRO A 289 14.73 16.32 -21.74
CA PRO A 289 14.48 17.78 -21.68
C PRO A 289 13.05 18.15 -21.26
N ASN A 290 12.07 17.25 -21.41
CA ASN A 290 10.68 17.45 -20.97
C ASN A 290 10.54 17.65 -19.46
N ASN A 291 11.60 17.41 -18.67
CA ASN A 291 11.60 17.70 -17.23
C ASN A 291 12.30 19.02 -16.93
N GLY A 292 12.71 19.76 -17.95
CA GLY A 292 13.43 20.99 -17.74
C GLY A 292 14.94 20.84 -17.88
N ILE A 293 15.63 21.97 -17.78
CA ILE A 293 17.08 21.95 -17.78
C ILE A 293 17.62 21.32 -16.51
N SER A 294 16.78 21.20 -15.48
CA SER A 294 17.18 20.49 -14.27
C SER A 294 17.60 19.05 -14.56
N SER A 295 16.98 18.43 -15.56
CA SER A 295 17.35 17.06 -15.93
C SER A 295 18.84 16.94 -16.23
N VAL A 296 19.38 17.87 -17.03
CA VAL A 296 20.82 17.91 -17.30
C VAL A 296 21.60 18.17 -16.02
N TYR A 297 21.16 19.13 -15.21
CA TYR A 297 21.89 19.44 -13.98
C TYR A 297 21.99 18.23 -13.09
N ASP A 298 20.94 17.39 -13.07
CA ASP A 298 20.93 16.21 -12.22
C ASP A 298 21.85 15.11 -12.75
N LYS A 299 21.61 14.65 -13.98
CA LYS A 299 22.25 13.44 -14.46
C LYS A 299 23.75 13.56 -14.74
N ILE A 300 24.29 14.78 -14.89
CA ILE A 300 25.74 14.91 -15.06
C ILE A 300 26.50 14.71 -13.77
N LYS A 301 25.79 14.50 -12.64
CA LYS A 301 26.46 14.31 -11.36
C LYS A 301 27.29 13.04 -11.33
N SER A 302 26.85 12.00 -12.05
CA SER A 302 27.54 10.72 -12.14
C SER A 302 28.78 10.77 -13.04
N LEU A 303 29.13 11.93 -13.60
CA LEU A 303 30.25 12.07 -14.52
C LEU A 303 31.45 12.65 -13.80
N PRO A 304 32.65 12.53 -14.40
CA PRO A 304 33.85 13.08 -13.75
C PRO A 304 33.94 14.60 -13.85
N ALA A 305 34.44 15.20 -12.76
CA ALA A 305 34.50 16.65 -12.62
C ALA A 305 35.10 17.35 -13.84
N SER A 306 36.10 16.71 -14.48
CA SER A 306 36.68 17.31 -15.68
C SER A 306 35.62 17.55 -16.74
N GLN A 307 34.75 16.57 -16.96
CA GLN A 307 33.82 16.60 -18.08
C GLN A 307 32.50 17.30 -17.75
N GLN A 308 32.02 17.18 -16.51
CA GLN A 308 30.85 17.96 -16.12
C GLN A 308 31.17 19.45 -16.07
N GLU A 309 32.39 19.81 -15.66
CA GLU A 309 32.83 21.20 -15.72
C GLU A 309 32.84 21.72 -17.16
N GLU A 310 33.18 20.86 -18.11
CA GLU A 310 33.10 21.24 -19.52
C GLU A 310 31.66 21.56 -19.91
N ILE A 311 30.69 20.87 -19.30
CA ILE A 311 29.28 21.09 -19.62
C ILE A 311 28.75 22.36 -18.94
N LEU A 312 29.12 22.60 -17.68
CA LEU A 312 28.66 23.79 -16.99
C LEU A 312 29.13 25.07 -17.70
N HIS A 313 30.23 24.99 -18.44
CA HIS A 313 30.73 26.13 -19.19
C HIS A 313 30.01 26.31 -20.51
N ASP A 314 29.68 25.20 -21.18
CA ASP A 314 28.94 25.30 -22.43
C ASP A 314 27.52 25.82 -22.22
N ILE A 315 26.95 25.58 -21.03
CA ILE A 315 25.65 26.17 -20.70
C ILE A 315 25.77 27.68 -20.50
N HIS A 316 26.77 28.10 -19.71
CA HIS A 316 27.12 29.52 -19.57
C HIS A 316 27.24 30.21 -20.93
N GLU A 317 27.78 29.52 -21.93
CA GLU A 317 27.93 30.12 -23.25
C GLU A 317 26.61 30.22 -24.00
N VAL A 318 25.61 29.42 -23.63
CA VAL A 318 24.26 29.60 -24.16
C VAL A 318 23.65 30.88 -23.63
N TYR A 319 23.82 31.14 -22.31
CA TYR A 319 23.30 32.34 -21.68
C TYR A 319 23.98 33.61 -22.16
N SER A 320 25.08 33.53 -22.91
CA SER A 320 25.70 34.71 -23.48
C SER A 320 25.34 34.92 -24.93
N HIS A 321 24.67 33.95 -25.55
CA HIS A 321 24.23 34.04 -26.93
C HIS A 321 22.72 34.10 -27.07
N ARG A 322 22.01 33.66 -26.08
CA ARG A 322 20.56 33.69 -26.02
C ARG A 322 20.11 34.92 -25.26
N PRO A 323 18.85 35.33 -25.43
CA PRO A 323 18.34 36.47 -24.65
C PRO A 323 18.19 36.14 -23.18
N GLU A 324 18.16 37.19 -22.36
CA GLU A 324 17.88 36.97 -20.95
C GLU A 324 16.52 36.30 -20.80
N MET A 325 16.38 35.46 -19.78
CA MET A 325 15.08 34.81 -19.55
C MET A 325 14.68 34.99 -18.10
N ALA A 326 13.39 34.80 -17.84
CA ALA A 326 12.83 35.11 -16.53
C ALA A 326 13.31 34.12 -15.48
N MET A 327 13.32 34.57 -14.23
CA MET A 327 13.86 33.79 -13.13
C MET A 327 12.77 33.39 -12.14
N VAL A 328 12.75 32.12 -11.76
CA VAL A 328 11.90 31.70 -10.66
C VAL A 328 12.49 32.12 -9.33
N ASP A 329 13.81 32.01 -9.19
CA ASP A 329 14.55 32.51 -8.01
C ASP A 329 15.91 32.98 -8.49
N SER A 330 16.09 34.30 -8.54
CA SER A 330 17.34 34.87 -9.05
C SER A 330 18.50 34.56 -8.12
N VAL A 331 18.29 34.63 -6.80
CA VAL A 331 19.36 34.35 -5.83
C VAL A 331 19.92 32.94 -6.06
N LYS A 332 19.05 31.94 -6.11
CA LYS A 332 19.56 30.58 -6.29
C LYS A 332 19.83 30.23 -7.75
N GLY A 333 19.59 31.12 -8.70
CA GLY A 333 19.79 30.78 -10.09
C GLY A 333 18.73 29.89 -10.74
N ILE A 334 17.55 29.72 -10.14
CA ILE A 334 16.53 28.87 -10.72
C ILE A 334 15.76 29.62 -11.81
N THR A 335 15.80 29.06 -13.03
CA THR A 335 15.37 29.62 -14.30
C THR A 335 13.92 29.21 -14.65
N ASN A 336 13.31 29.98 -15.56
CA ASN A 336 11.95 29.70 -16.08
C ASN A 336 11.86 28.30 -16.66
N LEU A 337 12.90 27.86 -17.36
CA LEU A 337 12.96 26.54 -17.98
C LEU A 337 13.51 25.43 -17.05
N HIS A 338 13.57 25.65 -15.72
CA HIS A 338 14.21 24.69 -14.84
C HIS A 338 13.38 23.42 -14.63
N ILE A 339 12.13 23.58 -14.18
CA ILE A 339 11.21 22.44 -14.10
C ILE A 339 9.84 22.90 -14.58
N PRO A 340 9.06 21.98 -15.17
CA PRO A 340 7.85 22.39 -15.90
C PRO A 340 6.77 23.00 -15.03
N SER A 341 6.73 22.68 -13.72
CA SER A 341 5.61 23.10 -12.87
C SER A 341 5.83 24.42 -12.14
N ASP A 342 6.98 25.09 -12.32
CA ASP A 342 7.22 26.36 -11.62
C ASP A 342 6.32 27.48 -12.13
N VAL A 343 6.28 27.69 -13.44
CA VAL A 343 5.57 28.80 -14.07
C VAL A 343 4.34 28.19 -14.74
N ILE A 344 3.16 28.36 -14.14
CA ILE A 344 1.91 27.83 -14.69
C ILE A 344 1.07 29.01 -15.18
N VAL A 345 0.82 29.04 -16.50
CA VAL A 345 0.21 30.15 -17.25
C VAL A 345 -0.90 30.91 -16.51
N ASP A 346 -1.87 30.20 -15.93
CA ASP A 346 -3.03 30.84 -15.30
C ASP A 346 -2.64 31.61 -14.04
N ALA A 347 -1.61 31.19 -13.33
CA ALA A 347 -1.18 31.98 -12.17
C ALA A 347 -0.15 33.02 -12.55
N SER A 348 0.73 32.68 -13.50
CA SER A 348 1.89 33.49 -13.83
C SER A 348 1.54 34.72 -14.64
N MET A 349 0.65 34.59 -15.62
CA MET A 349 0.36 35.75 -16.47
C MET A 349 -0.36 36.88 -15.72
N PRO A 350 -1.35 36.61 -14.85
CA PRO A 350 -1.87 37.71 -14.00
C PRO A 350 -0.81 38.34 -13.10
N ALA A 351 0.08 37.54 -12.51
CA ALA A 351 1.19 38.13 -11.77
C ALA A 351 1.97 39.14 -12.63
N MET A 352 2.26 38.78 -13.90
CA MET A 352 3.03 39.71 -14.74
C MET A 352 2.26 41.00 -15.05
N ILE A 353 1.00 40.89 -15.49
CA ILE A 353 0.24 42.07 -15.86
C ILE A 353 0.08 43.00 -14.66
N ARG A 354 -0.25 42.44 -13.51
CA ARG A 354 -0.36 43.24 -12.29
C ARG A 354 0.96 43.95 -11.97
N ASN A 355 2.10 43.30 -12.23
CA ASN A 355 3.40 43.90 -11.96
C ASN A 355 3.90 44.75 -13.13
N SER A 356 3.05 45.67 -13.60
CA SER A 356 3.40 46.62 -14.67
C SER A 356 3.79 45.92 -15.97
N GLY A 357 3.37 44.66 -16.15
CA GLY A 357 3.79 43.89 -17.29
C GLY A 357 5.22 43.40 -17.25
N GLN A 358 5.80 43.20 -16.07
CA GLN A 358 7.22 42.88 -15.94
C GLN A 358 7.47 41.64 -15.07
N MET A 359 8.59 40.96 -15.36
CA MET A 359 9.07 39.79 -14.61
C MET A 359 10.50 40.02 -14.15
N TRP A 360 10.99 39.17 -13.22
CA TRP A 360 12.33 39.30 -12.63
C TRP A 360 13.36 38.61 -13.49
N GLY A 361 14.52 39.27 -13.63
CA GLY A 361 15.60 38.79 -14.46
C GLY A 361 16.80 38.32 -13.66
N LYS A 362 17.91 38.11 -14.39
CA LYS A 362 19.15 37.59 -13.78
C LYS A 362 19.60 38.44 -12.61
N ASP A 363 19.49 39.76 -12.75
CA ASP A 363 20.04 40.71 -11.77
C ASP A 363 19.12 40.97 -10.59
N GLY A 364 17.98 40.31 -10.50
CA GLY A 364 17.02 40.64 -9.47
C GLY A 364 16.16 41.86 -9.73
N LYS A 365 16.21 42.46 -10.92
CA LYS A 365 15.37 43.59 -11.27
C LYS A 365 14.21 43.14 -12.18
N GLN A 366 13.06 43.81 -12.10
CA GLN A 366 11.97 43.51 -13.02
C GLN A 366 12.08 44.34 -14.32
N LYS A 367 11.66 43.74 -15.45
CA LYS A 367 11.79 44.35 -16.77
C LYS A 367 10.65 43.92 -17.70
N ASP A 368 10.52 44.63 -18.82
CA ASP A 368 9.52 44.29 -19.83
C ASP A 368 9.82 42.90 -20.41
N THR A 369 8.75 42.19 -20.84
CA THR A 369 8.86 40.77 -21.21
C THR A 369 7.99 40.42 -22.42
N LYS A 370 8.50 39.51 -23.24
CA LYS A 370 7.69 38.81 -24.24
C LYS A 370 7.19 37.52 -23.58
N ALA A 371 5.89 37.45 -23.30
CA ALA A 371 5.29 36.25 -22.71
C ALA A 371 4.93 35.28 -23.83
N VAL A 372 5.77 34.26 -24.01
CA VAL A 372 5.57 33.26 -25.05
C VAL A 372 4.54 32.23 -24.59
N MET A 373 3.49 32.05 -25.39
CA MET A 373 2.46 31.05 -25.17
C MET A 373 2.15 30.44 -26.53
N PRO A 374 2.80 29.34 -26.90
CA PRO A 374 2.71 28.85 -28.30
C PRO A 374 1.30 28.64 -28.83
N GLU A 375 0.40 28.06 -28.03
CA GLU A 375 -0.95 27.82 -28.52
C GLU A 375 -1.74 29.12 -28.57
N SER A 376 -2.20 29.45 -29.77
CA SER A 376 -2.92 30.69 -30.08
C SER A 376 -4.33 30.75 -29.46
N THR A 377 -4.94 29.60 -29.16
CA THR A 377 -6.36 29.54 -28.82
C THR A 377 -6.72 30.44 -27.63
N TYR A 378 -5.97 30.34 -26.54
CA TYR A 378 -6.25 31.15 -25.35
C TYR A 378 -5.20 32.22 -25.10
N ALA A 379 -4.16 32.30 -25.93
CA ALA A 379 -3.17 33.33 -25.71
C ALA A 379 -3.72 34.73 -26.01
N ARG A 380 -4.62 34.84 -27.00
CA ARG A 380 -4.93 36.16 -27.56
C ARG A 380 -5.56 37.12 -26.52
N ILE A 381 -6.29 36.60 -25.52
CA ILE A 381 -6.98 37.47 -24.58
C ILE A 381 -6.02 38.27 -23.70
N TYR A 382 -4.85 37.68 -23.37
CA TYR A 382 -3.83 38.41 -22.62
C TYR A 382 -3.30 39.60 -23.43
N GLN A 383 -3.14 39.44 -24.75
CA GLN A 383 -2.71 40.59 -25.56
C GLN A 383 -3.71 41.74 -25.46
N GLU A 384 -5.00 41.40 -25.48
CA GLU A 384 -6.02 42.42 -25.36
C GLU A 384 -5.96 43.11 -24.02
N MET A 385 -5.62 42.37 -22.93
CA MET A 385 -5.51 43.03 -21.64
C MET A 385 -4.22 43.86 -21.52
N ILE A 386 -3.09 43.33 -22.03
CA ILE A 386 -1.84 44.10 -22.01
C ILE A 386 -2.01 45.46 -22.72
N ASN A 387 -2.61 45.48 -23.93
CA ASN A 387 -2.83 46.75 -24.63
C ASN A 387 -3.77 47.67 -23.88
N PHE A 388 -4.78 47.09 -23.21
CA PHE A 388 -5.73 47.90 -22.47
C PHE A 388 -5.04 48.64 -21.33
N CYS A 389 -4.07 47.99 -20.67
CA CYS A 389 -3.37 48.65 -19.58
C CYS A 389 -2.36 49.68 -20.11
N LYS A 390 -1.68 49.37 -21.22
CA LYS A 390 -0.82 50.38 -21.82
C LYS A 390 -1.59 51.66 -22.12
N THR A 391 -2.82 51.53 -22.63
CA THR A 391 -3.62 52.68 -23.03
C THR A 391 -4.33 53.35 -21.85
N ASN A 392 -4.93 52.59 -20.93
CA ASN A 392 -5.76 53.16 -19.87
C ASN A 392 -5.11 53.15 -18.49
N GLY A 393 -3.88 52.65 -18.35
CA GLY A 393 -3.25 52.55 -17.05
C GLY A 393 -3.63 51.28 -16.34
N ALA A 394 -3.10 51.16 -15.13
CA ALA A 394 -3.37 50.03 -14.25
C ALA A 394 -4.81 50.08 -13.77
N PHE A 395 -5.36 48.90 -13.48
CA PHE A 395 -6.70 48.84 -12.93
C PHE A 395 -6.76 49.45 -11.53
N ASP A 396 -7.95 49.90 -11.15
CA ASP A 396 -8.21 50.60 -9.91
C ASP A 396 -9.21 49.82 -9.07
N PRO A 397 -8.77 49.07 -8.06
CA PRO A 397 -9.71 48.28 -7.25
C PRO A 397 -10.74 49.11 -6.51
N THR A 398 -10.44 50.40 -6.26
CA THR A 398 -11.37 51.30 -5.57
C THR A 398 -12.66 51.55 -6.35
N THR A 399 -12.56 51.69 -7.68
CA THR A 399 -13.69 52.05 -8.54
C THR A 399 -14.08 50.97 -9.54
N MET A 400 -13.31 49.90 -9.61
CA MET A 400 -13.46 48.81 -10.55
C MET A 400 -14.80 48.11 -10.42
N GLY A 401 -15.30 47.59 -11.55
CA GLY A 401 -16.41 46.66 -11.55
C GLY A 401 -15.96 45.23 -11.28
N SER A 402 -16.78 44.28 -11.74
CA SER A 402 -16.52 42.87 -11.47
C SER A 402 -16.83 41.98 -12.66
N VAL A 403 -15.98 40.96 -12.83
CA VAL A 403 -16.21 39.92 -13.85
C VAL A 403 -16.27 38.55 -13.20
N PRO A 404 -17.45 38.06 -12.79
CA PRO A 404 -17.59 36.66 -12.31
C PRO A 404 -17.63 35.69 -13.49
N ASN A 405 -17.66 34.39 -13.17
CA ASN A 405 -17.57 33.38 -14.22
C ASN A 405 -18.55 32.24 -13.95
N VAL A 406 -19.26 31.80 -14.99
CA VAL A 406 -20.06 30.57 -14.97
C VAL A 406 -19.38 29.59 -15.94
N GLY A 407 -18.90 28.47 -15.42
CA GLY A 407 -17.96 27.66 -16.17
C GLY A 407 -18.35 26.24 -16.47
N LEU A 408 -18.19 25.83 -17.74
CA LEU A 408 -18.54 24.49 -18.22
C LEU A 408 -17.42 23.52 -17.89
N MET A 409 -17.64 22.63 -16.93
CA MET A 409 -16.60 21.67 -16.56
C MET A 409 -17.09 20.25 -16.25
N ALA A 410 -18.40 20.03 -16.07
CA ALA A 410 -18.87 18.73 -15.58
C ALA A 410 -18.49 17.59 -16.53
N GLN A 411 -18.08 16.47 -15.93
CA GLN A 411 -17.78 15.23 -16.64
C GLN A 411 -16.62 15.40 -17.59
N LYS A 412 -15.55 16.04 -17.11
CA LYS A 412 -14.27 16.23 -17.81
C LYS A 412 -14.46 16.86 -19.18
N ALA A 413 -15.15 18.01 -19.19
CA ALA A 413 -15.49 18.70 -20.44
C ALA A 413 -14.25 19.18 -21.19
N GLU A 414 -14.36 19.17 -22.53
CA GLU A 414 -13.40 19.76 -23.47
C GLU A 414 -12.03 19.17 -23.18
N GLU A 415 -10.96 19.99 -23.09
CA GLU A 415 -9.57 19.55 -23.01
C GLU A 415 -9.24 18.76 -21.75
N TYR A 416 -10.11 18.71 -20.75
CA TYR A 416 -9.69 18.10 -19.49
C TYR A 416 -9.70 16.58 -19.57
N GLY A 417 -10.52 15.99 -20.44
CA GLY A 417 -10.50 14.54 -20.53
C GLY A 417 -9.76 13.98 -21.74
N SER A 418 -8.87 14.78 -22.32
CA SER A 418 -8.31 14.53 -23.64
C SER A 418 -7.02 13.71 -23.62
N HIS A 419 -6.50 13.38 -22.44
CA HIS A 419 -5.15 12.81 -22.36
C HIS A 419 -5.09 11.34 -22.80
N ASP A 420 -6.16 10.56 -22.63
CA ASP A 420 -6.20 9.23 -23.22
C ASP A 420 -6.45 9.25 -24.74
N LYS A 421 -6.67 10.44 -25.32
CA LYS A 421 -6.94 10.59 -26.75
C LYS A 421 -5.87 11.43 -27.43
N THR A 422 -4.64 11.41 -26.89
CA THR A 422 -3.53 12.26 -27.30
C THR A 422 -2.32 11.40 -27.63
N PHE A 423 -1.74 11.59 -28.83
CA PHE A 423 -0.63 10.80 -29.33
C PHE A 423 0.45 11.68 -29.97
N GLU A 424 1.71 11.25 -29.83
CA GLU A 424 2.84 11.92 -30.49
C GLU A 424 3.22 11.10 -31.73
N MET A 425 2.80 11.58 -32.90
CA MET A 425 2.98 10.87 -34.18
C MET A 425 4.41 10.40 -34.35
N THR A 426 4.55 9.14 -34.75
CA THR A 426 5.85 8.53 -34.95
C THR A 426 6.26 8.41 -36.42
N ALA A 427 5.40 8.83 -37.34
CA ALA A 427 5.71 8.75 -38.77
C ALA A 427 4.85 9.77 -39.53
N ASP A 428 5.22 9.98 -40.77
CA ASP A 428 4.43 10.81 -41.67
C ASP A 428 3.15 10.08 -42.06
N GLY A 429 2.01 10.77 -42.08
CA GLY A 429 0.77 10.10 -42.50
C GLY A 429 -0.45 10.97 -42.26
N THR A 430 -1.59 10.32 -42.04
CA THR A 430 -2.82 11.04 -41.74
C THR A 430 -3.52 10.41 -40.53
N MET A 431 -4.23 11.24 -39.76
CA MET A 431 -5.06 10.78 -38.64
C MET A 431 -6.51 11.10 -38.96
N ARG A 432 -7.40 10.17 -38.68
CA ARG A 432 -8.82 10.39 -38.96
C ARG A 432 -9.66 9.77 -37.87
N VAL A 433 -10.95 10.09 -37.89
CA VAL A 433 -11.92 9.59 -36.93
C VAL A 433 -13.14 9.09 -37.71
N VAL A 434 -13.41 7.78 -37.65
CA VAL A 434 -14.39 7.18 -38.56
C VAL A 434 -15.55 6.60 -37.77
N LEU A 435 -16.71 6.60 -38.43
CA LEU A 435 -18.02 6.27 -37.86
C LEU A 435 -18.29 4.79 -37.66
N ALA A 436 -17.40 3.90 -38.10
CA ALA A 436 -17.52 2.44 -37.99
C ALA A 436 -18.47 1.87 -39.06
N ASP A 437 -19.25 2.71 -39.74
CA ASP A 437 -19.81 2.34 -41.03
C ASP A 437 -18.89 2.78 -42.16
N GLY A 438 -17.69 3.25 -41.79
CA GLY A 438 -16.65 3.70 -42.71
C GLY A 438 -16.61 5.19 -42.96
N SER A 439 -17.71 5.91 -42.69
CA SER A 439 -17.77 7.35 -42.98
C SER A 439 -16.68 8.11 -42.24
N VAL A 440 -15.92 8.91 -42.97
CA VAL A 440 -14.87 9.71 -42.35
C VAL A 440 -15.50 10.97 -41.78
N LEU A 441 -15.26 11.22 -40.50
CA LEU A 441 -15.83 12.35 -39.80
C LEU A 441 -14.89 13.55 -39.72
N MET A 442 -13.60 13.31 -39.45
CA MET A 442 -12.57 14.33 -39.35
C MET A 442 -11.25 13.69 -39.73
N GLN A 443 -10.31 14.51 -40.19
CA GLN A 443 -9.12 14.06 -40.93
C GLN A 443 -8.03 15.12 -40.84
N HIS A 444 -6.76 14.69 -40.70
CA HIS A 444 -5.60 15.58 -40.61
C HIS A 444 -4.34 14.94 -41.20
N LYS A 445 -3.64 15.66 -42.09
CA LYS A 445 -2.29 15.25 -42.52
C LYS A 445 -1.28 15.66 -41.44
N VAL A 446 -0.38 14.75 -41.08
CA VAL A 446 0.51 14.96 -39.94
C VAL A 446 1.92 14.53 -40.33
N GLU A 447 2.89 14.97 -39.53
CA GLU A 447 4.29 14.62 -39.73
C GLU A 447 4.89 14.13 -38.42
N THR A 448 6.05 13.47 -38.54
CA THR A 448 6.71 12.86 -37.39
C THR A 448 7.04 13.89 -36.32
N GLY A 449 6.71 13.57 -35.06
CA GLY A 449 6.92 14.43 -33.92
C GLY A 449 5.75 15.31 -33.54
N ASP A 450 4.69 15.37 -34.36
CA ASP A 450 3.55 16.23 -34.13
C ASP A 450 2.63 15.64 -33.08
N ILE A 451 1.85 16.50 -32.44
CA ILE A 451 0.96 16.10 -31.36
C ILE A 451 -0.48 16.19 -31.85
N TRP A 452 -1.19 15.05 -31.81
CA TRP A 452 -2.57 14.91 -32.23
C TRP A 452 -3.43 14.58 -31.02
N ARG A 453 -4.65 15.09 -30.99
CA ARG A 453 -5.47 14.88 -29.80
C ARG A 453 -6.94 15.10 -30.15
N ALA A 454 -7.81 14.46 -29.38
CA ALA A 454 -9.26 14.63 -29.51
C ALA A 454 -9.88 14.90 -28.13
N CYS A 455 -11.09 15.47 -28.13
CA CYS A 455 -11.76 15.94 -26.91
C CYS A 455 -13.25 15.64 -26.95
N GLN A 456 -13.84 15.32 -25.78
CA GLN A 456 -15.26 14.99 -25.68
C GLN A 456 -16.01 15.94 -24.73
N THR A 457 -17.22 16.34 -25.12
CA THR A 457 -18.11 17.11 -24.26
C THR A 457 -19.53 16.60 -24.46
N LYS A 458 -20.24 16.38 -23.35
CA LYS A 458 -21.52 15.71 -23.30
C LYS A 458 -22.68 16.70 -23.16
N ASP A 459 -23.85 16.30 -23.69
CA ASP A 459 -24.97 17.24 -23.80
C ASP A 459 -25.57 17.57 -22.43
N ALA A 460 -25.56 16.63 -21.48
CA ALA A 460 -26.11 16.94 -20.17
C ALA A 460 -25.34 18.02 -19.45
N PRO A 461 -23.99 17.96 -19.33
CA PRO A 461 -23.28 19.09 -18.69
C PRO A 461 -23.58 20.42 -19.35
N ILE A 462 -23.74 20.43 -20.68
CA ILE A 462 -23.98 21.66 -21.43
C ILE A 462 -25.34 22.27 -21.09
N ARG A 463 -26.39 21.43 -21.00
CA ARG A 463 -27.69 21.94 -20.57
C ARG A 463 -27.62 22.54 -19.17
N ASP A 464 -26.89 21.88 -18.26
CA ASP A 464 -26.72 22.41 -16.90
C ASP A 464 -25.93 23.71 -16.92
N TRP A 465 -24.91 23.81 -17.77
CA TRP A 465 -24.14 25.03 -17.96
C TRP A 465 -25.04 26.21 -18.36
N VAL A 466 -25.77 26.06 -19.47
CA VAL A 466 -26.64 27.13 -19.94
C VAL A 466 -27.64 27.54 -18.85
N LYS A 467 -28.17 26.56 -18.12
CA LYS A 467 -29.12 26.83 -17.05
C LYS A 467 -28.48 27.61 -15.89
N LEU A 468 -27.24 27.26 -15.53
CA LEU A 468 -26.59 27.97 -14.43
C LEU A 468 -26.28 29.40 -14.81
N ALA A 469 -25.95 29.63 -16.09
CA ALA A 469 -25.70 30.98 -16.58
C ALA A 469 -26.94 31.86 -16.47
N VAL A 470 -28.11 31.32 -16.82
CA VAL A 470 -29.33 32.12 -16.81
C VAL A 470 -29.74 32.45 -15.39
N THR A 471 -29.60 31.48 -14.49
CA THR A 471 -29.89 31.69 -13.08
C THR A 471 -29.09 32.86 -12.53
N ARG A 472 -27.77 32.85 -12.74
CA ARG A 472 -26.92 33.90 -12.18
C ARG A 472 -27.26 35.27 -12.78
N ALA A 473 -27.55 35.30 -14.08
CA ALA A 473 -27.94 36.54 -14.72
C ALA A 473 -29.19 37.12 -14.09
N ARG A 474 -30.17 36.26 -13.72
CA ARG A 474 -31.39 36.75 -13.07
C ARG A 474 -31.14 37.15 -11.62
N GLN A 475 -30.35 36.35 -10.88
CA GLN A 475 -30.25 36.52 -9.43
C GLN A 475 -29.57 37.85 -9.09
N SER A 476 -28.45 38.13 -9.72
CA SER A 476 -27.92 39.49 -9.78
C SER A 476 -28.57 40.11 -11.00
N ASP A 477 -28.39 41.39 -11.23
CA ASP A 477 -29.08 41.91 -12.40
C ASP A 477 -28.00 42.43 -13.33
N THR A 478 -27.32 41.48 -13.99
CA THR A 478 -26.06 41.76 -14.63
C THR A 478 -26.02 41.08 -16.00
N PRO A 479 -25.60 41.79 -17.04
CA PRO A 479 -25.46 41.16 -18.37
C PRO A 479 -24.44 40.04 -18.36
N ALA A 480 -24.64 39.07 -19.24
CA ALA A 480 -23.74 37.91 -19.37
C ALA A 480 -23.40 37.66 -20.84
N ILE A 481 -22.15 37.27 -21.12
CA ILE A 481 -21.66 36.98 -22.46
C ILE A 481 -21.15 35.54 -22.53
N PHE A 482 -21.61 34.80 -23.54
CA PHE A 482 -21.05 33.47 -23.85
C PHE A 482 -19.80 33.67 -24.71
N TRP A 483 -18.62 33.36 -24.17
CA TRP A 483 -17.39 33.55 -24.94
C TRP A 483 -17.25 32.36 -25.90
N LEU A 484 -17.68 32.54 -27.14
CA LEU A 484 -17.55 31.50 -28.15
C LEU A 484 -16.91 32.07 -29.41
N ASP A 485 -15.83 31.47 -29.85
CA ASP A 485 -15.03 32.02 -30.95
C ASP A 485 -15.62 31.54 -32.28
N PRO A 486 -16.08 32.44 -33.14
CA PRO A 486 -16.70 32.00 -34.39
C PRO A 486 -15.74 31.32 -35.36
N GLU A 487 -14.43 31.39 -35.13
CA GLU A 487 -13.47 30.72 -36.01
C GLU A 487 -12.99 29.39 -35.46
N ARG A 488 -13.59 28.90 -34.38
CA ARG A 488 -13.26 27.61 -33.76
C ARG A 488 -14.37 26.62 -34.07
N ALA A 489 -14.00 25.47 -34.65
CA ALA A 489 -15.01 24.48 -35.00
C ALA A 489 -15.77 24.02 -33.77
N HIS A 490 -15.05 23.71 -32.69
CA HIS A 490 -15.69 23.25 -31.46
C HIS A 490 -16.67 24.29 -30.91
N ASP A 491 -16.31 25.57 -30.96
CA ASP A 491 -17.19 26.60 -30.43
C ASP A 491 -18.40 26.82 -31.32
N ARG A 492 -18.31 26.51 -32.61
CA ARG A 492 -19.51 26.57 -33.45
C ARG A 492 -20.50 25.47 -33.08
N GLU A 493 -20.02 24.25 -32.78
CA GLU A 493 -20.90 23.19 -32.30
C GLU A 493 -21.56 23.59 -30.98
N LEU A 494 -20.77 24.14 -30.05
CA LEU A 494 -21.33 24.59 -28.78
C LEU A 494 -22.40 25.65 -28.99
N ARG A 495 -22.23 26.51 -29.98
CA ARG A 495 -23.18 27.63 -30.11
C ARG A 495 -24.57 27.17 -30.55
N LYS A 496 -24.67 26.12 -31.40
CA LYS A 496 -25.96 25.53 -31.73
C LYS A 496 -26.73 25.09 -30.48
N LYS A 497 -26.06 24.36 -29.58
CA LYS A 497 -26.75 23.93 -28.37
C LYS A 497 -27.16 25.13 -27.50
N VAL A 498 -26.28 26.12 -27.38
CA VAL A 498 -26.56 27.28 -26.54
C VAL A 498 -27.74 28.05 -27.08
N GLU A 499 -27.73 28.33 -28.39
CA GLU A 499 -28.86 29.05 -28.97
C GLU A 499 -30.15 28.28 -28.78
N LEU A 500 -30.09 26.95 -28.91
CA LEU A 500 -31.28 26.13 -28.67
C LEU A 500 -31.73 26.21 -27.20
N TYR A 501 -30.84 25.82 -26.27
CA TYR A 501 -31.23 25.66 -24.86
C TYR A 501 -31.50 26.99 -24.14
N LEU A 502 -31.10 28.13 -24.70
CA LEU A 502 -31.48 29.38 -24.08
C LEU A 502 -32.98 29.60 -24.15
N LYS A 503 -33.62 29.04 -25.20
CA LYS A 503 -35.07 29.12 -25.36
C LYS A 503 -35.83 28.29 -24.33
N ASP A 504 -35.18 27.31 -23.70
CA ASP A 504 -35.83 26.59 -22.62
C ASP A 504 -36.00 27.42 -21.35
N HIS A 505 -35.59 28.68 -21.33
CA HIS A 505 -35.67 29.45 -20.11
C HIS A 505 -36.21 30.83 -20.43
N ASP A 506 -36.71 31.49 -19.38
CA ASP A 506 -37.41 32.75 -19.50
C ASP A 506 -36.39 33.89 -19.41
N LEU A 507 -36.23 34.65 -20.50
CA LEU A 507 -35.21 35.68 -20.63
C LEU A 507 -35.75 37.09 -20.39
N THR A 508 -36.82 37.25 -19.62
CA THR A 508 -37.46 38.56 -19.49
C THR A 508 -36.62 39.42 -18.57
N GLY A 509 -36.22 40.59 -19.07
CA GLY A 509 -35.38 41.51 -18.31
C GLY A 509 -33.92 41.14 -18.25
N LEU A 510 -33.42 40.42 -19.24
CA LEU A 510 -32.07 39.87 -19.20
C LEU A 510 -31.30 40.31 -20.42
N ASP A 511 -29.98 40.48 -20.23
CA ASP A 511 -29.06 40.94 -21.27
C ASP A 511 -28.08 39.79 -21.53
N ILE A 512 -28.30 39.00 -22.57
CA ILE A 512 -27.45 37.85 -22.86
C ILE A 512 -27.01 37.92 -24.32
N SER A 513 -25.69 37.80 -24.58
CA SER A 513 -25.15 37.88 -25.94
C SER A 513 -24.03 36.86 -26.14
N ILE A 514 -23.57 36.75 -27.39
CA ILE A 514 -22.55 35.78 -27.77
C ILE A 514 -21.52 36.48 -28.65
N MET A 515 -20.24 36.37 -28.27
CA MET A 515 -19.12 37.03 -28.95
C MET A 515 -17.88 36.13 -28.88
N GLY A 516 -16.94 36.39 -29.79
CA GLY A 516 -15.61 35.84 -29.68
C GLY A 516 -14.83 36.44 -28.52
N TYR A 517 -13.70 35.79 -28.22
CA TYR A 517 -12.99 36.01 -26.96
C TYR A 517 -12.48 37.45 -26.82
N ASN A 518 -11.86 37.98 -27.88
CA ASN A 518 -11.28 39.33 -27.81
C ASN A 518 -12.34 40.42 -27.59
N GLU A 519 -13.46 40.33 -28.32
CA GLU A 519 -14.55 41.29 -28.15
C GLU A 519 -15.13 41.21 -26.74
N ALA A 520 -15.26 40.00 -26.21
CA ALA A 520 -15.84 39.84 -24.87
C ALA A 520 -14.93 40.40 -23.79
N ILE A 521 -13.64 40.09 -23.81
CA ILE A 521 -12.78 40.65 -22.78
C ILE A 521 -12.63 42.16 -23.00
N ARG A 522 -12.73 42.62 -24.23
CA ARG A 522 -12.66 44.05 -24.43
C ARG A 522 -13.92 44.73 -23.87
N VAL A 523 -15.10 44.16 -24.14
CA VAL A 523 -16.34 44.72 -23.60
C VAL A 523 -16.37 44.62 -22.09
N SER A 524 -15.92 43.48 -21.56
CA SER A 524 -15.87 43.32 -20.12
C SER A 524 -14.94 44.35 -19.48
N MET A 525 -13.75 44.57 -20.06
CA MET A 525 -12.81 45.54 -19.51
C MET A 525 -13.32 46.98 -19.63
N GLU A 526 -13.98 47.32 -20.77
CA GLU A 526 -14.53 48.66 -20.94
C GLU A 526 -15.63 48.93 -19.93
N ARG A 527 -16.44 47.91 -19.60
CA ARG A 527 -17.41 48.08 -18.54
C ARG A 527 -16.75 48.16 -17.18
N LEU A 528 -15.74 47.32 -16.95
CA LEU A 528 -15.00 47.23 -15.69
C LEU A 528 -14.52 48.60 -15.21
N ILE A 529 -13.83 49.33 -16.10
CA ILE A 529 -13.20 50.59 -15.78
C ILE A 529 -14.23 51.69 -15.53
N ARG A 530 -15.49 51.47 -15.93
CA ARG A 530 -16.59 52.38 -15.64
C ARG A 530 -17.46 51.90 -14.49
N GLY A 531 -16.93 50.99 -13.67
CA GLY A 531 -17.61 50.54 -12.48
C GLY A 531 -18.73 49.55 -12.68
N LYS A 532 -18.88 48.96 -13.86
CA LYS A 532 -19.98 48.06 -14.16
C LYS A 532 -19.50 46.62 -14.24
N ASP A 533 -20.44 45.69 -14.13
CA ASP A 533 -20.12 44.27 -14.05
C ASP A 533 -20.57 43.53 -15.30
N THR A 534 -19.84 42.45 -15.61
CA THR A 534 -20.19 41.57 -16.71
C THR A 534 -19.95 40.14 -16.26
N ILE A 535 -20.85 39.25 -16.57
CA ILE A 535 -20.63 37.84 -16.27
C ILE A 535 -20.00 37.22 -17.51
N SER A 536 -18.98 36.39 -17.31
CA SER A 536 -18.34 35.63 -18.38
C SER A 536 -18.84 34.20 -18.31
N VAL A 537 -19.39 33.72 -19.41
CA VAL A 537 -19.90 32.36 -19.51
C VAL A 537 -18.99 31.65 -20.49
N THR A 538 -18.17 30.71 -19.99
CA THR A 538 -17.06 30.20 -20.77
C THR A 538 -16.92 28.69 -20.59
N GLY A 539 -16.13 28.09 -21.46
CA GLY A 539 -15.73 26.71 -21.33
C GLY A 539 -14.76 26.47 -20.17
N ASN A 540 -14.26 25.23 -20.14
CA ASN A 540 -13.53 24.67 -19.00
C ASN A 540 -12.22 25.38 -18.75
N VAL A 541 -11.39 25.59 -19.78
CA VAL A 541 -10.07 26.21 -19.62
C VAL A 541 -10.19 27.70 -19.27
N LEU A 542 -11.06 28.44 -19.98
CA LEU A 542 -11.21 29.87 -19.69
C LEU A 542 -11.77 30.08 -18.30
N ARG A 543 -12.60 29.16 -17.81
CA ARG A 543 -13.03 29.19 -16.41
C ARG A 543 -11.82 29.27 -15.48
N ASP A 544 -10.82 28.42 -15.76
CA ASP A 544 -9.58 28.48 -15.01
C ASP A 544 -8.87 29.84 -15.20
N TYR A 545 -8.55 30.20 -16.44
CA TYR A 545 -7.72 31.38 -16.68
C TYR A 545 -8.36 32.66 -16.13
N LEU A 546 -9.66 32.83 -16.35
CA LEU A 546 -10.26 34.10 -15.99
C LEU A 546 -10.51 34.22 -14.48
N THR A 547 -10.75 33.12 -13.76
CA THR A 547 -11.02 33.27 -12.34
C THR A 547 -9.73 33.38 -11.55
N ASP A 548 -8.59 33.24 -12.22
CA ASP A 548 -7.28 33.69 -11.73
C ASP A 548 -7.05 35.14 -12.12
N LEU A 549 -7.33 35.49 -13.38
CA LEU A 549 -6.93 36.78 -13.92
C LEU A 549 -7.73 37.93 -13.29
N PHE A 550 -9.05 37.93 -13.43
CA PHE A 550 -9.80 39.09 -12.95
C PHE A 550 -9.80 39.21 -11.42
N PRO A 551 -9.97 38.12 -10.65
CA PRO A 551 -9.85 38.25 -9.18
C PRO A 551 -8.50 38.76 -8.68
N ILE A 552 -7.38 38.47 -9.34
CA ILE A 552 -6.13 39.02 -8.85
C ILE A 552 -6.11 40.55 -9.04
N MET A 553 -6.58 41.06 -10.18
CA MET A 553 -6.70 42.52 -10.31
C MET A 553 -7.64 43.11 -9.25
N GLU A 554 -8.82 42.48 -9.05
CA GLU A 554 -9.89 43.05 -8.22
C GLU A 554 -9.59 42.93 -6.72
N LEU A 555 -8.97 41.81 -6.30
CA LEU A 555 -8.83 41.45 -4.89
C LEU A 555 -7.40 41.18 -4.46
N GLY A 556 -6.45 41.18 -5.38
CA GLY A 556 -5.07 40.81 -5.13
C GLY A 556 -4.79 39.32 -5.21
N THR A 557 -5.74 38.46 -4.84
CA THR A 557 -5.51 37.03 -4.92
C THR A 557 -6.79 36.27 -5.24
N SER A 558 -6.62 35.25 -6.08
CA SER A 558 -7.65 34.24 -6.36
C SER A 558 -8.30 33.64 -5.11
N ALA A 559 -7.55 33.52 -4.01
CA ALA A 559 -8.06 32.76 -2.89
C ALA A 559 -9.28 33.40 -2.23
N LYS A 560 -9.62 34.64 -2.55
CA LYS A 560 -10.71 35.30 -1.86
C LYS A 560 -12.00 35.24 -2.67
N MET A 561 -12.28 34.12 -3.34
CA MET A 561 -13.49 34.02 -4.15
C MET A 561 -14.40 32.93 -3.60
N LEU A 562 -15.69 33.10 -3.88
CA LEU A 562 -16.65 32.02 -3.78
C LEU A 562 -16.50 31.13 -4.99
N SER A 563 -16.63 29.80 -4.78
CA SER A 563 -16.47 28.83 -5.88
C SER A 563 -17.40 27.64 -5.64
N ILE A 564 -18.65 27.81 -6.04
CA ILE A 564 -19.74 26.87 -5.71
C ILE A 564 -19.95 25.90 -6.86
N VAL A 565 -20.03 24.61 -6.55
CA VAL A 565 -20.20 23.56 -7.54
C VAL A 565 -21.47 22.78 -7.26
N PRO A 566 -22.58 23.16 -7.84
CA PRO A 566 -23.79 22.34 -7.73
C PRO A 566 -23.63 21.03 -8.48
N LEU A 567 -23.29 19.96 -7.76
CA LEU A 567 -23.10 18.64 -8.37
C LEU A 567 -24.38 18.17 -9.03
N MET A 568 -24.24 17.45 -10.14
CA MET A 568 -25.43 17.12 -10.90
C MET A 568 -26.28 16.05 -10.21
N ALA A 569 -25.72 15.27 -9.27
CA ALA A 569 -26.55 14.31 -8.54
C ALA A 569 -27.47 14.97 -7.53
N GLY A 570 -27.25 16.22 -7.18
CA GLY A 570 -28.04 16.92 -6.19
C GLY A 570 -27.27 17.45 -5.00
N GLY A 571 -25.97 17.16 -4.88
CA GLY A 571 -25.17 17.63 -3.77
C GLY A 571 -24.40 18.91 -4.09
N GLY A 572 -23.46 19.22 -3.21
CA GLY A 572 -22.65 20.40 -3.44
C GLY A 572 -21.19 20.24 -3.05
N MET A 573 -20.29 20.88 -3.80
CA MET A 573 -18.87 20.97 -3.50
C MET A 573 -18.53 22.45 -3.40
N TYR A 574 -17.82 22.84 -2.33
CA TYR A 574 -17.46 24.25 -2.11
C TYR A 574 -15.95 24.35 -2.06
N GLU A 575 -15.36 24.85 -3.16
CA GLU A 575 -13.91 25.03 -3.29
C GLU A 575 -13.47 26.33 -2.61
N THR A 576 -12.34 26.28 -1.90
CA THR A 576 -11.89 27.41 -1.09
C THR A 576 -11.09 28.42 -1.93
N GLY A 577 -11.81 29.15 -2.78
CA GLY A 577 -11.19 30.09 -3.69
C GLY A 577 -10.83 29.46 -5.04
N ALA A 578 -10.37 30.33 -5.94
CA ALA A 578 -9.97 29.93 -7.30
C ALA A 578 -8.46 29.85 -7.48
N GLY A 579 -7.69 29.63 -6.42
CA GLY A 579 -6.25 29.66 -6.52
C GLY A 579 -5.64 28.26 -6.35
N GLY A 580 -4.32 28.25 -6.20
CA GLY A 580 -3.55 27.05 -5.98
C GLY A 580 -3.06 26.90 -4.55
N SER A 581 -2.09 25.98 -4.37
CA SER A 581 -1.57 25.58 -3.06
C SER A 581 -0.38 26.44 -2.56
N ALA A 582 -0.12 27.61 -3.15
CA ALA A 582 0.90 28.58 -2.74
C ALA A 582 2.24 28.01 -2.23
N PRO A 583 2.93 27.21 -3.04
CA PRO A 583 4.19 26.61 -2.58
C PRO A 583 5.22 27.59 -1.98
N LYS A 584 5.19 28.87 -2.36
CA LYS A 584 6.19 29.77 -1.80
C LYS A 584 5.92 30.14 -0.36
N HIS A 585 4.68 29.95 0.12
CA HIS A 585 4.38 30.17 1.52
C HIS A 585 5.06 29.14 2.41
N VAL A 586 5.37 27.97 1.87
CA VAL A 586 6.06 26.92 2.62
C VAL A 586 7.51 27.32 2.88
N GLN A 587 8.21 27.88 1.88
CA GLN A 587 9.59 28.31 2.09
C GLN A 587 9.68 29.30 3.25
N GLN A 588 8.77 30.27 3.31
CA GLN A 588 8.77 31.23 4.39
C GLN A 588 8.51 30.58 5.74
N LEU A 589 7.73 29.50 5.79
CA LEU A 589 7.41 28.90 7.09
C LEU A 589 8.56 28.07 7.63
N VAL A 590 9.08 27.16 6.82
CA VAL A 590 10.24 26.35 7.20
C VAL A 590 11.41 27.24 7.61
N GLU A 591 11.54 28.41 6.99
CA GLU A 591 12.70 29.29 7.18
C GLU A 591 12.56 30.23 8.37
N GLU A 592 11.40 30.86 8.57
CA GLU A 592 11.29 31.86 9.62
C GLU A 592 9.91 31.86 10.30
N ASN A 593 9.13 30.80 10.11
CA ASN A 593 7.94 30.55 10.93
C ASN A 593 6.89 31.65 10.82
N TYR A 594 6.60 32.07 9.58
CA TYR A 594 5.48 32.94 9.26
C TYR A 594 4.71 32.31 8.10
N LEU A 595 3.38 32.29 8.19
CA LEU A 595 2.52 31.75 7.13
C LEU A 595 1.55 32.84 6.70
N ARG A 596 1.81 33.43 5.55
CA ARG A 596 0.97 34.52 5.05
C ARG A 596 -0.28 34.03 4.34
N TRP A 597 -0.49 32.73 4.25
CA TRP A 597 -1.67 32.23 3.57
C TRP A 597 -2.92 32.80 4.22
N ASP A 598 -3.81 33.32 3.37
CA ASP A 598 -5.08 33.89 3.76
C ASP A 598 -6.15 32.81 3.64
N SER A 599 -6.82 32.47 4.77
CA SER A 599 -7.83 31.42 4.80
C SER A 599 -9.24 31.95 4.51
N LEU A 600 -9.37 33.17 4.00
CA LEU A 600 -10.70 33.69 3.73
C LEU A 600 -11.50 32.77 2.82
N GLY A 601 -10.86 32.19 1.80
CA GLY A 601 -11.54 31.25 0.91
C GLY A 601 -12.15 30.06 1.65
N GLU A 602 -11.47 29.58 2.69
CA GLU A 602 -12.04 28.54 3.55
C GLU A 602 -13.27 29.05 4.30
N PHE A 603 -13.15 30.19 5.00
CA PHE A 603 -14.27 30.72 5.78
C PHE A 603 -15.50 30.85 4.90
N LEU A 604 -15.32 31.40 3.70
CA LEU A 604 -16.44 31.64 2.80
C LEU A 604 -17.11 30.32 2.39
N ALA A 605 -16.30 29.33 1.99
CA ALA A 605 -16.84 28.02 1.63
C ALA A 605 -17.58 27.38 2.80
N LEU A 606 -16.98 27.46 4.00
CA LEU A 606 -17.60 26.84 5.17
C LEU A 606 -18.99 27.39 5.43
N ALA A 607 -19.14 28.72 5.37
CA ALA A 607 -20.45 29.31 5.63
C ALA A 607 -21.50 28.83 4.61
N VAL A 608 -21.10 28.59 3.36
CA VAL A 608 -22.04 28.08 2.38
C VAL A 608 -22.26 26.58 2.62
N SER A 609 -21.22 25.87 3.07
CA SER A 609 -21.36 24.45 3.36
C SER A 609 -22.37 24.19 4.46
N LEU A 610 -22.41 25.07 5.49
CA LEU A 610 -23.31 24.87 6.63
C LEU A 610 -24.75 25.23 6.27
N GLU A 611 -24.95 26.26 5.46
CA GLU A 611 -26.29 26.57 4.99
C GLU A 611 -26.83 25.43 4.13
N GLU A 612 -25.94 24.71 3.44
CA GLU A 612 -26.40 23.60 2.61
C GLU A 612 -26.93 22.47 3.49
N THR A 613 -26.19 22.11 4.54
CA THR A 613 -26.67 21.13 5.51
C THR A 613 -28.00 21.52 6.09
N GLY A 614 -28.09 22.73 6.64
CA GLY A 614 -29.36 23.28 7.10
C GLY A 614 -30.51 22.99 6.15
N ILE A 615 -30.32 23.28 4.86
CA ILE A 615 -31.41 23.12 3.89
C ILE A 615 -31.73 21.64 3.68
N LYS A 616 -30.70 20.82 3.41
CA LYS A 616 -30.91 19.40 3.08
C LYS A 616 -31.29 18.56 4.28
N THR A 617 -30.80 18.91 5.47
CA THR A 617 -31.01 18.14 6.69
C THR A 617 -32.05 18.79 7.62
N GLY A 618 -32.62 19.92 7.22
CA GLY A 618 -33.50 20.68 8.08
C GLY A 618 -32.94 20.86 9.48
N ASN A 619 -31.63 21.09 9.59
CA ASN A 619 -30.94 21.19 10.87
C ASN A 619 -30.93 22.65 11.22
N ALA A 620 -31.96 23.07 11.96
CA ALA A 620 -32.18 24.50 12.20
C ALA A 620 -30.95 25.17 12.78
N LYS A 621 -30.35 24.57 13.82
CA LYS A 621 -29.18 25.19 14.43
C LYS A 621 -28.01 25.32 13.45
N ALA A 622 -27.71 24.26 12.68
CA ALA A 622 -26.58 24.34 11.76
C ALA A 622 -26.73 25.50 10.79
N LYS A 623 -27.97 25.83 10.42
CA LYS A 623 -28.24 27.03 9.64
C LYS A 623 -27.83 28.29 10.39
N LEU A 624 -27.98 28.31 11.72
CA LEU A 624 -27.53 29.47 12.47
C LEU A 624 -26.02 29.51 12.58
N LEU A 625 -25.37 28.33 12.62
CA LEU A 625 -23.92 28.30 12.53
C LEU A 625 -23.44 29.06 11.30
N GLY A 626 -24.24 29.03 10.23
CA GLY A 626 -23.84 29.68 9.00
C GLY A 626 -23.84 31.19 9.07
N LYS A 627 -24.95 31.80 9.51
CA LYS A 627 -24.96 33.25 9.46
C LYS A 627 -24.19 33.86 10.63
N ALA A 628 -23.98 33.11 11.70
CA ALA A 628 -23.01 33.57 12.69
C ALA A 628 -21.61 33.62 12.10
N LEU A 629 -21.30 32.72 11.16
CA LEU A 629 -20.01 32.75 10.49
C LEU A 629 -19.95 33.90 9.49
N ASP A 630 -21.05 34.15 8.76
CA ASP A 630 -21.06 35.30 7.88
C ASP A 630 -20.75 36.56 8.67
N GLU A 631 -21.42 36.74 9.80
CA GLU A 631 -21.04 37.81 10.72
C GLU A 631 -19.57 37.65 11.13
N ALA A 632 -19.16 36.43 11.44
CA ALA A 632 -17.77 36.20 11.84
C ALA A 632 -16.79 36.68 10.77
N THR A 633 -17.06 36.35 9.50
CA THR A 633 -16.19 36.82 8.43
C THR A 633 -16.33 38.32 8.23
N GLY A 634 -17.55 38.84 8.39
CA GLY A 634 -17.78 40.27 8.31
C GLY A 634 -16.87 41.07 9.22
N LYS A 635 -16.78 40.68 10.49
CA LYS A 635 -16.00 41.49 11.42
C LYS A 635 -14.51 41.28 11.20
N LEU A 636 -14.12 40.17 10.58
CA LEU A 636 -12.72 39.99 10.23
C LEU A 636 -12.32 40.94 9.11
N LEU A 637 -13.19 41.10 8.12
CA LEU A 637 -12.97 42.09 7.06
C LEU A 637 -13.02 43.51 7.61
N ASP A 638 -14.13 43.87 8.30
CA ASP A 638 -14.30 45.22 8.85
C ASP A 638 -13.12 45.66 9.72
N ASN A 639 -12.55 44.75 10.51
CA ASN A 639 -11.45 45.08 11.41
C ASN A 639 -10.09 44.69 10.87
N ASN A 640 -9.98 44.37 9.57
CA ASN A 640 -8.71 44.11 8.92
C ASN A 640 -7.84 43.16 9.75
N LYS A 641 -8.45 42.06 10.18
CA LYS A 641 -7.74 41.05 10.96
C LYS A 641 -7.19 39.91 10.08
N SER A 642 -7.03 40.15 8.77
CA SER A 642 -6.36 39.20 7.91
C SER A 642 -4.85 39.29 8.13
N PRO A 643 -4.10 38.27 7.72
CA PRO A 643 -2.65 38.36 7.81
C PRO A 643 -2.09 39.47 6.93
N SER A 644 -1.32 40.35 7.56
CA SER A 644 -0.41 41.15 6.77
C SER A 644 0.73 40.24 6.37
N ARG A 645 1.67 40.76 5.58
CA ARG A 645 2.80 39.94 5.16
C ARG A 645 4.12 40.46 5.73
N LYS A 646 4.02 41.11 6.90
CA LYS A 646 5.15 41.70 7.61
C LYS A 646 5.38 40.86 8.87
N VAL A 647 6.65 40.52 9.11
CA VAL A 647 7.03 39.39 9.96
C VAL A 647 6.91 39.70 11.45
N GLY A 648 6.34 40.86 11.78
CA GLY A 648 6.16 41.16 13.18
C GLY A 648 4.73 41.27 13.64
N ASP A 649 3.81 40.68 12.91
CA ASP A 649 2.39 40.79 13.23
C ASP A 649 1.77 39.39 13.24
N ILE A 650 0.45 39.32 13.08
CA ILE A 650 -0.21 38.01 13.00
C ILE A 650 -0.10 37.46 11.59
N ASP A 651 -0.03 36.12 11.51
CA ASP A 651 -0.04 35.40 10.27
C ASP A 651 -1.35 34.62 10.13
N ASN A 652 -1.34 33.59 9.28
CA ASN A 652 -2.46 32.66 9.15
C ASN A 652 -2.96 32.16 10.50
N ARG A 653 -2.04 31.74 11.38
CA ARG A 653 -2.42 31.16 12.68
C ARG A 653 -3.19 32.16 13.53
N GLY A 654 -2.66 33.36 13.68
CA GLY A 654 -3.37 34.39 14.43
C GLY A 654 -4.73 34.73 13.86
N SER A 655 -4.87 34.69 12.54
CA SER A 655 -6.15 35.05 11.92
C SER A 655 -7.26 34.07 12.28
N HIS A 656 -6.92 32.78 12.41
CA HIS A 656 -7.93 31.80 12.81
C HIS A 656 -8.44 32.10 14.20
N PHE A 657 -7.53 32.48 15.12
CA PHE A 657 -7.93 32.89 16.45
C PHE A 657 -8.96 34.02 16.41
N TYR A 658 -8.66 35.08 15.68
CA TYR A 658 -9.59 36.19 15.61
C TYR A 658 -10.93 35.74 15.02
N LEU A 659 -10.90 34.85 14.03
CA LEU A 659 -12.15 34.30 13.49
C LEU A 659 -12.91 33.53 14.56
N ALA A 660 -12.20 32.69 15.32
CA ALA A 660 -12.86 31.92 16.37
C ALA A 660 -13.49 32.84 17.42
N MET A 661 -12.78 33.93 17.77
CA MET A 661 -13.27 34.83 18.81
C MET A 661 -14.53 35.55 18.40
N TYR A 662 -14.60 36.07 17.17
CA TYR A 662 -15.89 36.65 16.85
C TYR A 662 -16.94 35.59 16.55
N TRP A 663 -16.56 34.42 16.02
CA TRP A 663 -17.59 33.41 15.80
C TRP A 663 -18.21 32.99 17.13
N ALA A 664 -17.38 32.79 18.16
CA ALA A 664 -17.90 32.51 19.50
C ALA A 664 -18.77 33.66 20.01
N GLN A 665 -18.33 34.90 19.82
CA GLN A 665 -19.07 36.06 20.33
C GLN A 665 -20.45 36.16 19.69
N ALA A 666 -20.50 36.06 18.36
CA ALA A 666 -21.79 36.22 17.69
C ALA A 666 -22.77 35.13 18.10
N LEU A 667 -22.27 33.99 18.55
CA LEU A 667 -23.14 32.94 19.06
C LEU A 667 -23.45 33.13 20.54
N ALA A 668 -22.48 33.58 21.33
CA ALA A 668 -22.77 33.95 22.72
C ALA A 668 -23.71 35.14 22.79
N ALA A 669 -23.73 35.98 21.75
CA ALA A 669 -24.54 37.20 21.76
C ALA A 669 -25.98 36.93 21.35
N GLN A 670 -26.18 36.19 20.25
CA GLN A 670 -27.52 35.94 19.74
C GLN A 670 -28.40 35.27 20.79
N ASN A 671 -29.71 35.45 20.64
CA ASN A 671 -30.69 34.80 21.52
C ASN A 671 -31.60 33.84 20.77
N GLU A 672 -31.30 33.55 19.50
CA GLU A 672 -32.20 32.74 18.68
C GLU A 672 -32.31 31.32 19.19
N ASP A 673 -31.27 30.83 19.87
CA ASP A 673 -31.26 29.50 20.48
C ASP A 673 -30.56 29.60 21.82
N ALA A 674 -31.27 29.23 22.90
CA ALA A 674 -30.69 29.40 24.23
C ALA A 674 -29.68 28.30 24.51
N GLU A 675 -29.88 27.11 23.95
CA GLU A 675 -28.83 26.12 23.99
C GLU A 675 -27.46 26.63 23.55
N LEU A 676 -27.38 27.16 22.33
CA LEU A 676 -26.08 27.48 21.79
C LEU A 676 -25.53 28.73 22.44
N LYS A 677 -26.44 29.64 22.80
CA LYS A 677 -26.10 30.83 23.56
C LYS A 677 -25.32 30.49 24.82
N ALA A 678 -25.84 29.52 25.59
CA ALA A 678 -25.13 29.09 26.79
C ALA A 678 -23.95 28.21 26.43
N HIS A 679 -24.04 27.49 25.31
CA HIS A 679 -22.99 26.56 24.90
C HIS A 679 -21.67 27.30 24.61
N PHE A 680 -21.74 28.47 23.97
CA PHE A 680 -20.54 29.17 23.54
C PHE A 680 -20.15 30.33 24.43
N ALA A 681 -20.96 30.68 25.43
CA ALA A 681 -20.55 31.70 26.38
C ALA A 681 -19.28 31.35 27.18
N PRO A 682 -19.07 30.10 27.65
CA PRO A 682 -17.81 29.81 28.36
C PRO A 682 -16.57 29.99 27.51
N LEU A 683 -16.65 29.65 26.22
CA LEU A 683 -15.53 29.85 25.31
C LEU A 683 -15.41 31.30 24.83
N ALA A 684 -16.54 31.93 24.49
CA ALA A 684 -16.54 33.28 23.96
C ALA A 684 -15.66 34.22 24.76
N LYS A 685 -16.06 34.50 26.00
CA LYS A 685 -15.37 35.52 26.78
C LYS A 685 -14.00 35.05 27.24
N ALA A 686 -13.81 33.72 27.34
CA ALA A 686 -12.48 33.20 27.69
C ALA A 686 -11.46 33.59 26.63
N LEU A 687 -11.86 33.55 25.35
CA LEU A 687 -10.96 33.96 24.28
C LEU A 687 -10.75 35.47 24.30
N THR A 688 -11.85 36.20 24.53
CA THR A 688 -11.79 37.66 24.57
C THR A 688 -10.74 38.14 25.58
N GLU A 689 -10.94 37.80 26.86
CA GLU A 689 -10.06 38.32 27.91
C GLU A 689 -8.60 37.96 27.65
N GLN A 690 -8.32 36.74 27.18
CA GLN A 690 -6.94 36.27 27.05
C GLN A 690 -6.31 36.65 25.71
N GLU A 691 -6.92 37.62 25.00
CA GLU A 691 -6.56 37.91 23.63
C GLU A 691 -5.10 38.29 23.47
N ALA A 692 -4.55 39.13 24.36
CA ALA A 692 -3.20 39.65 24.13
C ALA A 692 -2.12 38.58 24.29
N THR A 693 -2.25 37.67 25.27
CA THR A 693 -1.19 36.66 25.42
C THR A 693 -1.38 35.48 24.49
N ILE A 694 -2.59 35.29 23.95
CA ILE A 694 -2.74 34.35 22.83
C ILE A 694 -1.92 34.86 21.65
N VAL A 695 -2.14 36.12 21.27
CA VAL A 695 -1.39 36.73 20.17
C VAL A 695 0.10 36.71 20.46
N ALA A 696 0.49 36.97 21.71
CA ALA A 696 1.91 36.98 22.03
C ALA A 696 2.51 35.59 21.93
N GLU A 697 1.73 34.57 22.31
CA GLU A 697 2.22 33.20 22.23
C GLU A 697 2.21 32.67 20.80
N LEU A 698 1.26 33.13 19.98
CA LEU A 698 1.33 32.88 18.54
C LEU A 698 2.55 33.54 17.94
N ASN A 699 2.66 34.86 18.12
CA ASN A 699 3.74 35.62 17.48
C ASN A 699 5.12 35.32 18.05
N ALA A 700 5.23 34.62 19.20
CA ALA A 700 6.56 34.42 19.77
C ALA A 700 7.44 33.51 18.91
N VAL A 701 6.89 32.85 17.89
CA VAL A 701 7.64 31.87 17.12
C VAL A 701 8.45 32.51 15.99
N GLN A 702 8.08 33.72 15.54
CA GLN A 702 8.61 34.26 14.31
C GLN A 702 10.11 34.47 14.39
N GLY A 703 10.82 34.14 13.32
CA GLY A 703 12.25 34.27 13.42
C GLY A 703 12.91 32.91 13.35
N LYS A 704 12.44 32.01 14.18
CA LYS A 704 12.99 30.66 14.33
C LYS A 704 12.59 29.77 13.16
N PRO A 705 13.54 28.98 12.65
CA PRO A 705 13.19 27.95 11.66
C PRO A 705 12.29 26.92 12.30
N ALA A 706 11.40 26.35 11.49
CA ALA A 706 10.44 25.37 11.96
C ALA A 706 10.78 24.05 11.29
N GLU A 707 11.17 23.06 12.08
CA GLU A 707 11.46 21.74 11.54
C GLU A 707 10.20 20.87 11.68
N ILE A 708 9.35 20.95 10.66
CA ILE A 708 8.34 19.93 10.42
C ILE A 708 9.08 18.83 9.68
N GLY A 709 8.74 17.59 9.92
CA GLY A 709 9.66 16.62 9.34
C GLY A 709 9.18 16.12 8.02
N GLY A 710 9.74 16.66 6.93
CA GLY A 710 9.28 16.35 5.60
C GLY A 710 8.53 17.51 4.94
N TYR A 711 8.27 17.31 3.65
CA TYR A 711 7.57 18.27 2.81
C TYR A 711 6.24 17.72 2.32
N TYR A 712 6.26 16.60 1.57
CA TYR A 712 5.06 15.97 1.02
C TYR A 712 4.33 15.06 2.02
N ARG A 713 5.03 14.51 3.00
CA ARG A 713 4.39 13.79 4.11
C ARG A 713 5.17 14.21 5.35
N SER A 714 4.83 15.39 5.82
CA SER A 714 5.40 15.98 7.02
C SER A 714 5.04 15.13 8.22
N ASN A 715 5.81 15.29 9.29
CA ASN A 715 5.53 14.60 10.52
C ASN A 715 4.35 15.24 11.22
N PRO A 716 3.29 14.49 11.51
CA PRO A 716 2.06 15.12 12.01
C PRO A 716 2.20 15.72 13.42
N GLU A 717 2.77 14.96 14.34
CA GLU A 717 3.04 15.49 15.68
C GLU A 717 3.88 16.75 15.63
N LEU A 718 5.01 16.69 14.92
CA LEU A 718 5.88 17.84 14.72
C LEU A 718 5.14 19.00 14.05
N THR A 719 4.43 18.72 12.95
CA THR A 719 3.74 19.77 12.20
C THR A 719 2.62 20.39 13.02
N SER A 720 1.94 19.58 13.84
CA SER A 720 0.78 20.09 14.55
C SER A 720 1.20 21.02 15.69
N LYS A 721 2.38 20.79 16.27
CA LYS A 721 2.86 21.70 17.31
C LYS A 721 3.31 23.03 16.70
N VAL A 722 3.99 22.97 15.54
CA VAL A 722 4.37 24.17 14.78
C VAL A 722 3.16 25.03 14.46
N MET A 723 1.98 24.43 14.28
CA MET A 723 0.80 25.19 13.88
C MET A 723 -0.18 25.46 15.00
N ARG A 724 -0.07 24.78 16.14
CA ARG A 724 -0.98 25.14 17.22
C ARG A 724 -0.21 25.62 18.46
N PRO A 725 0.77 26.53 18.33
CA PRO A 725 1.68 26.81 19.46
C PRO A 725 1.12 27.63 20.62
N SER A 726 -0.06 28.24 20.52
CA SER A 726 -0.64 28.89 21.70
C SER A 726 -1.31 27.84 22.57
N ALA A 727 -0.49 27.18 23.42
CA ALA A 727 -1.02 26.27 24.43
C ALA A 727 -2.14 26.89 25.26
N THR A 728 -2.14 28.22 25.43
CA THR A 728 -3.28 28.88 26.05
C THR A 728 -4.51 28.68 25.18
N PHE A 729 -4.38 29.01 23.89
CA PHE A 729 -5.49 28.94 22.93
C PHE A 729 -5.94 27.50 22.73
N ASN A 730 -5.00 26.56 22.65
CA ASN A 730 -5.33 25.16 22.38
C ASN A 730 -6.30 24.59 23.41
N ALA A 731 -6.07 24.84 24.70
CA ALA A 731 -6.96 24.25 25.68
C ALA A 731 -8.28 24.98 25.80
N ALA A 732 -8.33 26.26 25.43
CA ALA A 732 -9.62 26.92 25.24
C ALA A 732 -10.44 26.20 24.18
N ILE A 733 -9.78 25.78 23.09
CA ILE A 733 -10.47 25.09 21.99
C ILE A 733 -10.65 23.60 22.32
N ASP A 734 -9.65 22.98 22.93
CA ASP A 734 -9.78 21.57 23.32
C ASP A 734 -10.96 21.37 24.26
N SER A 735 -11.18 22.30 25.19
CA SER A 735 -12.20 22.18 26.23
C SER A 735 -13.57 22.68 25.79
N LEU A 736 -13.92 22.54 24.52
CA LEU A 736 -15.27 22.82 24.07
C LEU A 736 -16.11 21.56 23.91
N ALA A 737 -15.50 20.46 23.47
CA ALA A 737 -16.22 19.20 23.32
C ALA A 737 -15.25 18.02 23.46
N SER B 1 15.18 -31.26 39.46
CA SER B 1 14.56 -31.37 38.15
C SER B 1 15.27 -30.45 37.17
N LYS B 2 15.46 -30.92 35.94
CA LYS B 2 16.19 -30.20 34.91
C LYS B 2 15.29 -29.70 33.77
N ILE B 3 15.52 -28.46 33.37
CA ILE B 3 14.82 -27.81 32.27
C ILE B 3 15.84 -27.69 31.16
N THR B 4 15.60 -28.37 30.05
CA THR B 4 16.54 -28.38 28.94
C THR B 4 16.11 -27.31 27.94
N TYR B 5 17.01 -26.37 27.66
CA TYR B 5 16.76 -25.25 26.77
C TYR B 5 17.60 -25.46 25.51
N THR B 6 16.97 -25.26 24.34
CA THR B 6 17.62 -25.57 23.09
C THR B 6 18.31 -24.33 22.52
N PHE B 7 19.58 -24.51 22.15
CA PHE B 7 20.35 -23.47 21.49
C PHE B 7 20.18 -23.69 20.00
N THR B 8 19.49 -22.78 19.32
CA THR B 8 19.11 -23.03 17.95
C THR B 8 19.91 -22.15 16.98
N ASP B 9 19.36 -21.91 15.81
CA ASP B 9 20.07 -21.16 14.79
C ASP B 9 19.55 -19.73 14.79
N GLU B 10 20.38 -18.82 14.27
CA GLU B 10 19.97 -17.48 13.82
C GLU B 10 19.29 -16.68 14.95
N ALA B 11 18.13 -16.07 14.73
CA ALA B 11 17.63 -15.06 15.67
C ALA B 11 17.35 -15.53 17.09
N PRO B 12 16.59 -16.60 17.34
CA PRO B 12 16.40 -17.01 18.74
C PRO B 12 17.70 -17.26 19.47
N ALA B 13 18.75 -17.71 18.75
CA ALA B 13 20.03 -18.02 19.39
C ALA B 13 20.65 -16.77 20.01
N LEU B 14 20.64 -15.64 19.29
CA LEU B 14 21.20 -14.43 19.88
C LEU B 14 20.29 -13.92 20.99
N ALA B 15 18.99 -14.16 20.88
CA ALA B 15 18.08 -13.78 21.97
C ALA B 15 18.41 -14.55 23.24
N THR B 16 18.79 -15.83 23.11
CA THR B 16 19.05 -16.66 24.28
C THR B 16 20.27 -16.19 25.06
N TYR B 17 21.23 -15.55 24.36
CA TYR B 17 22.40 -15.00 25.05
C TYR B 17 21.98 -13.99 26.12
N SER B 18 21.02 -13.12 25.80
CA SER B 18 20.53 -12.24 26.84
C SER B 18 19.61 -12.99 27.81
N LEU B 19 18.71 -13.83 27.28
CA LEU B 19 17.62 -14.36 28.09
C LEU B 19 18.01 -15.55 28.97
N LEU B 20 18.95 -16.41 28.55
CA LEU B 20 19.22 -17.58 29.37
C LEU B 20 19.80 -17.24 30.74
N PRO B 21 20.77 -16.33 30.88
CA PRO B 21 21.25 -15.99 32.24
C PRO B 21 20.15 -15.57 33.21
N ILE B 22 19.21 -14.71 32.79
CA ILE B 22 18.12 -14.29 33.68
C ILE B 22 17.28 -15.50 34.09
N VAL B 23 17.09 -16.45 33.16
CA VAL B 23 16.29 -17.63 33.46
C VAL B 23 16.95 -18.48 34.55
N LYS B 24 18.26 -18.73 34.42
CA LYS B 24 18.95 -19.60 35.39
C LYS B 24 18.86 -19.04 36.81
N ALA B 25 18.99 -17.72 36.95
CA ALA B 25 18.89 -17.09 38.28
C ALA B 25 17.50 -17.27 38.88
N PHE B 26 16.45 -16.80 38.18
CA PHE B 26 15.09 -16.92 38.66
C PHE B 26 14.70 -18.37 38.92
N ALA B 27 15.07 -19.26 37.99
CA ALA B 27 14.70 -20.67 38.08
C ALA B 27 15.36 -21.36 39.27
N ALA B 28 16.63 -21.04 39.55
CA ALA B 28 17.39 -21.66 40.63
C ALA B 28 16.69 -21.51 41.99
N SER B 29 15.97 -20.41 42.22
CA SER B 29 15.23 -20.25 43.46
C SER B 29 14.15 -21.30 43.63
N ALA B 30 13.87 -22.07 42.57
CA ALA B 30 12.95 -23.20 42.64
C ALA B 30 13.65 -24.55 42.58
N GLY B 31 14.96 -24.59 42.85
CA GLY B 31 15.71 -25.83 42.83
C GLY B 31 15.72 -26.52 41.48
N ILE B 32 15.73 -25.77 40.37
CA ILE B 32 15.64 -26.29 39.02
C ILE B 32 16.94 -25.94 38.27
N ASP B 33 17.51 -26.93 37.58
CA ASP B 33 18.71 -26.78 36.77
C ASP B 33 18.36 -26.52 35.32
N VAL B 34 19.08 -25.59 34.70
CA VAL B 34 18.78 -25.10 33.35
C VAL B 34 19.96 -25.40 32.43
N GLU B 35 19.87 -26.50 31.68
CA GLU B 35 20.87 -26.93 30.71
C GLU B 35 20.66 -26.26 29.34
N THR B 36 21.72 -26.26 28.53
CA THR B 36 21.70 -25.79 27.15
C THR B 36 22.05 -26.92 26.20
N SER B 37 21.15 -27.20 25.25
CA SER B 37 21.38 -28.23 24.23
C SER B 37 21.53 -27.59 22.85
N ASP B 38 22.62 -27.91 22.15
CA ASP B 38 22.91 -27.33 20.83
C ASP B 38 22.27 -28.21 19.76
N ILE B 39 21.14 -27.75 19.20
CA ILE B 39 20.40 -28.49 18.19
C ILE B 39 20.53 -27.84 16.81
N SER B 40 21.48 -26.92 16.64
CA SER B 40 21.72 -26.21 15.38
C SER B 40 22.54 -27.04 14.39
N LEU B 41 23.32 -26.34 13.55
CA LEU B 41 24.24 -26.98 12.61
C LEU B 41 25.49 -27.55 13.32
N ALA B 42 25.39 -27.83 14.63
CA ALA B 42 26.37 -28.68 15.30
C ALA B 42 26.27 -30.10 14.77
N GLY B 43 25.08 -30.49 14.32
CA GLY B 43 24.93 -31.74 13.59
C GLY B 43 25.78 -31.80 12.34
N ARG B 44 25.98 -30.65 11.68
CA ARG B 44 26.92 -30.56 10.56
C ARG B 44 28.32 -30.88 11.05
N ILE B 45 28.66 -30.44 12.28
CA ILE B 45 29.88 -30.87 12.94
C ILE B 45 29.71 -32.29 13.51
N LEU B 46 28.53 -32.61 14.08
CA LEU B 46 28.38 -33.92 14.73
C LEU B 46 28.32 -35.10 13.77
N ALA B 47 27.44 -35.06 12.76
CA ALA B 47 27.20 -36.27 11.97
C ALA B 47 28.50 -36.75 11.36
N ASN B 48 29.38 -35.83 11.01
CA ASN B 48 30.70 -36.14 10.49
C ASN B 48 31.80 -35.73 11.49
N PHE B 49 31.98 -36.52 12.56
CA PHE B 49 33.09 -36.33 13.50
C PHE B 49 34.29 -37.18 13.12
N ALA B 50 34.02 -38.46 12.83
CA ALA B 50 35.06 -39.44 12.56
C ALA B 50 36.15 -38.85 11.68
N ASP B 51 35.78 -37.96 10.77
CA ASP B 51 36.73 -37.41 9.82
C ASP B 51 37.72 -36.41 10.43
N ARG B 52 37.31 -35.60 11.43
CA ARG B 52 38.15 -34.47 11.83
C ARG B 52 38.47 -34.39 13.32
N LEU B 53 39.78 -34.33 13.62
CA LEU B 53 40.47 -34.15 14.90
C LEU B 53 39.81 -34.70 16.15
N GLU B 54 40.26 -35.89 16.55
CA GLU B 54 39.75 -36.60 17.72
C GLU B 54 40.08 -35.92 19.06
N ALA B 55 41.26 -35.31 19.18
CA ALA B 55 41.79 -34.96 20.50
C ALA B 55 40.89 -33.98 21.26
N ASP B 56 40.44 -32.89 20.62
CA ASP B 56 39.77 -31.84 21.38
C ASP B 56 38.69 -31.09 20.61
N GLN B 57 38.26 -31.59 19.44
CA GLN B 57 37.28 -30.89 18.63
C GLN B 57 35.92 -31.60 18.55
N ARG B 58 35.68 -32.60 19.39
CA ARG B 58 34.39 -33.28 19.44
C ARG B 58 33.38 -32.50 20.31
N ILE B 59 32.09 -32.71 20.01
CA ILE B 59 31.00 -32.20 20.84
C ILE B 59 29.98 -33.34 21.02
N GLU B 60 29.18 -33.27 22.09
CA GLU B 60 28.33 -34.43 22.39
C GLU B 60 26.82 -34.16 22.40
N ASP B 61 26.34 -33.00 22.85
CA ASP B 61 24.90 -32.80 23.16
C ASP B 61 24.08 -32.51 21.90
N ASP B 62 23.51 -33.57 21.33
CA ASP B 62 22.83 -33.54 20.03
C ASP B 62 21.46 -34.22 20.03
N LEU B 63 20.89 -34.31 18.81
CA LEU B 63 19.56 -34.90 18.60
C LEU B 63 19.39 -36.23 19.35
N ALA B 64 20.41 -37.10 19.32
CA ALA B 64 20.30 -38.40 19.95
C ALA B 64 20.12 -38.28 21.46
N ARG B 65 20.90 -37.40 22.10
CA ARG B 65 20.70 -37.17 23.53
C ARG B 65 19.34 -36.53 23.79
N LEU B 66 18.92 -35.57 22.93
CA LEU B 66 17.57 -35.03 23.03
C LEU B 66 16.52 -36.10 22.75
N ALA B 67 16.81 -37.03 21.83
CA ALA B 67 15.86 -38.09 21.50
C ALA B 67 15.72 -39.11 22.64
N VAL B 68 16.80 -39.37 23.37
CA VAL B 68 16.67 -40.25 24.52
C VAL B 68 16.06 -39.51 25.71
N LEU B 69 16.39 -38.22 25.89
CA LEU B 69 15.78 -37.45 26.97
C LEU B 69 14.25 -37.44 26.84
N ALA B 70 13.76 -37.41 25.60
CA ALA B 70 12.33 -37.47 25.33
C ALA B 70 11.72 -38.82 25.73
N THR B 71 12.54 -39.87 25.83
CA THR B 71 12.03 -41.16 26.28
C THR B 71 11.96 -41.24 27.81
N SER B 72 12.65 -40.35 28.53
CA SER B 72 12.60 -40.30 29.98
C SER B 72 11.35 -39.55 30.46
N PRO B 73 10.77 -39.96 31.60
CA PRO B 73 9.65 -39.21 32.18
C PRO B 73 10.09 -37.96 32.93
N ASP B 74 11.39 -37.64 32.87
CA ASP B 74 11.97 -36.48 33.52
C ASP B 74 12.29 -35.37 32.53
N ALA B 75 11.81 -35.49 31.29
CA ALA B 75 12.12 -34.50 30.25
C ALA B 75 11.34 -33.20 30.47
N ASN B 76 12.01 -32.06 30.25
CA ASN B 76 11.38 -30.74 30.30
C ASN B 76 12.19 -29.84 29.37
N ILE B 77 11.76 -29.75 28.12
CA ILE B 77 12.54 -29.14 27.05
C ILE B 77 11.83 -27.86 26.63
N ILE B 78 12.61 -26.89 26.16
CA ILE B 78 12.09 -25.69 25.51
C ILE B 78 12.74 -25.56 24.14
N LYS B 79 11.93 -25.70 23.09
CA LYS B 79 12.38 -25.85 21.70
C LYS B 79 12.02 -24.58 20.94
N LEU B 80 13.05 -23.89 20.44
CA LEU B 80 12.96 -22.67 19.66
C LEU B 80 13.14 -22.95 18.17
N PRO B 81 12.69 -22.06 17.28
CA PRO B 81 12.76 -22.36 15.84
C PRO B 81 14.20 -22.37 15.29
N ASN B 82 14.45 -23.28 14.36
CA ASN B 82 15.77 -23.44 13.73
C ASN B 82 15.57 -23.81 12.26
N ILE B 83 16.65 -23.66 11.45
CA ILE B 83 16.54 -23.78 10.00
C ILE B 83 16.18 -25.21 9.59
N SER B 84 15.23 -25.33 8.64
CA SER B 84 14.77 -26.62 8.11
C SER B 84 14.79 -26.76 6.58
N ALA B 85 13.83 -27.55 6.06
CA ALA B 85 13.79 -28.06 4.70
C ALA B 85 13.18 -27.08 3.68
N SER B 86 13.77 -27.06 2.48
CA SER B 86 13.24 -26.43 1.26
C SER B 86 14.18 -26.85 0.12
N VAL B 87 13.91 -26.35 -1.09
CA VAL B 87 14.75 -26.75 -2.22
C VAL B 87 15.77 -25.67 -2.64
N PRO B 88 15.41 -24.59 -3.37
CA PRO B 88 16.48 -23.66 -3.82
C PRO B 88 17.28 -22.97 -2.72
N GLN B 89 16.70 -22.66 -1.55
CA GLN B 89 17.46 -21.95 -0.52
C GLN B 89 18.65 -22.77 -0.03
N LEU B 90 18.54 -24.11 -0.07
CA LEU B 90 19.70 -24.96 0.17
C LEU B 90 20.83 -24.62 -0.79
N LYS B 91 20.49 -24.39 -2.07
CA LYS B 91 21.48 -23.88 -3.01
C LYS B 91 22.05 -22.56 -2.54
N GLY B 92 21.23 -21.76 -1.84
CA GLY B 92 21.75 -20.59 -1.15
C GLY B 92 22.60 -20.96 0.06
N ALA B 93 22.30 -22.09 0.71
CA ALA B 93 23.13 -22.56 1.80
C ALA B 93 24.50 -22.97 1.28
N ILE B 94 24.55 -23.72 0.18
CA ILE B 94 25.83 -24.05 -0.43
C ILE B 94 26.50 -22.79 -1.01
N ALA B 95 25.72 -21.90 -1.66
CA ALA B 95 26.30 -20.75 -2.34
C ALA B 95 26.86 -19.72 -1.36
N GLU B 96 26.20 -19.53 -0.20
CA GLU B 96 26.75 -18.59 0.79
C GLU B 96 27.90 -19.20 1.56
N LEU B 97 27.78 -20.48 1.96
CA LEU B 97 28.88 -21.16 2.65
C LEU B 97 30.12 -21.22 1.76
N GLN B 98 29.93 -21.46 0.45
CA GLN B 98 31.05 -21.47 -0.49
C GLN B 98 31.77 -20.12 -0.55
N GLY B 99 31.02 -19.02 -0.51
CA GLY B 99 31.60 -17.69 -0.51
C GLY B 99 32.27 -17.28 0.78
N LEU B 100 32.24 -18.13 1.82
CA LEU B 100 32.95 -17.91 3.07
C LEU B 100 34.21 -18.79 3.21
N GLY B 101 34.40 -19.74 2.30
CA GLY B 101 35.55 -20.65 2.32
C GLY B 101 35.23 -22.13 2.51
N TYR B 102 33.99 -22.51 2.82
CA TYR B 102 33.60 -23.91 3.03
C TYR B 102 33.33 -24.63 1.70
N LYS B 103 33.89 -25.83 1.54
CA LYS B 103 33.74 -26.66 0.33
C LYS B 103 32.83 -27.87 0.56
N VAL B 104 31.52 -27.64 0.57
CA VAL B 104 30.53 -28.72 0.59
C VAL B 104 29.97 -28.88 -0.82
N PRO B 105 29.66 -30.10 -1.28
CA PRO B 105 29.40 -30.29 -2.72
C PRO B 105 28.15 -29.56 -3.21
N ASP B 106 28.21 -29.14 -4.48
CA ASP B 106 27.10 -28.46 -5.14
C ASP B 106 25.89 -29.40 -5.27
N PHE B 107 24.69 -28.80 -5.38
CA PHE B 107 23.50 -29.62 -5.59
C PHE B 107 23.39 -30.04 -7.05
N PRO B 108 23.30 -31.33 -7.34
CA PRO B 108 23.20 -31.78 -8.74
C PRO B 108 21.76 -31.98 -9.18
N GLU B 109 21.19 -31.04 -9.95
CA GLU B 109 19.86 -31.27 -10.48
C GLU B 109 19.85 -32.43 -11.47
N ASP B 110 20.96 -32.63 -12.20
CA ASP B 110 21.18 -33.88 -12.90
C ASP B 110 22.48 -34.49 -12.36
N PRO B 111 22.42 -35.55 -11.57
CA PRO B 111 23.64 -36.13 -10.98
C PRO B 111 24.26 -37.14 -11.94
N GLN B 112 25.38 -36.76 -12.55
CA GLN B 112 26.09 -37.59 -13.52
C GLN B 112 27.22 -38.39 -12.86
N THR B 113 28.06 -37.75 -12.04
CA THR B 113 29.18 -38.42 -11.40
C THR B 113 28.77 -39.04 -10.05
N ASP B 114 29.60 -39.97 -9.56
CA ASP B 114 29.20 -40.84 -8.45
C ASP B 114 30.37 -41.15 -7.51
N GLU B 115 31.15 -40.13 -7.13
CA GLU B 115 32.29 -40.32 -6.21
C GLU B 115 31.85 -40.37 -4.75
N GLU B 116 32.11 -41.51 -4.09
CA GLU B 116 31.97 -41.70 -2.63
C GLU B 116 30.68 -41.13 -2.06
N LYS B 117 29.56 -41.70 -2.48
CA LYS B 117 28.27 -41.18 -2.05
C LYS B 117 27.93 -41.48 -0.59
N GLU B 118 28.76 -42.21 0.17
CA GLU B 118 28.44 -42.42 1.58
C GLU B 118 28.55 -41.13 2.38
N VAL B 119 29.47 -40.25 1.99
CA VAL B 119 29.50 -38.91 2.56
C VAL B 119 28.23 -38.15 2.14
N ARG B 120 27.79 -38.36 0.91
CA ARG B 120 26.53 -37.78 0.43
C ARG B 120 25.36 -38.19 1.32
N ALA B 121 25.23 -39.49 1.59
CA ALA B 121 24.12 -39.99 2.41
C ALA B 121 24.20 -39.51 3.86
N ARG B 122 25.40 -39.41 4.42
CA ARG B 122 25.53 -38.90 5.78
C ARG B 122 25.04 -37.46 5.87
N TYR B 123 25.40 -36.63 4.89
CA TYR B 123 24.90 -35.27 4.88
C TYR B 123 23.38 -35.25 4.67
N ALA B 124 22.86 -36.12 3.80
CA ALA B 124 21.46 -36.08 3.40
C ALA B 124 20.50 -36.14 4.59
N LYS B 125 20.86 -36.88 5.65
CA LYS B 125 19.96 -37.03 6.79
C LYS B 125 19.69 -35.70 7.49
N ILE B 126 20.66 -34.79 7.52
CA ILE B 126 20.52 -33.52 8.23
C ILE B 126 19.94 -32.39 7.38
N LEU B 127 19.87 -32.57 6.06
CA LEU B 127 19.64 -31.41 5.19
C LEU B 127 18.22 -30.85 5.31
N GLY B 128 17.21 -31.71 5.41
CA GLY B 128 15.84 -31.25 5.53
C GLY B 128 15.46 -30.78 6.92
N SER B 129 14.17 -30.89 7.24
CA SER B 129 13.65 -30.56 8.56
C SER B 129 13.86 -31.82 9.41
N ALA B 130 15.08 -31.95 9.90
CA ALA B 130 15.51 -33.13 10.63
C ALA B 130 15.25 -33.06 12.13
N VAL B 131 14.81 -31.92 12.65
CA VAL B 131 14.65 -31.81 14.10
C VAL B 131 13.24 -32.17 14.54
N ASN B 132 12.22 -31.54 13.94
CA ASN B 132 10.84 -31.72 14.41
C ASN B 132 10.35 -33.16 14.38
N PRO B 133 10.55 -33.94 13.31
CA PRO B 133 10.11 -35.35 13.38
C PRO B 133 10.84 -36.17 14.41
N VAL B 134 12.10 -35.82 14.73
CA VAL B 134 12.83 -36.58 15.73
C VAL B 134 12.52 -36.12 17.15
N LEU B 135 12.21 -34.83 17.34
CA LEU B 135 11.92 -34.27 18.65
C LEU B 135 10.46 -34.42 19.08
N ARG B 136 9.51 -34.38 18.13
CA ARG B 136 8.08 -34.42 18.45
C ARG B 136 7.65 -35.86 18.73
N GLU B 137 7.90 -36.29 19.98
CA GLU B 137 7.59 -37.64 20.41
C GLU B 137 6.48 -37.61 21.45
N GLY B 138 5.51 -36.74 21.20
CA GLY B 138 4.21 -36.71 21.83
C GLY B 138 3.31 -35.95 20.88
N ASN B 139 2.06 -35.79 21.29
CA ASN B 139 1.09 -35.11 20.44
C ASN B 139 1.10 -33.60 20.72
N SER B 140 0.17 -32.86 20.10
CA SER B 140 0.18 -31.39 20.16
C SER B 140 -1.03 -30.82 20.90
N ASP B 141 -0.77 -29.94 21.85
CA ASP B 141 -1.80 -29.15 22.54
C ASP B 141 -1.48 -27.69 22.24
N ARG B 142 -2.24 -27.07 21.34
CA ARG B 142 -1.94 -25.74 20.81
C ARG B 142 -3.14 -24.85 21.03
N ARG B 143 -2.91 -23.69 21.63
CA ARG B 143 -4.06 -22.86 22.00
C ARG B 143 -3.56 -21.44 22.29
N ALA B 144 -4.47 -20.49 22.18
CA ALA B 144 -4.10 -19.10 22.42
C ALA B 144 -4.03 -18.84 23.92
N PRO B 145 -2.94 -18.27 24.42
CA PRO B 145 -2.88 -17.94 25.85
C PRO B 145 -3.86 -16.83 26.18
N ALA B 146 -4.44 -16.91 27.38
CA ALA B 146 -5.45 -15.95 27.80
C ALA B 146 -4.95 -14.51 27.67
N ALA B 147 -3.67 -14.26 28.01
CA ALA B 147 -3.13 -12.91 27.97
C ALA B 147 -3.15 -12.35 26.56
N VAL B 148 -2.79 -13.17 25.58
CA VAL B 148 -2.77 -12.72 24.19
C VAL B 148 -4.19 -12.52 23.67
N LYS B 149 -5.10 -13.41 24.06
CA LYS B 149 -6.51 -13.28 23.71
C LYS B 149 -7.12 -12.00 24.30
N ALA B 150 -6.91 -11.76 25.60
CA ALA B 150 -7.43 -10.54 26.24
C ALA B 150 -6.89 -9.28 25.56
N TYR B 151 -5.61 -9.28 25.20
CA TYR B 151 -5.05 -8.13 24.51
C TYR B 151 -5.74 -7.90 23.17
N ALA B 152 -6.01 -8.98 22.43
CA ALA B 152 -6.62 -8.88 21.11
C ALA B 152 -8.03 -8.27 21.17
N ARG B 153 -8.76 -8.54 22.27
CA ARG B 153 -10.08 -7.94 22.46
C ARG B 153 -9.98 -6.43 22.68
N LYS B 154 -8.96 -5.99 23.44
CA LYS B 154 -8.73 -4.56 23.65
C LYS B 154 -8.10 -3.88 22.43
N HIS B 155 -7.34 -4.62 21.63
CA HIS B 155 -6.62 -4.04 20.50
C HIS B 155 -6.87 -4.92 19.28
N PRO B 156 -8.04 -4.80 18.66
CA PRO B 156 -8.36 -5.67 17.52
C PRO B 156 -7.51 -5.32 16.31
N HIS B 157 -7.06 -6.36 15.62
CA HIS B 157 -6.37 -6.20 14.34
C HIS B 157 -7.40 -6.00 13.21
N SER B 158 -6.95 -5.45 12.09
CA SER B 158 -7.85 -5.22 10.99
C SER B 158 -8.30 -6.55 10.37
N MET B 159 -9.56 -6.58 9.93
CA MET B 159 -10.17 -7.72 9.25
C MET B 159 -10.96 -7.18 8.06
N GLY B 160 -10.67 -7.68 6.86
CA GLY B 160 -11.33 -7.17 5.66
C GLY B 160 -12.84 -7.40 5.67
N LYS B 161 -13.56 -6.40 5.19
CA LYS B 161 -15.00 -6.49 5.03
C LYS B 161 -15.34 -7.51 3.94
N TRP B 162 -16.36 -8.34 4.17
CA TRP B 162 -16.76 -9.36 3.21
C TRP B 162 -18.08 -8.98 2.52
N SER B 163 -18.14 -9.21 1.21
CA SER B 163 -19.34 -8.98 0.43
C SER B 163 -20.13 -10.27 0.19
N MET B 164 -21.45 -10.17 0.27
CA MET B 164 -22.27 -11.34 -0.06
C MET B 164 -22.18 -11.68 -1.54
N ALA B 165 -21.69 -10.76 -2.37
CA ALA B 165 -21.58 -10.98 -3.81
C ALA B 165 -20.18 -11.40 -4.23
N SER B 166 -19.28 -11.64 -3.29
CA SER B 166 -17.95 -12.13 -3.65
C SER B 166 -18.04 -13.39 -4.52
N ARG B 167 -17.16 -13.46 -5.51
CA ARG B 167 -17.06 -14.63 -6.37
C ARG B 167 -15.91 -15.55 -5.97
N SER B 168 -15.19 -15.20 -4.90
CA SER B 168 -14.09 -16.05 -4.44
C SER B 168 -14.61 -17.41 -4.02
N HIS B 169 -13.79 -18.45 -4.19
CA HIS B 169 -14.14 -19.81 -3.78
C HIS B 169 -12.91 -20.69 -3.89
N ALA B 170 -12.98 -21.87 -3.29
CA ALA B 170 -11.93 -22.88 -3.42
C ALA B 170 -12.35 -23.95 -4.42
N ASP B 171 -11.42 -24.34 -5.30
CA ASP B 171 -11.67 -25.37 -6.30
C ASP B 171 -10.69 -26.52 -6.11
N TYR B 172 -11.15 -27.75 -6.31
CA TYR B 172 -10.37 -28.94 -6.00
C TYR B 172 -10.89 -30.10 -6.85
N MET B 173 -10.11 -31.18 -6.87
CA MET B 173 -10.40 -32.27 -7.79
C MET B 173 -11.62 -33.08 -7.33
N ARG B 174 -12.44 -33.49 -8.31
CA ARG B 174 -13.59 -34.38 -8.10
C ARG B 174 -13.26 -35.64 -8.89
N GLY B 175 -12.62 -36.61 -8.24
CA GLY B 175 -12.11 -37.79 -8.91
C GLY B 175 -10.64 -37.62 -9.26
N GLY B 176 -9.84 -38.68 -9.08
CA GLY B 176 -8.46 -38.72 -9.57
C GLY B 176 -7.38 -38.21 -8.63
N ASP B 177 -7.73 -37.90 -7.38
CA ASP B 177 -6.75 -37.44 -6.41
C ASP B 177 -6.66 -38.49 -5.29
N PHE B 178 -5.92 -38.18 -4.23
CA PHE B 178 -5.71 -39.15 -3.14
C PHE B 178 -7.05 -39.59 -2.52
N PHE B 179 -7.89 -38.62 -2.14
CA PHE B 179 -9.21 -38.92 -1.59
C PHE B 179 -9.97 -39.96 -2.43
N SER B 180 -9.83 -39.89 -3.77
CA SER B 180 -10.50 -40.83 -4.66
C SER B 180 -10.00 -42.26 -4.52
N SER B 181 -8.72 -42.44 -4.18
CA SER B 181 -8.11 -43.76 -4.26
C SER B 181 -7.66 -44.29 -2.92
N GLU B 182 -7.94 -43.59 -1.82
CA GLU B 182 -7.40 -43.99 -0.54
C GLU B 182 -7.92 -45.39 -0.16
N GLN B 183 -7.00 -46.24 0.30
CA GLN B 183 -7.30 -47.53 0.94
C GLN B 183 -6.48 -47.60 2.23
N SER B 184 -6.91 -48.42 3.18
CA SER B 184 -6.22 -48.42 4.47
C SER B 184 -6.50 -49.70 5.25
N ILE B 185 -5.48 -50.22 5.96
CA ILE B 185 -5.57 -51.44 6.78
C ILE B 185 -4.99 -51.25 8.19
N THR B 186 -5.41 -52.10 9.12
CA THR B 186 -4.87 -52.19 10.48
C THR B 186 -4.34 -53.60 10.74
N MET B 187 -3.06 -53.71 11.11
CA MET B 187 -2.43 -55.03 11.32
C MET B 187 -2.98 -55.74 12.55
N ALA B 188 -3.44 -56.98 12.34
CA ALA B 188 -4.00 -57.73 13.46
C ALA B 188 -2.90 -58.15 14.41
N LYS B 189 -1.73 -58.46 13.87
CA LYS B 189 -0.52 -58.87 14.58
C LYS B 189 0.65 -58.25 13.86
N ALA B 190 1.74 -58.02 14.59
CA ALA B 190 2.98 -57.49 14.00
C ALA B 190 3.42 -58.35 12.84
N GLY B 191 4.21 -57.79 11.94
CA GLY B 191 4.66 -58.52 10.78
C GLY B 191 5.27 -57.57 9.76
N ASP B 192 5.94 -58.16 8.79
CA ASP B 192 6.53 -57.41 7.69
C ASP B 192 5.54 -57.30 6.52
N VAL B 193 5.77 -56.30 5.65
CA VAL B 193 5.01 -56.10 4.43
C VAL B 193 5.97 -55.51 3.40
N ARG B 194 5.66 -55.70 2.11
CA ARG B 194 6.46 -55.10 1.04
C ARG B 194 5.55 -54.40 0.03
N ILE B 195 6.04 -53.28 -0.51
CA ILE B 195 5.31 -52.44 -1.45
C ILE B 195 5.77 -52.82 -2.86
N GLU B 196 4.91 -53.45 -3.66
CA GLU B 196 5.36 -54.06 -4.90
C GLU B 196 4.79 -53.33 -6.10
N PHE B 197 5.49 -53.44 -7.23
CA PHE B 197 5.05 -52.91 -8.51
C PHE B 197 5.03 -54.02 -9.55
N VAL B 198 3.90 -54.20 -10.21
CA VAL B 198 3.72 -55.25 -11.20
C VAL B 198 3.47 -54.62 -12.57
N GLY B 199 4.45 -54.77 -13.47
CA GLY B 199 4.37 -54.24 -14.82
C GLY B 199 3.49 -55.07 -15.74
N LYS B 200 3.42 -54.64 -17.00
CA LYS B 200 2.46 -55.24 -17.94
C LYS B 200 2.86 -56.66 -18.30
N ASP B 201 4.16 -56.94 -18.43
CA ASP B 201 4.58 -58.31 -18.67
C ASP B 201 4.35 -59.24 -17.48
N GLY B 202 4.22 -58.70 -16.28
CA GLY B 202 3.97 -59.51 -15.09
C GLY B 202 5.13 -59.55 -14.11
N LYS B 203 6.23 -58.86 -14.42
CA LYS B 203 7.43 -58.85 -13.59
C LYS B 203 7.21 -58.03 -12.31
N VAL B 204 7.64 -58.56 -11.18
CA VAL B 204 7.41 -57.98 -9.86
C VAL B 204 8.70 -57.35 -9.35
N GLU B 205 8.61 -56.09 -8.88
CA GLU B 205 9.71 -55.29 -8.35
C GLU B 205 9.29 -54.75 -6.98
N VAL B 206 10.12 -54.97 -5.96
CA VAL B 206 9.67 -54.73 -4.58
C VAL B 206 9.70 -53.28 -4.07
N LYS B 207 10.42 -52.36 -4.68
CA LYS B 207 10.41 -50.96 -4.21
C LYS B 207 10.72 -50.69 -2.74
N LYS B 208 10.09 -51.38 -1.78
CA LYS B 208 10.41 -51.17 -0.37
C LYS B 208 9.84 -52.29 0.48
N GLN B 209 10.50 -52.56 1.61
CA GLN B 209 9.97 -53.48 2.63
C GLN B 209 9.93 -52.77 3.99
N LEU B 210 9.00 -53.20 4.85
CA LEU B 210 8.68 -52.50 6.08
C LEU B 210 8.34 -53.46 7.21
N SER B 211 8.67 -53.07 8.43
CA SER B 211 8.26 -53.82 9.61
C SER B 211 7.26 -52.98 10.39
N LEU B 212 6.11 -53.56 10.71
CA LEU B 212 5.02 -52.81 11.31
C LEU B 212 4.60 -53.40 12.64
N GLN B 213 4.28 -52.50 13.58
CA GLN B 213 3.88 -52.89 14.92
C GLN B 213 2.49 -53.52 14.87
N GLU B 214 1.99 -53.95 16.04
CA GLU B 214 0.74 -54.70 16.02
C GLU B 214 -0.39 -53.81 15.51
N GLY B 215 -0.80 -52.83 16.28
CA GLY B 215 -2.01 -52.13 15.87
C GLY B 215 -1.82 -51.04 14.84
N GLU B 216 -0.90 -51.24 13.89
CA GLU B 216 -0.49 -50.14 13.03
C GLU B 216 -1.45 -49.97 11.86
N VAL B 217 -1.78 -48.70 11.57
CA VAL B 217 -2.62 -48.33 10.45
C VAL B 217 -1.71 -47.97 9.28
N LEU B 218 -1.97 -48.55 8.12
CA LEU B 218 -1.15 -48.31 6.94
C LEU B 218 -2.06 -47.94 5.78
N ASP B 219 -1.75 -46.82 5.11
CA ASP B 219 -2.60 -46.29 4.04
C ASP B 219 -1.85 -46.35 2.74
N SER B 220 -2.61 -46.19 1.67
CA SER B 220 -2.11 -46.28 0.32
C SER B 220 -3.00 -45.41 -0.57
N MET B 221 -2.41 -44.73 -1.56
CA MET B 221 -3.18 -43.81 -2.40
C MET B 221 -2.39 -43.43 -3.65
N PHE B 222 -3.08 -42.87 -4.64
CA PHE B 222 -2.37 -42.36 -5.81
C PHE B 222 -3.13 -41.20 -6.46
N MET B 223 -2.38 -40.42 -7.25
CA MET B 223 -2.92 -39.30 -8.03
C MET B 223 -2.67 -39.57 -9.49
N SER B 224 -3.71 -39.39 -10.31
CA SER B 224 -3.63 -39.57 -11.75
C SER B 224 -3.13 -38.28 -12.37
N CYS B 225 -1.91 -38.29 -12.91
CA CYS B 225 -1.37 -37.08 -13.48
C CYS B 225 -2.16 -36.64 -14.73
N GLY B 226 -2.79 -37.57 -15.46
CA GLY B 226 -3.63 -37.17 -16.58
C GLY B 226 -4.84 -36.35 -16.14
N LYS B 227 -5.58 -36.85 -15.16
CA LYS B 227 -6.72 -36.09 -14.64
C LYS B 227 -6.27 -34.79 -13.98
N LEU B 228 -5.04 -34.77 -13.43
CA LEU B 228 -4.54 -33.56 -12.78
C LEU B 228 -4.40 -32.44 -13.78
N ARG B 229 -3.78 -32.75 -14.92
CA ARG B 229 -3.57 -31.77 -15.98
C ARG B 229 -4.91 -31.32 -16.57
N ASP B 230 -5.85 -32.25 -16.78
CA ASP B 230 -7.19 -31.85 -17.21
C ASP B 230 -7.82 -30.87 -16.24
N PHE B 231 -7.79 -31.21 -14.95
CA PHE B 231 -8.37 -30.33 -13.94
C PHE B 231 -7.79 -28.93 -14.03
N PHE B 232 -6.46 -28.82 -14.09
CA PHE B 232 -5.85 -27.50 -14.24
C PHE B 232 -6.40 -26.80 -15.47
N GLU B 233 -6.50 -27.51 -16.59
CA GLU B 233 -6.98 -26.89 -17.82
C GLU B 233 -8.41 -26.37 -17.63
N LYS B 234 -9.28 -27.19 -17.03
CA LYS B 234 -10.67 -26.76 -16.79
C LYS B 234 -10.72 -25.59 -15.81
N THR B 235 -9.83 -25.56 -14.85
CA THR B 235 -9.84 -24.49 -13.88
C THR B 235 -9.40 -23.17 -14.51
N LEU B 236 -8.46 -23.20 -15.46
CA LEU B 236 -8.02 -21.99 -16.13
C LEU B 236 -9.08 -21.46 -17.10
N GLN B 237 -9.68 -22.36 -17.88
CA GLN B 237 -10.75 -21.93 -18.77
C GLN B 237 -11.90 -21.31 -17.98
N ASP B 238 -12.24 -21.90 -16.83
CA ASP B 238 -13.33 -21.34 -16.02
C ASP B 238 -13.00 -19.94 -15.53
N CYS B 239 -11.76 -19.70 -15.10
CA CYS B 239 -11.39 -18.35 -14.70
C CYS B 239 -11.46 -17.39 -15.88
N LYS B 240 -11.09 -17.85 -17.07
CA LYS B 240 -11.14 -16.97 -18.22
C LYS B 240 -12.57 -16.59 -18.57
N GLU B 241 -13.48 -17.56 -18.63
CA GLU B 241 -14.86 -17.27 -18.97
C GLU B 241 -15.49 -16.33 -17.98
N THR B 242 -15.09 -16.44 -16.73
CA THR B 242 -15.79 -15.84 -15.64
C THR B 242 -15.21 -14.48 -15.25
N GLY B 243 -13.97 -14.18 -15.63
CA GLY B 243 -13.31 -12.97 -15.17
C GLY B 243 -12.69 -13.03 -13.78
N VAL B 244 -12.60 -14.20 -13.16
CA VAL B 244 -12.07 -14.34 -11.80
C VAL B 244 -10.59 -14.75 -11.86
N MET B 245 -9.79 -14.16 -10.99
CA MET B 245 -8.35 -14.39 -10.96
C MET B 245 -8.02 -15.80 -10.44
N TRP B 246 -7.08 -16.46 -11.12
CA TRP B 246 -6.63 -17.81 -10.80
C TRP B 246 -5.50 -17.78 -9.78
N SER B 247 -5.48 -18.74 -8.87
CA SER B 247 -4.35 -18.85 -7.93
C SER B 247 -4.16 -20.31 -7.56
N LEU B 248 -2.95 -20.65 -7.07
CA LEU B 248 -2.59 -22.01 -6.72
C LEU B 248 -2.05 -22.04 -5.30
N HIS B 249 -2.55 -22.97 -4.48
CA HIS B 249 -2.19 -23.09 -3.04
C HIS B 249 -1.78 -24.53 -2.68
N VAL B 250 -0.47 -24.84 -2.77
CA VAL B 250 0.06 -26.13 -2.32
C VAL B 250 1.14 -25.92 -1.26
N LYS B 251 1.81 -27.02 -0.85
CA LYS B 251 2.92 -26.98 0.11
C LYS B 251 4.17 -27.67 -0.50
N ALA B 252 4.79 -27.00 -1.47
CA ALA B 252 5.97 -27.54 -2.14
C ALA B 252 7.19 -27.67 -1.23
N THR B 253 7.18 -27.03 -0.05
CA THR B 253 8.25 -27.17 0.93
C THR B 253 8.26 -28.51 1.68
N MET B 254 7.23 -28.79 2.48
CA MET B 254 7.30 -29.91 3.42
C MET B 254 7.37 -31.26 2.73
N MET B 255 6.42 -31.54 1.85
CA MET B 255 6.40 -32.82 1.16
C MET B 255 7.22 -32.63 -0.10
N LYS B 256 8.52 -32.90 0.05
CA LYS B 256 9.48 -32.68 -1.01
C LYS B 256 9.10 -33.39 -2.30
N ILE B 257 8.27 -34.45 -2.26
CA ILE B 257 8.11 -35.27 -3.45
C ILE B 257 6.85 -34.95 -4.27
N SER B 258 5.65 -35.12 -3.69
CA SER B 258 4.43 -34.99 -4.50
C SER B 258 4.12 -33.52 -4.87
N HIS B 259 4.11 -32.61 -3.91
CA HIS B 259 3.65 -31.27 -4.26
C HIS B 259 4.56 -30.54 -5.26
N PRO B 260 5.89 -30.77 -5.28
CA PRO B 260 6.69 -30.23 -6.41
C PRO B 260 6.29 -30.78 -7.76
N ILE B 261 5.93 -32.07 -7.83
CA ILE B 261 5.42 -32.63 -9.08
C ILE B 261 4.12 -31.93 -9.48
N VAL B 262 3.18 -31.82 -8.53
CA VAL B 262 1.92 -31.14 -8.81
C VAL B 262 2.19 -29.73 -9.31
N PHE B 263 3.06 -29.01 -8.61
CA PHE B 263 3.43 -27.65 -9.00
C PHE B 263 3.99 -27.58 -10.42
N GLY B 264 4.87 -28.53 -10.77
CA GLY B 264 5.44 -28.50 -12.11
C GLY B 264 4.39 -28.66 -13.18
N HIS B 265 3.38 -29.49 -12.92
CA HIS B 265 2.27 -29.66 -13.87
C HIS B 265 1.46 -28.37 -14.03
N ALA B 266 1.26 -27.61 -12.94
CA ALA B 266 0.57 -26.33 -13.09
C ALA B 266 1.37 -25.38 -13.97
N VAL B 267 2.69 -25.33 -13.76
CA VAL B 267 3.57 -24.53 -14.62
C VAL B 267 3.51 -25.04 -16.05
N SER B 268 3.76 -26.34 -16.22
CA SER B 268 3.73 -26.96 -17.54
C SER B 268 2.38 -26.76 -18.25
N VAL B 269 1.26 -26.89 -17.52
CA VAL B 269 -0.06 -26.68 -18.15
C VAL B 269 -0.30 -25.19 -18.44
N TYR B 270 0.00 -24.32 -17.48
CA TYR B 270 -0.32 -22.90 -17.69
C TYR B 270 0.41 -22.34 -18.90
N TYR B 271 1.72 -22.56 -18.96
CA TYR B 271 2.54 -22.15 -20.09
C TYR B 271 2.64 -23.22 -21.18
N LYS B 272 1.55 -23.96 -21.39
CA LYS B 272 1.55 -25.06 -22.35
C LYS B 272 1.93 -24.60 -23.76
N ASP B 273 1.46 -23.42 -24.17
CA ASP B 273 1.78 -22.95 -25.52
C ASP B 273 3.26 -22.62 -25.68
N VAL B 274 3.93 -22.18 -24.60
CA VAL B 274 5.36 -21.95 -24.64
C VAL B 274 6.14 -23.26 -24.62
N PHE B 275 5.80 -24.18 -23.71
CA PHE B 275 6.53 -25.45 -23.64
C PHE B 275 6.36 -26.31 -24.90
N ASP B 276 5.28 -26.13 -25.66
CA ASP B 276 5.11 -26.87 -26.90
C ASP B 276 6.03 -26.34 -28.00
N LYS B 277 6.20 -25.02 -28.11
CA LYS B 277 7.06 -24.50 -29.17
C LYS B 277 8.53 -24.70 -28.84
N TRP B 278 8.97 -24.36 -27.63
CA TRP B 278 10.36 -24.42 -27.24
C TRP B 278 10.67 -25.64 -26.38
N GLY B 279 9.90 -26.72 -26.57
CA GLY B 279 10.09 -27.92 -25.76
C GLY B 279 11.47 -28.54 -25.90
N GLN B 280 11.90 -28.77 -27.14
CA GLN B 280 13.21 -29.41 -27.33
C GLN B 280 14.33 -28.52 -26.82
N LEU B 281 14.30 -27.24 -27.21
CA LEU B 281 15.30 -26.27 -26.77
C LEU B 281 15.34 -26.16 -25.25
N PHE B 282 14.17 -26.27 -24.61
CA PHE B 282 14.12 -26.17 -23.15
C PHE B 282 14.79 -27.36 -22.48
N GLU B 283 14.57 -28.58 -22.99
CA GLU B 283 15.17 -29.73 -22.32
C GLU B 283 16.69 -29.69 -22.36
N GLU B 284 17.26 -29.21 -23.47
CA GLU B 284 18.71 -29.06 -23.54
C GLU B 284 19.24 -28.07 -22.50
N LEU B 285 18.52 -26.96 -22.29
CA LEU B 285 19.02 -25.96 -21.35
C LEU B 285 18.90 -26.40 -19.89
N GLY B 286 18.15 -27.46 -19.62
CA GLY B 286 18.02 -28.00 -18.27
C GLY B 286 16.90 -27.45 -17.41
N VAL B 287 15.87 -26.83 -18.03
CA VAL B 287 14.78 -26.22 -17.26
C VAL B 287 13.91 -27.29 -16.60
N ASN B 288 13.60 -27.08 -15.32
CA ASN B 288 12.77 -27.99 -14.54
C ASN B 288 11.50 -27.27 -14.10
N PRO B 289 10.34 -27.53 -14.70
CA PRO B 289 9.14 -26.78 -14.32
C PRO B 289 8.75 -26.95 -12.88
N ASN B 290 9.16 -28.05 -12.22
CA ASN B 290 8.94 -28.18 -10.79
C ASN B 290 9.62 -27.09 -9.99
N ASN B 291 10.47 -26.29 -10.64
CA ASN B 291 11.13 -25.14 -10.04
C ASN B 291 10.42 -23.83 -10.38
N GLY B 292 9.29 -23.90 -11.10
CA GLY B 292 8.54 -22.70 -11.46
C GLY B 292 8.92 -22.18 -12.84
N ILE B 293 8.18 -21.15 -13.28
CA ILE B 293 8.56 -20.48 -14.51
C ILE B 293 9.88 -19.74 -14.34
N SER B 294 10.35 -19.54 -13.10
CA SER B 294 11.65 -18.93 -12.92
C SER B 294 12.74 -19.74 -13.61
N SER B 295 12.58 -21.07 -13.63
CA SER B 295 13.53 -21.95 -14.30
C SER B 295 13.76 -21.52 -15.74
N VAL B 296 12.67 -21.22 -16.46
CA VAL B 296 12.83 -20.71 -17.83
C VAL B 296 13.54 -19.37 -17.82
N TYR B 297 13.12 -18.45 -16.93
CA TYR B 297 13.73 -17.13 -16.90
C TYR B 297 15.22 -17.21 -16.65
N ASP B 298 15.65 -18.15 -15.82
CA ASP B 298 17.07 -18.28 -15.49
C ASP B 298 17.87 -18.84 -16.67
N LYS B 299 17.49 -20.02 -17.17
CA LYS B 299 18.35 -20.69 -18.12
C LYS B 299 18.37 -20.03 -19.49
N ILE B 300 17.38 -19.20 -19.81
CA ILE B 300 17.45 -18.52 -21.11
C ILE B 300 18.46 -17.38 -21.10
N LYS B 301 19.08 -17.08 -19.95
CA LYS B 301 20.04 -15.98 -19.87
C LYS B 301 21.28 -16.25 -20.70
N SER B 302 21.69 -17.52 -20.79
CA SER B 302 22.87 -17.91 -21.56
C SER B 302 22.68 -17.77 -23.07
N LEU B 303 21.54 -17.30 -23.54
CA LEU B 303 21.27 -17.19 -24.96
C LEU B 303 21.46 -15.76 -25.44
N PRO B 304 21.48 -15.55 -26.76
CA PRO B 304 21.60 -14.19 -27.29
C PRO B 304 20.29 -13.44 -27.27
N ALA B 305 20.39 -12.14 -27.00
CA ALA B 305 19.21 -11.32 -26.88
C ALA B 305 18.20 -11.52 -28.02
N SER B 306 18.61 -11.83 -29.26
CA SER B 306 17.56 -12.01 -30.28
C SER B 306 16.52 -13.05 -29.88
N GLN B 307 16.98 -14.24 -29.50
CA GLN B 307 16.02 -15.30 -29.26
C GLN B 307 15.49 -15.24 -27.84
N GLN B 308 16.26 -14.64 -26.92
CA GLN B 308 15.72 -14.33 -25.60
C GLN B 308 14.46 -13.48 -25.72
N GLU B 309 14.50 -12.47 -26.60
CA GLU B 309 13.31 -11.67 -26.87
C GLU B 309 12.20 -12.50 -27.49
N GLU B 310 12.57 -13.45 -28.36
CA GLU B 310 11.57 -14.27 -29.02
C GLU B 310 10.74 -15.08 -28.03
N ILE B 311 11.37 -15.52 -26.94
CA ILE B 311 10.68 -16.35 -25.95
C ILE B 311 9.77 -15.49 -25.08
N LEU B 312 10.30 -14.38 -24.57
CA LEU B 312 9.50 -13.52 -23.71
C LEU B 312 8.30 -12.97 -24.45
N HIS B 313 8.38 -12.86 -25.77
CA HIS B 313 7.21 -12.38 -26.48
C HIS B 313 6.14 -13.47 -26.55
N ASP B 314 6.57 -14.73 -26.72
CA ASP B 314 5.62 -15.83 -26.73
C ASP B 314 5.01 -16.05 -25.34
N ILE B 315 5.76 -15.70 -24.29
CA ILE B 315 5.21 -15.75 -22.94
C ILE B 315 4.15 -14.66 -22.75
N HIS B 316 4.47 -13.43 -23.17
CA HIS B 316 3.49 -12.35 -23.24
C HIS B 316 2.21 -12.81 -23.93
N GLU B 317 2.34 -13.65 -24.95
CA GLU B 317 1.16 -14.16 -25.63
C GLU B 317 0.43 -15.20 -24.81
N VAL B 318 1.11 -15.84 -23.84
CA VAL B 318 0.45 -16.75 -22.92
C VAL B 318 -0.42 -15.96 -21.94
N TYR B 319 0.13 -14.87 -21.41
CA TYR B 319 -0.57 -14.01 -20.49
C TYR B 319 -1.76 -13.30 -21.12
N SER B 320 -1.91 -13.33 -22.43
CA SER B 320 -3.07 -12.74 -23.06
C SER B 320 -4.11 -13.78 -23.49
N HIS B 321 -3.79 -15.07 -23.39
CA HIS B 321 -4.73 -16.14 -23.68
C HIS B 321 -5.18 -16.87 -22.41
N ARG B 322 -4.39 -16.79 -21.34
CA ARG B 322 -4.69 -17.35 -20.04
C ARG B 322 -5.33 -16.31 -19.13
N PRO B 323 -6.03 -16.74 -18.09
CA PRO B 323 -6.57 -15.78 -17.12
C PRO B 323 -5.45 -15.14 -16.32
N GLU B 324 -5.75 -13.99 -15.74
CA GLU B 324 -4.85 -13.35 -14.80
C GLU B 324 -4.60 -14.27 -13.60
N MET B 325 -3.42 -14.16 -12.98
CA MET B 325 -3.15 -14.95 -11.79
C MET B 325 -2.57 -14.08 -10.67
N ALA B 326 -2.66 -14.59 -9.44
CA ALA B 326 -2.28 -13.79 -8.28
C ALA B 326 -0.80 -13.54 -8.27
N MET B 327 -0.40 -12.44 -7.63
CA MET B 327 0.98 -11.93 -7.69
C MET B 327 1.69 -12.00 -6.35
N VAL B 328 2.90 -12.55 -6.36
CA VAL B 328 3.76 -12.54 -5.19
C VAL B 328 4.39 -11.15 -4.99
N ASP B 329 4.80 -10.50 -6.07
CA ASP B 329 5.30 -9.14 -6.03
C ASP B 329 4.84 -8.46 -7.31
N SER B 330 3.85 -7.58 -7.21
CA SER B 330 3.22 -7.01 -8.40
C SER B 330 4.19 -6.17 -9.21
N VAL B 331 4.95 -5.29 -8.53
CA VAL B 331 5.92 -4.39 -9.17
C VAL B 331 6.94 -5.17 -9.98
N LYS B 332 7.60 -6.16 -9.35
CA LYS B 332 8.67 -6.92 -9.97
C LYS B 332 8.20 -8.05 -10.88
N GLY B 333 6.89 -8.28 -11.03
CA GLY B 333 6.38 -9.28 -11.95
C GLY B 333 6.46 -10.74 -11.52
N ILE B 334 6.68 -11.01 -10.23
CA ILE B 334 6.76 -12.37 -9.73
C ILE B 334 5.36 -12.93 -9.53
N THR B 335 5.06 -14.01 -10.23
CA THR B 335 3.76 -14.66 -10.28
C THR B 335 3.68 -15.75 -9.21
N ASN B 336 2.44 -16.22 -8.99
CA ASN B 336 2.18 -17.35 -8.11
C ASN B 336 3.01 -18.57 -8.53
N LEU B 337 3.12 -18.78 -9.83
CA LEU B 337 3.85 -19.89 -10.43
C LEU B 337 5.33 -19.59 -10.66
N HIS B 338 5.87 -18.55 -10.02
CA HIS B 338 7.27 -18.20 -10.29
C HIS B 338 8.22 -19.19 -9.60
N ILE B 339 8.11 -19.32 -8.28
CA ILE B 339 8.89 -20.34 -7.56
C ILE B 339 7.99 -21.03 -6.54
N PRO B 340 8.22 -22.34 -6.32
CA PRO B 340 7.21 -23.14 -5.63
C PRO B 340 7.03 -22.82 -4.16
N SER B 341 8.01 -22.24 -3.50
CA SER B 341 7.91 -22.05 -2.06
C SER B 341 7.36 -20.68 -1.66
N ASP B 342 6.94 -19.86 -2.64
CA ASP B 342 6.38 -18.53 -2.34
C ASP B 342 5.10 -18.67 -1.54
N VAL B 343 4.13 -19.39 -2.10
CA VAL B 343 2.75 -19.45 -1.65
C VAL B 343 2.55 -20.81 -1.00
N ILE B 344 2.46 -20.84 0.33
CA ILE B 344 2.27 -22.10 1.07
C ILE B 344 0.88 -22.13 1.71
N VAL B 345 0.04 -23.06 1.22
CA VAL B 345 -1.39 -23.22 1.52
C VAL B 345 -1.75 -22.92 2.97
N ASP B 346 -0.99 -23.44 3.95
CA ASP B 346 -1.38 -23.28 5.35
C ASP B 346 -1.27 -21.83 5.82
N ALA B 347 -0.37 -21.02 5.23
CA ALA B 347 -0.30 -19.58 5.50
C ALA B 347 -1.10 -18.72 4.49
N SER B 348 -1.12 -19.12 3.21
CA SER B 348 -1.70 -18.28 2.17
C SER B 348 -3.24 -18.25 2.23
N MET B 349 -3.90 -19.39 2.52
CA MET B 349 -5.35 -19.46 2.56
C MET B 349 -5.93 -18.65 3.73
N PRO B 350 -5.32 -18.70 4.92
CA PRO B 350 -5.74 -17.75 5.96
C PRO B 350 -5.54 -16.30 5.56
N ALA B 351 -4.40 -15.99 4.95
CA ALA B 351 -4.14 -14.64 4.48
C ALA B 351 -5.23 -14.18 3.51
N MET B 352 -5.63 -15.05 2.58
CA MET B 352 -6.64 -14.70 1.58
C MET B 352 -7.99 -14.46 2.26
N ILE B 353 -8.39 -15.35 3.15
CA ILE B 353 -9.70 -15.25 3.78
C ILE B 353 -9.79 -13.99 4.64
N ARG B 354 -8.77 -13.71 5.45
CA ARG B 354 -8.77 -12.51 6.29
C ARG B 354 -8.85 -11.24 5.45
N ASN B 355 -8.24 -11.26 4.27
CA ASN B 355 -8.23 -10.14 3.34
C ASN B 355 -9.45 -10.14 2.39
N SER B 356 -10.65 -10.24 2.95
CA SER B 356 -11.89 -10.18 2.16
C SER B 356 -11.99 -11.29 1.10
N GLY B 357 -11.22 -12.38 1.25
CA GLY B 357 -11.20 -13.45 0.26
C GLY B 357 -10.49 -13.10 -1.03
N GLN B 358 -9.54 -12.16 -0.98
CA GLN B 358 -8.92 -11.59 -2.17
C GLN B 358 -7.39 -11.66 -2.10
N MET B 359 -6.79 -11.72 -3.29
CA MET B 359 -5.34 -11.71 -3.46
C MET B 359 -4.99 -10.59 -4.44
N TRP B 360 -3.70 -10.28 -4.55
CA TRP B 360 -3.22 -9.18 -5.39
C TRP B 360 -2.96 -9.64 -6.82
N GLY B 361 -3.30 -8.78 -7.79
CA GLY B 361 -3.10 -9.04 -9.20
C GLY B 361 -2.00 -8.18 -9.80
N LYS B 362 -1.92 -8.23 -11.15
CA LYS B 362 -0.94 -7.46 -11.92
C LYS B 362 -0.91 -5.99 -11.58
N ASP B 363 -2.09 -5.38 -11.46
CA ASP B 363 -2.11 -3.93 -11.30
C ASP B 363 -1.89 -3.50 -9.87
N GLY B 364 -1.65 -4.42 -8.94
CA GLY B 364 -1.53 -4.04 -7.54
C GLY B 364 -2.83 -3.90 -6.80
N LYS B 365 -3.94 -4.37 -7.37
CA LYS B 365 -5.26 -4.34 -6.76
C LYS B 365 -5.66 -5.71 -6.20
N GLN B 366 -6.46 -5.69 -5.13
CA GLN B 366 -7.06 -6.92 -4.62
C GLN B 366 -8.31 -7.25 -5.42
N LYS B 367 -8.50 -8.53 -5.72
CA LYS B 367 -9.68 -8.95 -6.46
C LYS B 367 -10.04 -10.37 -6.07
N ASP B 368 -11.27 -10.78 -6.37
CA ASP B 368 -11.72 -12.10 -5.99
C ASP B 368 -10.90 -13.17 -6.70
N THR B 369 -10.84 -14.37 -6.13
CA THR B 369 -10.00 -15.39 -6.74
C THR B 369 -10.57 -16.79 -6.53
N LYS B 370 -10.34 -17.65 -7.51
CA LYS B 370 -10.52 -19.09 -7.39
C LYS B 370 -9.23 -19.67 -6.81
N ALA B 371 -9.25 -20.10 -5.57
CA ALA B 371 -8.06 -20.70 -4.94
C ALA B 371 -8.02 -22.18 -5.29
N VAL B 372 -7.15 -22.56 -6.23
CA VAL B 372 -7.03 -23.95 -6.66
C VAL B 372 -6.18 -24.74 -5.67
N MET B 373 -6.70 -25.86 -5.19
CA MET B 373 -5.98 -26.79 -4.33
C MET B 373 -6.32 -28.19 -4.85
N PRO B 374 -5.47 -28.78 -5.70
CA PRO B 374 -5.89 -30.02 -6.38
C PRO B 374 -6.38 -31.14 -5.46
N GLU B 375 -5.69 -31.42 -4.37
CA GLU B 375 -6.08 -32.50 -3.47
C GLU B 375 -7.29 -32.05 -2.65
N SER B 376 -8.41 -32.77 -2.83
CA SER B 376 -9.67 -32.45 -2.18
C SER B 376 -9.70 -32.81 -0.70
N THR B 377 -8.79 -33.68 -0.25
CA THR B 377 -8.88 -34.21 1.11
C THR B 377 -9.04 -33.08 2.11
N TYR B 378 -8.20 -32.05 2.01
CA TYR B 378 -8.27 -30.94 2.95
C TYR B 378 -8.74 -29.63 2.32
N ALA B 379 -9.01 -29.63 1.00
CA ALA B 379 -9.44 -28.41 0.34
C ALA B 379 -10.81 -27.95 0.83
N ARG B 380 -11.72 -28.89 1.10
CA ARG B 380 -13.14 -28.55 1.24
C ARG B 380 -13.41 -27.64 2.45
N ILE B 381 -12.64 -27.78 3.54
CA ILE B 381 -12.92 -26.97 4.74
C ILE B 381 -12.72 -25.50 4.44
N TYR B 382 -11.83 -25.17 3.51
CA TYR B 382 -11.69 -23.79 3.09
C TYR B 382 -12.93 -23.26 2.38
N GLN B 383 -13.57 -24.08 1.53
CA GLN B 383 -14.80 -23.61 0.90
C GLN B 383 -15.89 -23.35 1.94
N GLU B 384 -15.92 -24.14 3.03
CA GLU B 384 -16.93 -23.94 4.05
C GLU B 384 -16.71 -22.63 4.80
N MET B 385 -15.45 -22.23 4.99
CA MET B 385 -15.19 -20.97 5.67
C MET B 385 -15.43 -19.78 4.76
N ILE B 386 -15.06 -19.88 3.47
CA ILE B 386 -15.38 -18.83 2.51
C ILE B 386 -16.89 -18.58 2.44
N ASN B 387 -17.66 -19.66 2.33
CA ASN B 387 -19.12 -19.48 2.37
C ASN B 387 -19.56 -18.90 3.71
N PHE B 388 -18.89 -19.24 4.81
CA PHE B 388 -19.32 -18.73 6.10
C PHE B 388 -19.10 -17.22 6.23
N CYS B 389 -18.00 -16.72 5.71
CA CYS B 389 -17.77 -15.29 5.79
C CYS B 389 -18.64 -14.52 4.78
N LYS B 390 -18.86 -15.07 3.57
CA LYS B 390 -19.77 -14.43 2.62
C LYS B 390 -21.13 -14.21 3.26
N THR B 391 -21.62 -15.21 4.02
CA THR B 391 -22.96 -15.17 4.62
C THR B 391 -23.00 -14.35 5.92
N ASN B 392 -22.02 -14.48 6.81
CA ASN B 392 -22.08 -13.83 8.12
C ASN B 392 -21.15 -12.63 8.27
N GLY B 393 -20.36 -12.29 7.24
CA GLY B 393 -19.44 -11.19 7.37
C GLY B 393 -18.13 -11.61 8.01
N ALA B 394 -17.24 -10.64 8.18
CA ALA B 394 -15.93 -10.91 8.72
C ALA B 394 -16.01 -11.31 10.20
N PHE B 395 -15.02 -12.10 10.65
CA PHE B 395 -14.93 -12.43 12.07
C PHE B 395 -14.57 -11.18 12.87
N ASP B 396 -14.99 -11.18 14.14
CA ASP B 396 -14.84 -10.04 15.03
C ASP B 396 -13.99 -10.40 16.24
N PRO B 397 -12.70 -10.09 16.24
CA PRO B 397 -11.85 -10.44 17.40
C PRO B 397 -12.32 -9.82 18.70
N THR B 398 -13.13 -8.77 18.61
CA THR B 398 -13.70 -8.18 19.81
C THR B 398 -14.61 -9.17 20.55
N THR B 399 -15.38 -10.01 19.81
CA THR B 399 -16.34 -10.92 20.43
C THR B 399 -16.19 -12.42 20.13
N MET B 400 -15.31 -12.86 19.21
CA MET B 400 -15.24 -14.28 18.85
C MET B 400 -14.82 -15.17 20.03
N GLY B 401 -15.19 -16.44 19.93
CA GLY B 401 -14.62 -17.49 20.76
C GLY B 401 -13.26 -17.97 20.28
N SER B 402 -12.93 -19.22 20.61
CA SER B 402 -11.62 -19.77 20.29
C SER B 402 -11.78 -21.23 19.89
N VAL B 403 -10.97 -21.65 18.93
CA VAL B 403 -10.93 -23.04 18.52
C VAL B 403 -9.52 -23.55 18.72
N PRO B 404 -9.19 -24.06 19.90
CA PRO B 404 -7.87 -24.69 20.11
C PRO B 404 -7.84 -26.06 19.45
N ASN B 405 -6.64 -26.66 19.38
CA ASN B 405 -6.44 -27.91 18.66
C ASN B 405 -5.65 -28.93 19.49
N VAL B 406 -6.16 -30.16 19.49
CA VAL B 406 -5.51 -31.36 20.02
C VAL B 406 -5.16 -32.21 18.82
N GLY B 407 -3.85 -32.35 18.54
CA GLY B 407 -3.39 -32.87 17.27
C GLY B 407 -2.46 -34.09 17.30
N LEU B 408 -2.79 -35.08 16.47
CA LEU B 408 -2.10 -36.37 16.37
C LEU B 408 -0.85 -36.25 15.52
N MET B 409 0.33 -36.25 16.16
CA MET B 409 1.57 -36.14 15.38
C MET B 409 2.72 -37.02 15.84
N ALA B 410 2.64 -37.66 17.00
CA ALA B 410 3.78 -38.36 17.56
C ALA B 410 4.27 -39.48 16.64
N GLN B 411 5.60 -39.58 16.51
CA GLN B 411 6.29 -40.63 15.74
C GLN B 411 5.96 -40.57 14.24
N LYS B 412 6.03 -39.36 13.67
CA LYS B 412 5.79 -39.11 12.25
C LYS B 412 4.43 -39.67 11.79
N ALA B 413 3.39 -39.28 12.53
CA ALA B 413 2.06 -39.81 12.28
C ALA B 413 1.55 -39.42 10.89
N GLU B 414 0.77 -40.33 10.30
CA GLU B 414 -0.02 -40.12 9.07
C GLU B 414 0.92 -39.66 7.96
N GLU B 415 0.56 -38.63 7.19
CA GLU B 415 1.28 -38.26 5.99
C GLU B 415 2.73 -37.86 6.23
N TYR B 416 3.11 -37.57 7.48
CA TYR B 416 4.38 -36.89 7.73
C TYR B 416 5.61 -37.78 7.62
N GLY B 417 5.48 -39.08 7.76
CA GLY B 417 6.70 -39.84 7.57
C GLY B 417 6.76 -40.54 6.23
N SER B 418 5.96 -40.09 5.26
CA SER B 418 5.67 -40.87 4.08
C SER B 418 6.65 -40.66 2.92
N HIS B 419 7.70 -39.85 3.11
CA HIS B 419 8.56 -39.48 2.00
C HIS B 419 9.43 -40.66 1.51
N ASP B 420 9.85 -41.57 2.40
CA ASP B 420 10.49 -42.78 1.90
C ASP B 420 9.51 -43.76 1.25
N LYS B 421 8.22 -43.46 1.23
CA LYS B 421 7.20 -44.37 0.69
C LYS B 421 6.45 -43.77 -0.49
N THR B 422 7.09 -42.88 -1.26
CA THR B 422 6.42 -42.11 -2.31
C THR B 422 7.19 -42.27 -3.61
N PHE B 423 6.50 -42.68 -4.67
CA PHE B 423 7.13 -42.91 -5.96
C PHE B 423 6.32 -42.30 -7.09
N GLU B 424 7.03 -41.80 -8.11
CA GLU B 424 6.46 -41.29 -9.36
C GLU B 424 6.65 -42.34 -10.45
N MET B 425 5.54 -42.96 -10.87
CA MET B 425 5.55 -44.06 -11.85
C MET B 425 6.30 -43.78 -13.17
N THR B 426 7.19 -44.69 -13.54
CA THR B 426 7.86 -44.59 -14.84
C THR B 426 7.26 -45.52 -15.87
N ALA B 427 6.25 -46.32 -15.48
CA ALA B 427 5.65 -47.29 -16.39
C ALA B 427 4.20 -47.54 -15.99
N ASP B 428 3.44 -48.11 -16.93
CA ASP B 428 2.07 -48.57 -16.66
C ASP B 428 2.08 -49.88 -15.90
N GLY B 429 1.21 -50.01 -14.89
CA GLY B 429 1.20 -51.25 -14.15
C GLY B 429 0.30 -51.18 -12.93
N THR B 430 0.68 -51.92 -11.90
CA THR B 430 -0.06 -52.00 -10.66
C THR B 430 0.90 -51.76 -9.50
N MET B 431 0.40 -51.15 -8.44
CA MET B 431 1.13 -51.02 -7.18
C MET B 431 0.28 -51.70 -6.11
N ARG B 432 0.91 -52.53 -5.28
CA ARG B 432 0.18 -53.25 -4.26
C ARG B 432 1.01 -53.33 -2.98
N VAL B 433 0.35 -53.78 -1.91
CA VAL B 433 0.96 -54.00 -0.61
C VAL B 433 0.59 -55.40 -0.16
N VAL B 434 1.59 -56.26 0.05
CA VAL B 434 1.36 -57.67 0.40
C VAL B 434 2.00 -57.98 1.75
N LEU B 435 1.44 -58.98 2.43
CA LEU B 435 1.81 -59.40 3.78
C LEU B 435 3.12 -60.19 3.85
N ALA B 436 3.77 -60.48 2.72
CA ALA B 436 5.02 -61.23 2.58
C ALA B 436 4.78 -62.73 2.67
N ASP B 437 3.62 -63.18 3.12
CA ASP B 437 3.13 -64.51 2.81
C ASP B 437 2.36 -64.50 1.52
N GLY B 438 2.42 -63.37 0.79
CA GLY B 438 1.80 -63.18 -0.49
C GLY B 438 0.44 -62.51 -0.44
N SER B 439 -0.24 -62.56 0.72
CA SER B 439 -1.60 -62.02 0.84
C SER B 439 -1.62 -60.53 0.52
N VAL B 440 -2.50 -60.15 -0.38
CA VAL B 440 -2.60 -58.78 -0.87
C VAL B 440 -3.43 -57.94 0.09
N LEU B 441 -2.88 -56.81 0.51
CA LEU B 441 -3.53 -55.88 1.45
C LEU B 441 -4.23 -54.70 0.76
N MET B 442 -3.61 -54.12 -0.27
CA MET B 442 -4.12 -52.95 -0.99
C MET B 442 -3.59 -53.01 -2.41
N GLN B 443 -4.27 -52.31 -3.33
CA GLN B 443 -4.09 -52.52 -4.75
C GLN B 443 -4.52 -51.28 -5.53
N HIS B 444 -3.75 -50.92 -6.57
CA HIS B 444 -4.06 -49.78 -7.44
C HIS B 444 -3.50 -49.98 -8.85
N LYS B 445 -4.33 -49.87 -9.86
CA LYS B 445 -3.81 -49.76 -11.21
C LYS B 445 -3.37 -48.33 -11.43
N VAL B 446 -2.19 -48.16 -12.06
CA VAL B 446 -1.54 -46.85 -12.17
C VAL B 446 -0.98 -46.65 -13.57
N GLU B 447 -0.74 -45.39 -13.91
CA GLU B 447 -0.19 -45.02 -15.20
C GLU B 447 1.06 -44.17 -15.03
N THR B 448 1.83 -44.08 -16.13
CA THR B 448 3.09 -43.34 -16.14
C THR B 448 2.89 -41.88 -15.74
N GLY B 449 3.73 -41.40 -14.82
CA GLY B 449 3.64 -40.06 -14.30
C GLY B 449 2.81 -39.90 -13.02
N ASP B 450 2.13 -40.94 -12.57
CA ASP B 450 1.24 -40.86 -11.42
C ASP B 450 2.05 -40.84 -10.14
N ILE B 451 1.43 -40.36 -9.06
CA ILE B 451 2.09 -40.28 -7.77
C ILE B 451 1.38 -41.26 -6.86
N TRP B 452 2.14 -42.24 -6.35
CA TRP B 452 1.65 -43.25 -5.42
C TRP B 452 2.42 -43.14 -4.13
N ARG B 453 1.76 -43.39 -3.00
CA ARG B 453 2.46 -43.29 -1.72
C ARG B 453 1.70 -44.01 -0.62
N ALA B 454 2.42 -44.36 0.46
CA ALA B 454 1.84 -45.03 1.63
C ALA B 454 2.23 -44.29 2.91
N CYS B 455 1.47 -44.53 3.98
CA CYS B 455 1.62 -43.77 5.23
C CYS B 455 1.41 -44.66 6.44
N GLN B 456 2.13 -44.38 7.53
CA GLN B 456 2.07 -45.18 8.75
C GLN B 456 1.66 -44.37 9.96
N THR B 457 0.80 -44.95 10.79
CA THR B 457 0.43 -44.36 12.07
C THR B 457 0.38 -45.45 13.13
N LYS B 458 1.01 -45.21 14.28
CA LYS B 458 1.22 -46.22 15.30
C LYS B 458 0.18 -46.11 16.42
N ASP B 459 -0.15 -47.27 17.01
CA ASP B 459 -1.28 -47.34 17.93
C ASP B 459 -0.99 -46.62 19.22
N ALA B 460 0.26 -46.57 19.66
CA ALA B 460 0.57 -45.87 20.89
C ALA B 460 0.28 -44.38 20.80
N PRO B 461 0.79 -43.64 19.78
CA PRO B 461 0.38 -42.23 19.65
C PRO B 461 -1.11 -42.03 19.55
N ILE B 462 -1.83 -42.96 18.93
CA ILE B 462 -3.27 -42.79 18.83
C ILE B 462 -3.90 -42.86 20.21
N ARG B 463 -3.50 -43.85 21.02
CA ARG B 463 -4.02 -43.96 22.38
C ARG B 463 -3.73 -42.69 23.18
N ASP B 464 -2.51 -42.17 23.07
CA ASP B 464 -2.17 -40.92 23.76
C ASP B 464 -2.99 -39.76 23.23
N TRP B 465 -3.20 -39.71 21.90
CA TRP B 465 -4.02 -38.68 21.29
C TRP B 465 -5.39 -38.63 21.93
N VAL B 466 -6.12 -39.75 21.92
CA VAL B 466 -7.45 -39.80 22.52
C VAL B 466 -7.40 -39.36 23.97
N LYS B 467 -6.36 -39.77 24.69
CA LYS B 467 -6.26 -39.39 26.10
C LYS B 467 -6.16 -37.88 26.27
N LEU B 468 -5.33 -37.23 25.44
CA LEU B 468 -5.13 -35.77 25.54
C LEU B 468 -6.40 -35.01 25.17
N ALA B 469 -7.18 -35.54 24.23
CA ALA B 469 -8.44 -34.90 23.89
C ALA B 469 -9.39 -34.89 25.09
N VAL B 470 -9.48 -35.99 25.83
CA VAL B 470 -10.44 -36.03 26.94
C VAL B 470 -9.97 -35.14 28.10
N THR B 471 -8.66 -35.13 28.39
CA THR B 471 -8.13 -34.27 29.44
C THR B 471 -8.44 -32.80 29.17
N ARG B 472 -8.19 -32.35 27.93
CA ARG B 472 -8.46 -30.96 27.56
C ARG B 472 -9.94 -30.62 27.66
N ALA B 473 -10.82 -31.54 27.24
CA ALA B 473 -12.25 -31.31 27.37
C ALA B 473 -12.66 -31.12 28.84
N ARG B 474 -12.14 -31.98 29.71
CA ARG B 474 -12.50 -31.91 31.13
C ARG B 474 -11.93 -30.65 31.77
N GLN B 475 -10.67 -30.33 31.47
CA GLN B 475 -9.98 -29.27 32.18
C GLN B 475 -10.48 -27.89 31.79
N SER B 476 -10.72 -27.64 30.51
CA SER B 476 -11.26 -26.35 30.09
C SER B 476 -12.79 -26.30 30.06
N ASP B 477 -13.47 -27.42 30.29
CA ASP B 477 -14.94 -27.46 30.32
C ASP B 477 -15.51 -26.89 29.02
N THR B 478 -15.19 -27.60 27.93
CA THR B 478 -15.40 -27.14 26.59
C THR B 478 -15.69 -28.38 25.75
N PRO B 479 -16.71 -28.37 24.89
CA PRO B 479 -16.93 -29.53 24.02
C PRO B 479 -15.75 -29.72 23.05
N ALA B 480 -15.53 -30.97 22.65
CA ALA B 480 -14.47 -31.29 21.70
C ALA B 480 -15.03 -32.19 20.61
N ILE B 481 -14.63 -31.95 19.37
CA ILE B 481 -15.13 -32.72 18.23
C ILE B 481 -13.95 -33.43 17.59
N PHE B 482 -14.11 -34.74 17.38
CA PHE B 482 -13.16 -35.54 16.63
C PHE B 482 -13.46 -35.32 15.15
N TRP B 483 -12.53 -34.68 14.42
CA TRP B 483 -12.71 -34.46 12.99
C TRP B 483 -12.31 -35.73 12.25
N LEU B 484 -13.29 -36.58 11.90
CA LEU B 484 -13.04 -37.80 11.14
C LEU B 484 -14.03 -37.91 9.98
N ASP B 485 -13.51 -38.12 8.77
CA ASP B 485 -14.31 -38.14 7.54
C ASP B 485 -14.81 -39.56 7.26
N PRO B 486 -16.12 -39.80 7.23
CA PRO B 486 -16.62 -41.17 7.00
C PRO B 486 -16.35 -41.71 5.60
N GLU B 487 -15.95 -40.89 4.63
CA GLU B 487 -15.69 -41.37 3.28
C GLU B 487 -14.21 -41.63 3.03
N ARG B 488 -13.38 -41.56 4.07
CA ARG B 488 -11.95 -41.83 3.97
C ARG B 488 -11.65 -43.14 4.69
N ALA B 489 -11.03 -44.09 3.95
CA ALA B 489 -10.68 -45.38 4.55
C ALA B 489 -9.79 -45.20 5.78
N HIS B 490 -8.78 -44.34 5.68
CA HIS B 490 -7.92 -44.09 6.82
C HIS B 490 -8.71 -43.60 8.03
N ASP B 491 -9.66 -42.67 7.82
CA ASP B 491 -10.39 -42.18 8.99
C ASP B 491 -11.35 -43.24 9.53
N ARG B 492 -11.77 -44.20 8.69
CA ARG B 492 -12.55 -45.32 9.20
C ARG B 492 -11.70 -46.21 10.10
N GLU B 493 -10.44 -46.45 9.73
CA GLU B 493 -9.54 -47.15 10.65
C GLU B 493 -9.36 -46.35 11.94
N LEU B 494 -9.11 -45.04 11.81
CA LEU B 494 -8.95 -44.23 13.00
C LEU B 494 -10.18 -44.27 13.89
N ARG B 495 -11.38 -44.31 13.28
CA ARG B 495 -12.61 -44.16 14.06
C ARG B 495 -12.88 -45.41 14.91
N LYS B 496 -12.58 -46.61 14.37
CA LYS B 496 -12.65 -47.82 15.18
C LYS B 496 -11.87 -47.66 16.47
N LYS B 497 -10.63 -47.17 16.37
CA LYS B 497 -9.82 -47.01 17.57
C LYS B 497 -10.41 -45.96 18.50
N VAL B 498 -10.90 -44.84 17.96
CA VAL B 498 -11.41 -43.77 18.82
C VAL B 498 -12.62 -44.26 19.60
N GLU B 499 -13.57 -44.92 18.92
CA GLU B 499 -14.75 -45.42 19.59
C GLU B 499 -14.39 -46.44 20.68
N LEU B 500 -13.38 -47.27 20.42
CA LEU B 500 -12.89 -48.23 21.40
C LEU B 500 -12.28 -47.51 22.60
N TYR B 501 -11.27 -46.67 22.36
CA TYR B 501 -10.54 -46.08 23.47
C TYR B 501 -11.28 -44.99 24.22
N LEU B 502 -12.37 -44.40 23.72
CA LEU B 502 -13.03 -43.47 24.66
C LEU B 502 -13.69 -44.26 25.80
N LYS B 503 -14.04 -45.51 25.54
CA LYS B 503 -14.65 -46.33 26.57
C LYS B 503 -13.69 -46.59 27.71
N ASP B 504 -12.38 -46.50 27.47
CA ASP B 504 -11.42 -46.56 28.57
C ASP B 504 -11.41 -45.30 29.43
N HIS B 505 -12.29 -44.33 29.18
CA HIS B 505 -12.26 -43.07 29.91
C HIS B 505 -13.67 -42.69 30.35
N ASP B 506 -13.73 -41.83 31.37
CA ASP B 506 -14.98 -41.41 32.00
C ASP B 506 -15.41 -40.06 31.43
N LEU B 507 -16.57 -40.04 30.78
CA LEU B 507 -17.05 -38.86 30.07
C LEU B 507 -18.02 -38.05 30.91
N THR B 508 -17.80 -37.98 32.22
CA THR B 508 -18.80 -37.38 33.11
C THR B 508 -18.84 -35.87 32.91
N GLY B 509 -19.97 -35.35 32.44
CA GLY B 509 -20.08 -33.92 32.24
C GLY B 509 -19.32 -33.41 31.05
N LEU B 510 -19.10 -34.26 30.05
CA LEU B 510 -18.24 -33.96 28.91
C LEU B 510 -19.03 -34.14 27.63
N ASP B 511 -18.78 -33.27 26.67
CA ASP B 511 -19.49 -33.19 25.38
C ASP B 511 -18.48 -33.59 24.30
N ILE B 512 -18.53 -34.83 23.84
CA ILE B 512 -17.55 -35.31 22.87
C ILE B 512 -18.29 -35.93 21.69
N SER B 513 -17.92 -35.54 20.46
CA SER B 513 -18.61 -36.02 19.27
C SER B 513 -17.60 -36.31 18.17
N ILE B 514 -18.11 -36.92 17.09
CA ILE B 514 -17.32 -37.34 15.93
C ILE B 514 -18.06 -36.94 14.64
N MET B 515 -17.41 -36.14 13.78
CA MET B 515 -18.04 -35.59 12.58
C MET B 515 -17.05 -35.53 11.42
N GLY B 516 -17.61 -35.44 10.20
CA GLY B 516 -16.80 -35.10 9.04
C GLY B 516 -16.32 -33.67 9.12
N TYR B 517 -15.33 -33.35 8.26
CA TYR B 517 -14.58 -32.10 8.39
C TYR B 517 -15.48 -30.87 8.14
N ASN B 518 -16.35 -30.92 7.13
CA ASN B 518 -17.19 -29.77 6.82
C ASN B 518 -18.12 -29.44 7.97
N GLU B 519 -18.81 -30.47 8.50
CA GLU B 519 -19.70 -30.28 9.63
C GLU B 519 -18.92 -29.84 10.88
N ALA B 520 -17.71 -30.37 11.07
CA ALA B 520 -16.95 -30.02 12.28
C ALA B 520 -16.54 -28.55 12.26
N ILE B 521 -16.02 -28.07 11.14
CA ILE B 521 -15.60 -26.68 11.10
C ILE B 521 -16.83 -25.77 11.10
N ARG B 522 -17.96 -26.25 10.58
CA ARG B 522 -19.19 -25.47 10.56
C ARG B 522 -19.72 -25.24 11.99
N VAL B 523 -19.81 -26.32 12.80
CA VAL B 523 -20.29 -26.18 14.18
C VAL B 523 -19.37 -25.24 14.96
N SER B 524 -18.05 -25.35 14.76
CA SER B 524 -17.08 -24.50 15.44
C SER B 524 -17.27 -23.02 15.09
N MET B 525 -17.44 -22.71 13.79
CA MET B 525 -17.62 -21.31 13.39
C MET B 525 -18.93 -20.77 13.93
N GLU B 526 -19.99 -21.60 13.92
CA GLU B 526 -21.27 -21.16 14.48
C GLU B 526 -21.12 -20.85 15.96
N ARG B 527 -20.33 -21.67 16.69
CA ARG B 527 -20.00 -21.37 18.07
C ARG B 527 -19.07 -20.15 18.18
N LEU B 528 -18.09 -20.06 17.29
CA LEU B 528 -17.14 -18.95 17.29
C LEU B 528 -17.86 -17.59 17.32
N ILE B 529 -18.75 -17.33 16.36
CA ILE B 529 -19.36 -15.99 16.30
C ILE B 529 -20.34 -15.73 17.44
N ARG B 530 -20.73 -16.74 18.21
CA ARG B 530 -21.55 -16.55 19.40
C ARG B 530 -20.71 -16.50 20.68
N GLY B 531 -19.39 -16.27 20.56
CA GLY B 531 -18.52 -16.10 21.72
C GLY B 531 -18.15 -17.36 22.47
N LYS B 532 -18.38 -18.54 21.89
CA LYS B 532 -18.16 -19.83 22.51
C LYS B 532 -16.92 -20.52 21.95
N ASP B 533 -16.46 -21.54 22.67
CA ASP B 533 -15.25 -22.27 22.33
C ASP B 533 -15.59 -23.69 21.92
N THR B 534 -14.74 -24.24 21.07
CA THR B 534 -14.81 -25.64 20.65
C THR B 534 -13.38 -26.14 20.51
N ILE B 535 -13.12 -27.37 20.92
CA ILE B 535 -11.80 -27.96 20.71
C ILE B 535 -11.86 -28.77 19.43
N SER B 536 -10.85 -28.64 18.59
CA SER B 536 -10.71 -29.46 17.39
C SER B 536 -9.71 -30.58 17.65
N VAL B 537 -10.12 -31.82 17.45
CA VAL B 537 -9.26 -32.99 17.65
C VAL B 537 -9.03 -33.61 16.28
N THR B 538 -7.81 -33.49 15.77
CA THR B 538 -7.55 -33.71 14.35
C THR B 538 -6.24 -34.47 14.16
N GLY B 539 -6.06 -34.99 12.95
CA GLY B 539 -4.82 -35.55 12.51
C GLY B 539 -3.71 -34.51 12.27
N ASN B 540 -2.60 -34.99 11.70
CA ASN B 540 -1.36 -34.24 11.65
C ASN B 540 -1.47 -33.03 10.73
N VAL B 541 -1.96 -33.24 9.50
CA VAL B 541 -2.02 -32.14 8.54
C VAL B 541 -3.00 -31.07 8.99
N LEU B 542 -4.19 -31.47 9.47
CA LEU B 542 -5.14 -30.46 9.94
C LEU B 542 -4.64 -29.71 11.17
N ARG B 543 -3.88 -30.38 12.06
CA ARG B 543 -3.26 -29.68 13.17
C ARG B 543 -2.44 -28.50 12.69
N ASP B 544 -1.61 -28.74 11.66
CA ASP B 544 -0.87 -27.67 11.02
C ASP B 544 -1.81 -26.62 10.43
N TYR B 545 -2.72 -27.04 9.53
CA TYR B 545 -3.58 -26.09 8.83
C TYR B 545 -4.48 -25.30 9.79
N LEU B 546 -5.08 -25.97 10.79
CA LEU B 546 -6.05 -25.27 11.64
C LEU B 546 -5.37 -24.36 12.66
N THR B 547 -4.14 -24.65 13.05
CA THR B 547 -3.45 -23.79 14.01
C THR B 547 -2.79 -22.62 13.33
N ASP B 548 -2.84 -22.56 12.00
CA ASP B 548 -2.59 -21.33 11.28
C ASP B 548 -3.86 -20.51 11.12
N LEU B 549 -4.96 -21.17 10.74
CA LEU B 549 -6.16 -20.50 10.26
C LEU B 549 -6.88 -19.73 11.37
N PHE B 550 -7.29 -20.41 12.43
CA PHE B 550 -8.06 -19.70 13.46
C PHE B 550 -7.20 -18.71 14.25
N PRO B 551 -5.93 -19.01 14.58
CA PRO B 551 -5.16 -17.98 15.29
C PRO B 551 -5.01 -16.71 14.49
N ILE B 552 -4.95 -16.79 13.16
CA ILE B 552 -4.85 -15.58 12.36
C ILE B 552 -6.14 -14.76 12.44
N MET B 553 -7.31 -15.42 12.34
CA MET B 553 -8.57 -14.72 12.56
C MET B 553 -8.65 -14.16 13.98
N GLU B 554 -8.25 -14.96 14.98
CA GLU B 554 -8.49 -14.57 16.38
C GLU B 554 -7.52 -13.49 16.86
N LEU B 555 -6.25 -13.55 16.43
CA LEU B 555 -5.18 -12.71 16.98
C LEU B 555 -4.39 -11.90 15.96
N GLY B 556 -4.57 -12.13 14.65
CA GLY B 556 -3.70 -11.49 13.69
C GLY B 556 -2.44 -12.26 13.33
N THR B 557 -1.97 -13.18 14.18
CA THR B 557 -0.76 -13.90 13.84
C THR B 557 -0.73 -15.32 14.40
N SER B 558 -0.19 -16.24 13.59
CA SER B 558 0.23 -17.56 14.07
C SER B 558 1.21 -17.48 15.24
N ALA B 559 2.08 -16.46 15.25
CA ALA B 559 3.30 -16.44 16.08
C ALA B 559 3.08 -16.36 17.59
N LYS B 560 1.90 -16.00 18.06
CA LYS B 560 1.72 -15.79 19.50
C LYS B 560 0.93 -16.91 20.17
N MET B 561 1.32 -18.17 20.00
CA MET B 561 0.57 -19.27 20.58
C MET B 561 1.39 -20.10 21.57
N LEU B 562 0.65 -20.77 22.46
CA LEU B 562 1.17 -21.91 23.21
C LEU B 562 1.20 -23.13 22.29
N SER B 563 2.24 -23.93 22.43
CA SER B 563 2.50 -25.04 21.54
C SER B 563 3.10 -26.16 22.38
N ILE B 564 2.22 -26.84 23.13
CA ILE B 564 2.62 -27.76 24.18
C ILE B 564 2.69 -29.19 23.65
N VAL B 565 3.77 -29.89 23.96
CA VAL B 565 3.94 -31.28 23.52
C VAL B 565 4.09 -32.18 24.74
N PRO B 566 2.99 -32.72 25.29
CA PRO B 566 3.13 -33.74 26.34
C PRO B 566 3.72 -35.01 25.78
N LEU B 567 5.00 -35.26 26.04
CA LEU B 567 5.66 -36.48 25.56
C LEU B 567 4.99 -37.73 26.13
N MET B 568 5.05 -38.82 25.35
CA MET B 568 4.34 -40.05 25.71
C MET B 568 4.99 -40.77 26.88
N ALA B 569 6.27 -40.51 27.14
CA ALA B 569 6.94 -41.10 28.30
C ALA B 569 6.55 -40.47 29.63
N GLY B 570 5.96 -39.26 29.60
CA GLY B 570 5.65 -38.52 30.82
C GLY B 570 6.24 -37.13 30.89
N GLY B 571 7.06 -36.68 29.93
CA GLY B 571 7.66 -35.36 29.94
C GLY B 571 6.95 -34.33 29.05
N GLY B 572 7.63 -33.20 28.85
CA GLY B 572 7.12 -32.10 28.04
C GLY B 572 8.21 -31.43 27.22
N MET B 573 7.82 -30.84 26.04
CA MET B 573 8.78 -30.14 25.16
C MET B 573 8.51 -28.66 24.92
N TYR B 574 7.27 -28.18 24.92
CA TYR B 574 6.97 -26.74 24.79
C TYR B 574 7.75 -25.96 23.73
N GLU B 575 7.24 -25.89 22.50
CA GLU B 575 7.87 -25.08 21.46
C GLU B 575 7.38 -23.63 21.57
N THR B 576 8.31 -22.69 21.47
CA THR B 576 7.95 -21.29 21.71
C THR B 576 7.33 -20.65 20.47
N GLY B 577 7.72 -21.10 19.30
CA GLY B 577 7.22 -20.50 18.09
C GLY B 577 6.11 -21.31 17.45
N ALA B 578 4.86 -20.85 17.59
CA ALA B 578 3.77 -21.48 16.86
C ALA B 578 3.72 -20.79 15.51
N GLY B 579 3.52 -21.58 14.46
CA GLY B 579 3.98 -21.12 13.18
C GLY B 579 5.49 -21.09 13.38
N GLY B 580 6.06 -19.88 13.44
CA GLY B 580 7.48 -19.68 13.75
C GLY B 580 8.39 -20.67 13.08
N SER B 581 8.38 -20.66 11.75
CA SER B 581 9.09 -21.69 11.01
C SER B 581 10.58 -21.37 10.92
N ALA B 582 10.91 -20.11 10.67
CA ALA B 582 12.28 -19.70 10.44
C ALA B 582 12.79 -18.85 11.59
N PRO B 583 14.08 -18.95 11.91
CA PRO B 583 14.65 -18.08 12.93
C PRO B 583 14.50 -16.60 12.61
N LYS B 584 14.42 -16.24 11.31
CA LYS B 584 14.25 -14.90 10.73
C LYS B 584 15.57 -14.16 10.50
N HIS B 585 16.73 -14.66 10.94
CA HIS B 585 17.97 -13.96 10.63
C HIS B 585 18.15 -13.76 9.15
N VAL B 586 17.38 -14.49 8.36
CA VAL B 586 17.34 -14.24 6.93
C VAL B 586 16.75 -12.86 6.66
N GLN B 587 15.62 -12.54 7.31
CA GLN B 587 15.10 -11.18 7.32
C GLN B 587 16.00 -10.27 8.15
N GLN B 588 16.07 -8.99 7.76
CA GLN B 588 16.79 -7.93 8.48
C GLN B 588 18.11 -8.39 9.12
N LEU B 589 18.33 -7.99 10.38
CA LEU B 589 19.54 -8.26 11.15
C LEU B 589 20.85 -7.96 10.40
N ARG B 596 15.83 -7.58 17.27
CA ARG B 596 14.49 -7.07 16.95
C ARG B 596 13.43 -8.18 17.06
N TRP B 597 13.89 -9.40 17.27
CA TRP B 597 12.97 -10.53 17.44
C TRP B 597 12.17 -10.40 18.73
N ASP B 598 10.90 -10.81 18.65
CA ASP B 598 9.98 -10.82 19.80
C ASP B 598 10.09 -12.16 20.52
N SER B 599 10.50 -12.12 21.79
CA SER B 599 10.65 -13.33 22.59
C SER B 599 9.36 -13.69 23.32
N LEU B 600 8.23 -13.11 22.90
CA LEU B 600 6.97 -13.38 23.58
C LEU B 600 6.67 -14.87 23.61
N GLY B 601 6.94 -15.58 22.51
CA GLY B 601 6.75 -17.02 22.50
C GLY B 601 7.58 -17.72 23.56
N GLU B 602 8.78 -17.20 23.83
CA GLU B 602 9.64 -17.75 24.88
C GLU B 602 9.04 -17.57 26.26
N PHE B 603 8.63 -16.34 26.61
CA PHE B 603 8.06 -16.08 27.93
C PHE B 603 6.86 -17.00 28.20
N LEU B 604 5.97 -17.11 27.21
CA LEU B 604 4.76 -17.91 27.37
C LEU B 604 5.11 -19.37 27.59
N ALA B 605 6.03 -19.91 26.78
CA ALA B 605 6.46 -21.30 26.93
C ALA B 605 7.11 -21.52 28.29
N LEU B 606 7.99 -20.61 28.71
CA LEU B 606 8.69 -20.74 29.97
C LEU B 606 7.72 -20.77 31.16
N ALA B 607 6.74 -19.87 31.17
CA ALA B 607 5.78 -19.85 32.27
C ALA B 607 5.04 -21.18 32.39
N VAL B 608 4.79 -21.84 31.26
CA VAL B 608 4.09 -23.11 31.28
C VAL B 608 5.00 -24.26 31.68
N SER B 609 6.28 -24.22 31.27
CA SER B 609 7.22 -25.28 31.65
C SER B 609 7.40 -25.37 33.16
N LEU B 610 7.34 -24.22 33.86
CA LEU B 610 7.55 -24.21 35.31
C LEU B 610 6.32 -24.73 36.06
N GLU B 611 5.11 -24.39 35.59
CA GLU B 611 3.89 -24.91 36.22
C GLU B 611 3.79 -26.42 36.09
N GLU B 612 4.28 -26.99 34.98
CA GLU B 612 4.24 -28.43 34.80
C GLU B 612 5.23 -29.14 35.72
N THR B 613 6.43 -28.59 35.88
CA THR B 613 7.34 -29.12 36.90
C THR B 613 6.64 -29.13 38.25
N GLY B 614 6.07 -28.00 38.64
CA GLY B 614 5.20 -27.89 39.80
C GLY B 614 4.14 -28.96 39.98
N ILE B 615 3.42 -29.32 38.92
CA ILE B 615 2.30 -30.24 39.06
C ILE B 615 2.79 -31.67 39.34
N LYS B 616 3.65 -32.21 38.46
CA LYS B 616 4.08 -33.60 38.60
C LYS B 616 5.08 -33.77 39.73
N THR B 617 5.93 -32.78 39.97
CA THR B 617 6.90 -32.77 41.05
C THR B 617 6.33 -31.84 42.11
N GLY B 618 6.06 -32.37 43.32
CA GLY B 618 5.38 -31.66 44.40
C GLY B 618 6.05 -30.34 44.78
N ASN B 619 6.45 -29.60 43.77
CA ASN B 619 7.30 -28.42 43.95
C ASN B 619 6.47 -27.15 43.98
N ALA B 620 6.08 -26.73 45.19
CA ALA B 620 5.21 -25.56 45.37
C ALA B 620 5.85 -24.26 44.88
N LYS B 621 7.17 -24.08 45.10
CA LYS B 621 7.93 -22.90 44.76
C LYS B 621 7.78 -22.60 43.26
N ALA B 622 8.03 -23.62 42.43
CA ALA B 622 8.06 -23.50 40.98
C ALA B 622 6.71 -23.07 40.43
N LYS B 623 5.61 -23.50 41.07
CA LYS B 623 4.29 -23.05 40.66
C LYS B 623 4.12 -21.56 40.85
N LEU B 624 4.73 -20.96 41.87
CA LEU B 624 4.62 -19.52 42.07
C LEU B 624 5.49 -18.74 41.10
N LEU B 625 6.63 -19.29 40.68
CA LEU B 625 7.39 -18.70 39.58
C LEU B 625 6.56 -18.62 38.31
N GLY B 626 5.71 -19.63 38.09
CA GLY B 626 4.89 -19.68 36.88
C GLY B 626 3.81 -18.61 36.84
N LYS B 627 3.08 -18.44 37.96
CA LYS B 627 2.01 -17.46 37.97
C LYS B 627 2.54 -16.04 38.14
N ALA B 628 3.75 -15.87 38.70
CA ALA B 628 4.43 -14.58 38.68
C ALA B 628 4.88 -14.18 37.28
N LEU B 629 5.24 -15.17 36.44
CA LEU B 629 5.65 -14.86 35.07
C LEU B 629 4.45 -14.50 34.20
N ASP B 630 3.30 -15.16 34.42
CA ASP B 630 2.08 -14.81 33.70
C ASP B 630 1.74 -13.34 33.87
N GLU B 631 1.69 -12.89 35.14
CA GLU B 631 1.49 -11.47 35.42
C GLU B 631 2.55 -10.59 34.77
N ALA B 632 3.82 -11.04 34.78
CA ALA B 632 4.90 -10.28 34.17
C ALA B 632 4.64 -10.05 32.68
N THR B 633 4.30 -11.11 31.94
CA THR B 633 4.00 -10.94 30.51
C THR B 633 2.70 -10.18 30.32
N GLY B 634 1.74 -10.37 31.22
CA GLY B 634 0.50 -9.61 31.12
C GLY B 634 0.73 -8.11 31.04
N LYS B 635 1.50 -7.55 31.99
CA LYS B 635 1.72 -6.12 31.96
C LYS B 635 2.79 -5.70 30.96
N LEU B 636 3.58 -6.63 30.45
CA LEU B 636 4.45 -6.30 29.33
C LEU B 636 3.62 -5.96 28.10
N LEU B 637 2.57 -6.74 27.85
CA LEU B 637 1.64 -6.39 26.80
C LEU B 637 0.89 -5.10 27.16
N ASP B 638 0.32 -5.06 28.37
CA ASP B 638 -0.44 -3.90 28.82
C ASP B 638 0.33 -2.59 28.69
N ASN B 639 1.62 -2.60 29.01
CA ASN B 639 2.44 -1.40 28.92
C ASN B 639 3.30 -1.37 27.65
N ASN B 640 3.00 -2.23 26.68
CA ASN B 640 3.64 -2.22 25.37
C ASN B 640 5.17 -2.22 25.49
N LYS B 641 5.71 -3.10 26.32
CA LYS B 641 7.15 -3.18 26.50
C LYS B 641 7.82 -4.24 25.63
N SER B 642 7.09 -4.82 24.69
CA SER B 642 7.67 -5.62 23.63
C SER B 642 8.10 -4.69 22.50
N PRO B 643 8.91 -5.16 21.56
CA PRO B 643 9.06 -4.38 20.32
C PRO B 643 7.67 -4.28 19.68
N SER B 644 7.15 -3.05 19.57
CA SER B 644 5.78 -2.79 19.13
C SER B 644 5.65 -2.86 17.61
N ARG B 645 5.82 -1.78 16.86
CA ARG B 645 5.74 -1.93 15.41
C ARG B 645 7.11 -1.62 14.85
N LYS B 646 7.87 -2.73 14.72
CA LYS B 646 9.29 -2.86 14.33
C LYS B 646 10.22 -2.01 15.20
N VAL B 647 9.81 -1.87 16.47
CA VAL B 647 10.42 -0.94 17.42
C VAL B 647 11.64 -1.61 18.03
N GLY B 648 12.81 -1.02 17.79
CA GLY B 648 14.04 -1.49 18.37
C GLY B 648 14.79 -2.49 17.52
N ASP B 649 16.01 -2.77 17.97
CA ASP B 649 16.92 -3.69 17.29
C ASP B 649 17.44 -4.71 18.30
N ILE B 650 18.31 -4.27 19.22
CA ILE B 650 18.65 -5.09 20.38
C ILE B 650 17.64 -4.74 21.47
N ASP B 651 16.46 -4.22 21.07
CA ASP B 651 15.40 -3.95 22.02
C ASP B 651 14.84 -5.23 22.59
N ASN B 652 15.07 -6.35 21.90
CA ASN B 652 14.84 -7.68 22.46
C ASN B 652 15.41 -7.73 23.87
N ARG B 653 16.64 -7.20 24.03
CA ARG B 653 17.27 -7.10 25.35
C ARG B 653 16.46 -6.18 26.27
N GLY B 654 16.07 -5.00 25.76
CA GLY B 654 15.25 -4.09 26.56
C GLY B 654 13.94 -4.71 27.03
N SER B 655 13.35 -5.58 26.20
CA SER B 655 12.14 -6.30 26.62
C SER B 655 12.45 -7.27 27.75
N HIS B 656 13.63 -7.90 27.69
CA HIS B 656 14.05 -8.82 28.74
C HIS B 656 14.19 -8.10 30.09
N PHE B 657 14.76 -6.88 30.10
CA PHE B 657 14.76 -6.11 31.34
C PHE B 657 13.35 -5.93 31.87
N TYR B 658 12.46 -5.44 31.02
CA TYR B 658 11.09 -5.18 31.47
C TYR B 658 10.46 -6.44 32.00
N LEU B 659 10.66 -7.56 31.30
CA LEU B 659 10.12 -8.83 31.78
C LEU B 659 10.74 -9.22 33.12
N ALA B 660 12.06 -9.10 33.25
CA ALA B 660 12.71 -9.43 34.52
C ALA B 660 12.25 -8.52 35.65
N MET B 661 12.12 -7.22 35.38
CA MET B 661 11.66 -6.28 36.40
C MET B 661 10.21 -6.56 36.78
N TYR B 662 9.39 -6.91 35.77
CA TYR B 662 8.00 -7.25 36.03
C TYR B 662 7.88 -8.56 36.80
N TRP B 663 8.74 -9.53 36.46
CA TRP B 663 8.75 -10.82 37.13
C TRP B 663 9.30 -10.74 38.55
N ALA B 664 10.36 -9.95 38.75
CA ALA B 664 10.85 -9.69 40.09
C ALA B 664 9.78 -9.04 40.96
N GLN B 665 9.02 -8.08 40.40
CA GLN B 665 8.04 -7.33 41.18
C GLN B 665 6.93 -8.20 41.72
N ALA B 666 6.37 -9.09 40.89
CA ALA B 666 5.24 -9.91 41.31
C ALA B 666 5.59 -10.90 42.43
N LEU B 667 6.87 -11.28 42.58
CA LEU B 667 7.33 -12.15 43.65
C LEU B 667 7.65 -11.39 44.93
N ALA B 668 8.22 -10.19 44.82
CA ALA B 668 8.39 -9.33 45.98
C ALA B 668 7.05 -8.86 46.56
N ALA B 669 5.98 -8.87 45.76
CA ALA B 669 4.66 -8.38 46.14
C ALA B 669 3.81 -9.43 46.85
N GLN B 670 3.72 -10.63 46.29
CA GLN B 670 2.89 -11.69 46.86
C GLN B 670 3.30 -12.01 48.30
N ASN B 671 2.32 -12.48 49.07
CA ASN B 671 2.54 -12.87 50.46
C ASN B 671 2.30 -14.36 50.72
N GLU B 672 2.05 -15.12 49.66
CA GLU B 672 1.67 -16.53 49.78
C GLU B 672 2.84 -17.41 50.22
N ASP B 673 4.08 -17.03 49.91
CA ASP B 673 5.28 -17.75 50.36
C ASP B 673 6.29 -16.70 50.79
N ALA B 674 6.68 -16.73 52.07
CA ALA B 674 7.45 -15.63 52.65
C ALA B 674 8.94 -15.69 52.29
N GLU B 675 9.52 -16.88 52.17
CA GLU B 675 10.96 -16.96 51.88
C GLU B 675 11.28 -16.49 50.46
N LEU B 676 10.44 -16.88 49.50
CA LEU B 676 10.66 -16.41 48.14
C LEU B 676 10.28 -14.94 47.97
N LYS B 677 9.32 -14.45 48.76
CA LYS B 677 9.10 -13.00 48.86
C LYS B 677 10.37 -12.28 49.29
N ALA B 678 11.02 -12.83 50.34
CA ALA B 678 12.28 -12.26 50.82
C ALA B 678 13.45 -12.56 49.89
N HIS B 679 13.39 -13.68 49.16
CA HIS B 679 14.45 -13.99 48.22
C HIS B 679 14.50 -12.98 47.07
N PHE B 680 13.33 -12.52 46.62
CA PHE B 680 13.23 -11.68 45.44
C PHE B 680 13.04 -10.20 45.74
N ALA B 681 12.85 -9.83 47.00
CA ALA B 681 12.90 -8.41 47.37
C ALA B 681 14.24 -7.75 47.08
N PRO B 682 15.41 -8.41 47.24
CA PRO B 682 16.67 -7.73 46.88
C PRO B 682 16.79 -7.40 45.41
N LEU B 683 16.33 -8.28 44.52
CA LEU B 683 16.41 -7.99 43.09
C LEU B 683 15.30 -7.03 42.65
N ALA B 684 14.07 -7.23 43.14
CA ALA B 684 12.93 -6.39 42.78
C ALA B 684 13.24 -4.91 42.92
N LYS B 685 13.55 -4.46 44.14
CA LYS B 685 13.77 -3.04 44.37
C LYS B 685 15.06 -2.55 43.72
N ALA B 686 16.02 -3.46 43.46
CA ALA B 686 17.22 -3.07 42.71
C ALA B 686 16.88 -2.65 41.29
N LEU B 687 16.05 -3.44 40.61
CA LEU B 687 15.74 -3.19 39.20
C LEU B 687 14.74 -2.03 39.02
N THR B 688 13.76 -1.89 39.92
CA THR B 688 12.85 -0.74 39.84
C THR B 688 13.63 0.56 39.81
N GLU B 689 14.40 0.84 40.86
CA GLU B 689 15.15 2.08 40.96
C GLU B 689 16.06 2.29 39.76
N GLN B 690 16.73 1.23 39.31
CA GLN B 690 17.78 1.33 38.32
C GLN B 690 17.30 1.23 36.87
N GLU B 691 16.00 1.43 36.62
CA GLU B 691 15.48 1.21 35.27
C GLU B 691 16.04 2.23 34.28
N ALA B 692 16.11 3.51 34.67
CA ALA B 692 16.45 4.57 33.73
C ALA B 692 17.92 4.53 33.29
N THR B 693 18.83 4.06 34.14
CA THR B 693 20.26 4.16 33.85
C THR B 693 20.60 3.28 32.66
N ILE B 694 21.69 3.65 31.97
CA ILE B 694 22.25 2.91 30.84
C ILE B 694 21.37 3.10 29.60
N VAL B 695 20.87 4.32 29.41
CA VAL B 695 19.97 4.59 28.28
C VAL B 695 18.80 3.61 28.41
N ALA B 696 18.07 3.69 29.53
CA ALA B 696 16.92 2.83 29.83
C ALA B 696 17.32 1.37 30.04
N GLU B 697 18.45 1.15 30.73
CA GLU B 697 19.09 -0.11 31.18
C GLU B 697 19.52 -1.06 30.06
N LEU B 698 19.40 -0.66 28.80
CA LEU B 698 20.13 -1.28 27.70
C LEU B 698 20.65 -0.11 26.90
N ASN B 699 21.96 -0.06 26.66
CA ASN B 699 22.58 1.19 26.20
C ASN B 699 21.95 1.74 24.92
N ALA B 700 21.06 1.00 24.28
CA ALA B 700 20.40 1.43 23.04
C ALA B 700 21.42 1.65 21.94
N VAL B 701 22.70 1.46 22.25
CA VAL B 701 23.78 1.72 21.30
C VAL B 701 23.80 0.56 20.32
N GLN B 702 24.59 0.69 19.27
CA GLN B 702 24.42 -0.14 18.08
C GLN B 702 24.65 -1.63 18.38
N GLY B 703 23.77 -2.47 17.87
CA GLY B 703 23.89 -3.90 18.07
C GLY B 703 23.92 -4.64 16.75
N LYS B 704 22.80 -4.74 16.05
CA LYS B 704 22.81 -5.46 14.78
C LYS B 704 23.41 -4.66 13.62
N PRO B 705 23.27 -3.32 13.54
CA PRO B 705 23.93 -2.61 12.45
C PRO B 705 25.45 -2.53 12.57
N ALA B 706 25.99 -2.35 13.78
CA ALA B 706 27.42 -2.10 13.95
C ALA B 706 28.22 -3.16 14.71
N GLU B 707 27.61 -4.10 15.42
CA GLU B 707 28.40 -5.06 16.18
C GLU B 707 28.84 -6.21 15.28
N ILE B 708 30.11 -6.60 15.42
CA ILE B 708 30.68 -7.76 14.73
C ILE B 708 30.36 -9.04 15.50
N GLY B 709 29.97 -10.07 14.76
CA GLY B 709 29.45 -11.31 15.32
C GLY B 709 29.38 -12.39 14.27
N GLY B 710 30.32 -13.35 14.31
CA GLY B 710 30.43 -14.38 13.29
C GLY B 710 29.13 -15.08 12.98
N TYR B 711 29.06 -15.79 11.86
CA TYR B 711 27.82 -16.41 11.41
C TYR B 711 27.95 -17.92 11.37
N TYR B 712 26.81 -18.58 11.63
CA TYR B 712 26.58 -20.03 11.63
C TYR B 712 27.28 -20.83 12.72
N ARG B 713 28.46 -20.42 13.19
CA ARG B 713 29.01 -21.08 14.39
C ARG B 713 29.90 -20.13 15.18
N SER B 714 29.30 -19.15 15.87
CA SER B 714 30.05 -18.25 16.73
C SER B 714 29.57 -18.44 18.17
N ASN B 715 30.48 -18.90 19.02
CA ASN B 715 30.37 -19.09 20.47
C ASN B 715 31.37 -18.42 21.40
N PRO B 716 32.26 -17.52 20.93
CA PRO B 716 33.25 -16.99 21.88
C PRO B 716 32.63 -16.07 22.93
N GLU B 717 33.52 -15.52 23.76
CA GLU B 717 33.19 -14.43 24.68
C GLU B 717 32.62 -13.23 23.92
N LEU B 718 33.20 -12.90 22.76
CA LEU B 718 32.76 -11.74 21.97
C LEU B 718 31.26 -11.80 21.68
N THR B 719 30.73 -12.97 21.31
CA THR B 719 29.31 -13.08 21.01
C THR B 719 28.46 -12.71 22.22
N SER B 720 28.90 -13.13 23.40
CA SER B 720 28.11 -12.93 24.62
C SER B 720 28.18 -11.49 25.15
N LYS B 721 29.30 -10.79 24.96
CA LYS B 721 29.41 -9.41 25.43
C LYS B 721 28.57 -8.46 24.56
N VAL B 722 28.49 -8.71 23.26
CA VAL B 722 27.59 -7.95 22.38
C VAL B 722 26.15 -8.04 22.89
N MET B 723 25.77 -9.16 23.50
CA MET B 723 24.42 -9.39 24.01
C MET B 723 24.30 -9.17 25.51
N ARG B 724 25.44 -9.05 26.22
CA ARG B 724 25.46 -8.80 27.66
C ARG B 724 26.02 -7.42 28.04
N PRO B 725 25.48 -6.32 27.50
CA PRO B 725 25.56 -5.05 28.24
C PRO B 725 24.75 -5.12 29.50
N SER B 726 24.15 -6.29 29.73
CA SER B 726 23.56 -6.61 31.02
C SER B 726 24.65 -6.75 32.06
N ALA B 727 25.80 -7.33 31.68
CA ALA B 727 26.99 -7.32 32.53
C ALA B 727 27.32 -5.93 33.08
N THR B 728 26.85 -4.85 32.42
CA THR B 728 27.10 -3.49 32.91
C THR B 728 26.41 -3.21 34.25
N PHE B 729 25.08 -3.26 34.29
CA PHE B 729 24.28 -2.96 35.49
C PHE B 729 23.23 -4.03 35.73
N ASN B 730 22.60 -4.52 34.66
CA ASN B 730 21.62 -5.59 34.80
C ASN B 730 22.28 -6.83 35.40
N ALA B 731 23.43 -7.22 34.85
CA ALA B 731 24.06 -8.46 35.32
C ALA B 731 24.83 -8.31 36.61
N ALA B 732 25.16 -7.10 37.03
CA ALA B 732 25.55 -6.92 38.43
C ALA B 732 24.43 -7.41 39.34
N ILE B 733 23.20 -7.08 39.01
CA ILE B 733 22.04 -7.56 39.77
C ILE B 733 21.65 -8.97 39.33
N ASP B 734 21.80 -9.22 38.03
CA ASP B 734 21.40 -10.47 37.39
C ASP B 734 22.13 -11.66 38.02
N SER B 735 23.45 -11.50 38.21
CA SER B 735 24.37 -12.52 38.68
C SER B 735 24.49 -12.56 40.20
N LEU B 736 23.48 -12.07 40.92
CA LEU B 736 23.52 -12.05 42.38
C LEU B 736 22.64 -13.15 42.97
#